data_7ZJS
#
_entry.id   7ZJS
#
_cell.length_a   78.808
_cell.length_b   181.098
_cell.length_c   111.374
_cell.angle_alpha   90.000
_cell.angle_beta   94.254
_cell.angle_gamma   90.000
#
_symmetry.space_group_name_H-M   'P 1 21 1'
#
loop_
_entity.id
_entity.type
_entity.pdbx_description
1 polymer 'Cohesin subunit SA-2'
2 polymer 'Double-strand-break repair protein rad21 homolog'
3 polymer 'Shugoshin 1'
4 water water
#
loop_
_entity_poly.entity_id
_entity_poly.type
_entity_poly.pdbx_seq_one_letter_code
_entity_poly.pdbx_strand_id
1 'polypeptide(L)'
;MIAAPEIPTDFNLLQESETHFSSDTDFEDIEGKNQKQGKGKTCKKGKKGPAEKGKGGNGGGKPPSGPNRMNGHHQQNGVE
NMMLFEVVKMGKSAMQSVVDDWIESYKHDRDIALLDLINFFIQCSGCKGVVTAEMFRHMQNSEIIRKMTEEFDEDSGDYP
LTMAGPQWKKFKSSFCEFIGVLVRQCQYSIIYDEYMMDTVISLLTGLSDSQVRAFRHTSTLAAMKLMTALVNVALNLSIN
MDNTQRQYEAERNKMIGKRANERLELLLQKRKELQENQDEIENMMNAIFKGVFVHRYRDAIAEIRAICIEEIGIWMKMYS
DAFLNDSYLKYVGWTMHDKQGEVRLKCLTALQGLYYNKELNSKLELFTSRFKDRIVSMTLDKEYDVAVQAIKLLTLVLQS
SEEVLTAEDCENVYHLVYSAHRPVAVAAGEFLYKKLFSRRDPEEDGMMKRRGRQGPNANLVKTLVFFFLESELHEHAAYL
VDSMWDCATELLKDWECMNSLLLEEPLSGEEALTDRQESALIEIMLCTIRQAAECHPPVGRGTGRKVLTAKEKKTQLDDR
TKITELFAVALPQLLAKYSVDAEKVTNLLQLPQYFDLEIYTTGRLEKHLDALLRQIRNIVEKHTDTDVLEACSKTYHALC
NEEFTIFNRVDISRSQLIDELADKFNRLLEDFLQEGEEPDEDDAYQVLSTLKRITAFHNAHDLSKWDLFACNYKLLKTGI
ENGDMPEQIVIHALQCTHYVILWQLAKITESSSTKEDLLRLKKQMRVFCQICQHYLTNVNTTVKEQAFTILCDILMIFSH
QIMSGGRDMLEPLVYTPDSSLQSELLSFILDHVFIEQDDDNNSADGQQEDEASKIEALHKRRNLLAAFCKLIVYTVVEMN
TAADIFKQYMKYYNDYGDIIKETMSKTRQIDKIQCAKTLILSLQQLFNEMIQENGYNFDRSSSTFSGIKELARRFALTFG
LDQLKTREAIAMLHKDGIEFAFKEPNPQGESHPPLNLAFLDILSEFSSKLLRQDKRTVYVYLEKFMTFQMSLRREDVWLP
LMSYRNSLLAGGDDDTMSVISGISSRGSTVRSKKSKPSTGKRKVVEGMQLSLTEESSSSDSMWLSREQTLHTPVMMQTPQ
LTSTIMREPKRLRPEDSFMSVYPMQTEHHQTPLDYNRRGTSLMEDDEEPIVEDVMMSSEGRIEDLNEGMDFDTMDIDLPP
SKNRRERTELKPDFFDPASIMDESVLGVSMF
;
A,C
2 'polypeptide(L)'
;MFYAHFVLSKRGPLAKIWLAAHWDKKLTKAHVFECNLESSVESIISPKVKMALRTSGHLLLGVVRIYHRKAKYLLADCNE
AFIKIKMAFRPGVVDLPEENREAAYNAITLPEEFHDFDQPLPDLDDIDVAQQFSLNQSRVEEITMREEVGNISILQENDF
GDFGMDDREIMREGSAFEDDDMLVSTTTSNLLLESEQSTSNLNEKINHLEYEDQYKDDNFGEGNDGGILDDKLISNNDGG
IFDDPPALSEAGVMLPEQPAHDDMDEDDNVSMGGPDSPDSVDPVEPMPTMTDQTTLVPNEEEAFALEPIDITVKETKAKR
KRKLIVDSVKELDSKTIRAQLSDYSDIVTTLDLAPPTKKLMMWKETGGVEKLFSLPAQPLWNNRLLKLFTRCLTPLVPED
LRKRRKGGEADNLDEFLKEFENPEVPREDQQQQHQQRDVIDEPIIEEPSRLQESVMEASRTNIDESAMPPPPPQGVKRKA
GQIDPEPVMPPQQVEQMEIPPVELPPEEPPNICQLIPELELLPEKEKEKEKEKEDDEEEEDEDASGGDQDQEERRWNKRT
QQMLHGLQRALAKTGAESISLLELCRNTNRKQAAAKFYSFLVLKKQQAIELTQEEPYSDIIATPGPRFHII
;
B,D
3 'polypeptide(L)' SNDAYNFNLEE E,F
#
# COMPACT_ATOMS: atom_id res chain seq x y z
N ASN A 81 22.04 75.82 -19.62
CA ASN A 81 21.91 76.43 -18.30
C ASN A 81 21.00 75.59 -17.41
N MET A 82 20.70 76.13 -16.22
CA MET A 82 19.57 75.65 -15.44
C MET A 82 18.30 75.67 -16.27
N MET A 83 18.21 76.61 -17.22
CA MET A 83 16.98 76.83 -17.96
C MET A 83 16.62 75.61 -18.81
N LEU A 84 17.58 75.08 -19.58
CA LEU A 84 17.24 74.01 -20.51
C LEU A 84 16.83 72.74 -19.77
N PHE A 85 17.52 72.41 -18.68
CA PHE A 85 17.09 71.27 -17.88
C PHE A 85 15.75 71.55 -17.20
N GLU A 86 15.57 72.76 -16.66
CA GLU A 86 14.32 73.12 -16.01
C GLU A 86 13.14 73.01 -16.98
N VAL A 87 13.32 73.52 -18.20
CA VAL A 87 12.23 73.53 -19.18
C VAL A 87 11.61 72.15 -19.35
N VAL A 88 12.39 71.10 -19.15
CA VAL A 88 11.95 69.76 -19.51
C VAL A 88 11.22 69.05 -18.39
N LYS A 89 11.47 69.42 -17.13
CA LYS A 89 10.87 68.72 -16.00
C LYS A 89 9.42 69.12 -15.78
N MET A 90 9.08 70.38 -16.06
CA MET A 90 7.75 70.91 -15.87
C MET A 90 7.27 71.62 -17.13
N GLY A 91 7.67 71.12 -18.30
CA GLY A 91 7.39 71.83 -19.53
C GLY A 91 5.94 72.21 -19.68
N LYS A 92 5.03 71.25 -19.53
CA LYS A 92 3.66 71.41 -20.01
C LYS A 92 3.71 71.97 -21.43
N SER A 93 4.68 71.48 -22.20
CA SER A 93 5.06 72.04 -23.48
C SER A 93 5.03 70.95 -24.53
N ALA A 94 4.80 71.35 -25.78
CA ALA A 94 5.11 70.50 -26.92
C ALA A 94 6.62 70.46 -27.07
N MET A 95 7.26 69.35 -26.69
CA MET A 95 8.70 69.27 -26.72
C MET A 95 9.27 69.69 -28.07
N GLN A 96 8.46 69.64 -29.14
CA GLN A 96 8.88 70.21 -30.41
C GLN A 96 9.11 71.71 -30.30
N SER A 97 8.39 72.38 -29.39
CA SER A 97 8.64 73.79 -29.16
C SER A 97 10.04 74.01 -28.62
N VAL A 98 10.48 73.14 -27.71
CA VAL A 98 11.82 73.27 -27.14
C VAL A 98 12.89 72.94 -28.18
N VAL A 99 12.68 71.84 -28.90
CA VAL A 99 13.64 71.41 -29.91
C VAL A 99 13.82 72.51 -30.96
N ASP A 100 12.71 72.99 -31.53
CA ASP A 100 12.79 74.00 -32.58
C ASP A 100 13.44 75.28 -32.06
N ASP A 101 13.16 75.66 -30.81
CA ASP A 101 13.85 76.80 -30.23
C ASP A 101 15.35 76.55 -30.15
N TRP A 102 15.74 75.33 -29.80
CA TRP A 102 17.16 75.01 -29.74
C TRP A 102 17.79 75.02 -31.13
N ILE A 103 17.12 74.44 -32.12
CA ILE A 103 17.70 74.35 -33.45
C ILE A 103 17.96 75.74 -34.01
N GLU A 104 17.07 76.70 -33.71
CA GLU A 104 17.30 78.07 -34.17
C GLU A 104 18.53 78.66 -33.51
N SER A 105 18.71 78.42 -32.22
CA SER A 105 19.93 78.84 -31.53
C SER A 105 21.16 78.20 -32.17
N TYR A 106 21.05 76.92 -32.53
CA TYR A 106 22.17 76.22 -33.16
C TYR A 106 22.57 76.90 -34.46
N LYS A 107 21.59 77.38 -35.23
CA LYS A 107 21.90 78.01 -36.51
C LYS A 107 22.61 79.34 -36.31
N HIS A 108 22.22 80.11 -35.29
CA HIS A 108 22.86 81.38 -35.02
C HIS A 108 24.30 81.19 -34.54
N ASP A 109 24.50 80.26 -33.62
CA ASP A 109 25.83 79.95 -33.09
C ASP A 109 25.84 78.49 -32.69
N ARG A 110 26.64 77.67 -33.39
CA ARG A 110 26.65 76.24 -33.10
C ARG A 110 27.25 75.96 -31.71
N ASP A 111 28.39 76.58 -31.41
CA ASP A 111 29.10 76.24 -30.18
C ASP A 111 28.32 76.67 -28.94
N ILE A 112 27.68 77.83 -28.99
CA ILE A 112 26.84 78.22 -27.86
C ILE A 112 25.72 77.21 -27.65
N ALA A 113 25.11 76.75 -28.74
CA ALA A 113 23.98 75.84 -28.63
C ALA A 113 24.43 74.47 -28.14
N LEU A 114 25.51 73.94 -28.70
CA LEU A 114 26.00 72.64 -28.28
C LEU A 114 26.37 72.65 -26.80
N LEU A 115 27.00 73.74 -26.34
CA LEU A 115 27.34 73.85 -24.93
C LEU A 115 26.09 73.80 -24.06
N ASP A 116 25.02 74.48 -24.48
CA ASP A 116 23.75 74.35 -23.79
C ASP A 116 23.31 72.89 -23.77
N LEU A 117 23.56 72.16 -24.85
CA LEU A 117 23.12 70.79 -24.97
C LEU A 117 23.98 69.84 -24.15
N ILE A 118 25.30 69.99 -24.22
CA ILE A 118 26.19 69.19 -23.38
C ILE A 118 25.77 69.31 -21.92
N ASN A 119 25.72 70.55 -21.43
CA ASN A 119 25.29 70.80 -20.06
C ASN A 119 23.94 70.16 -19.75
N PHE A 120 22.99 70.24 -20.69
CA PHE A 120 21.67 69.63 -20.47
C PHE A 120 21.78 68.16 -20.07
N PHE A 121 22.60 67.39 -20.78
CA PHE A 121 22.78 66.00 -20.41
C PHE A 121 23.46 65.87 -19.05
N ILE A 122 24.35 66.81 -18.72
CA ILE A 122 25.07 66.75 -17.45
C ILE A 122 24.14 67.09 -16.28
N GLN A 123 23.23 68.05 -16.45
CA GLN A 123 22.30 68.30 -15.34
C GLN A 123 21.22 67.23 -15.23
N CYS A 124 20.92 66.53 -16.33
CA CYS A 124 19.96 65.45 -16.25
C CYS A 124 20.48 64.30 -15.41
N SER A 125 21.78 64.29 -15.10
CA SER A 125 22.36 63.35 -14.16
C SER A 125 22.44 63.91 -12.75
N GLY A 126 21.83 65.07 -12.50
CA GLY A 126 21.91 65.69 -11.20
C GLY A 126 23.23 66.35 -10.90
N CYS A 127 23.99 66.70 -11.94
CA CYS A 127 25.41 67.03 -11.74
C CYS A 127 25.61 68.35 -11.04
N LYS A 128 24.85 69.39 -11.41
CA LYS A 128 24.90 70.69 -10.77
C LYS A 128 26.15 71.48 -11.17
N GLY A 129 27.19 70.79 -11.60
CA GLY A 129 28.34 71.46 -12.20
C GLY A 129 28.00 72.05 -13.56
N VAL A 130 28.89 72.89 -14.05
CA VAL A 130 28.69 73.60 -15.31
C VAL A 130 29.91 73.36 -16.20
N VAL A 131 29.68 72.99 -17.45
CA VAL A 131 30.75 73.03 -18.46
C VAL A 131 30.86 74.46 -18.96
N THR A 132 32.08 74.98 -19.00
CA THR A 132 32.32 76.34 -19.47
C THR A 132 32.79 76.32 -20.93
N ALA A 133 32.67 77.47 -21.58
CA ALA A 133 33.21 77.61 -22.93
C ALA A 133 34.65 77.17 -22.99
N GLU A 134 35.46 77.60 -22.01
CA GLU A 134 36.86 77.19 -21.95
C GLU A 134 36.99 75.67 -21.99
N MET A 135 36.20 74.97 -21.16
CA MET A 135 36.22 73.51 -21.17
C MET A 135 35.88 72.97 -22.55
N PHE A 136 34.81 73.51 -23.14
CA PHE A 136 34.36 73.03 -24.45
C PHE A 136 35.49 73.09 -25.47
N ARG A 137 36.31 74.14 -25.41
CA ARG A 137 37.27 74.38 -26.48
C ARG A 137 38.51 73.50 -26.36
N HIS A 138 39.02 73.29 -25.14
CA HIS A 138 40.33 72.69 -24.95
C HIS A 138 40.34 71.35 -24.22
N MET A 139 39.26 70.97 -23.56
CA MET A 139 39.25 69.79 -22.71
C MET A 139 38.67 68.59 -23.46
N GLN A 140 39.33 67.44 -23.33
CA GLN A 140 38.74 66.18 -23.75
C GLN A 140 37.54 65.85 -22.86
N ASN A 141 36.69 64.95 -23.37
CA ASN A 141 35.52 64.53 -22.62
C ASN A 141 35.91 63.87 -21.30
N SER A 142 36.97 63.06 -21.31
CA SER A 142 37.44 62.43 -20.08
C SER A 142 37.71 63.45 -19.00
N GLU A 143 38.41 64.54 -19.36
CA GLU A 143 38.71 65.58 -18.38
C GLU A 143 37.44 66.28 -17.90
N ILE A 144 36.52 66.59 -18.81
CA ILE A 144 35.29 67.26 -18.44
C ILE A 144 34.51 66.43 -17.43
N ILE A 145 34.31 65.14 -17.75
CA ILE A 145 33.55 64.27 -16.86
C ILE A 145 34.17 64.23 -15.48
N ARG A 146 35.51 64.19 -15.41
CA ARG A 146 36.19 64.20 -14.12
C ARG A 146 35.91 65.49 -13.36
N LYS A 147 36.00 66.63 -14.05
CA LYS A 147 35.72 67.92 -13.42
C LYS A 147 34.27 68.01 -12.98
N MET A 148 33.35 67.45 -13.77
CA MET A 148 31.94 67.43 -13.39
C MET A 148 31.71 66.54 -12.16
N THR A 149 32.50 65.46 -12.03
CA THR A 149 32.36 64.59 -10.87
C THR A 149 32.76 65.30 -9.59
N GLU A 150 33.89 66.02 -9.63
CA GLU A 150 34.36 66.76 -8.46
C GLU A 150 33.39 67.87 -8.08
N GLU A 151 32.81 68.53 -9.08
CA GLU A 151 31.92 69.66 -8.87
C GLU A 151 30.45 69.24 -8.80
N PHE A 152 30.19 67.94 -8.73
CA PHE A 152 28.83 67.42 -8.66
C PHE A 152 28.03 68.08 -7.55
N ASP A 153 28.67 68.30 -6.39
CA ASP A 153 28.05 69.04 -5.29
C ASP A 153 26.70 68.44 -4.89
N GLU A 154 26.67 67.10 -4.81
CA GLU A 154 25.44 66.41 -4.49
C GLU A 154 25.09 66.57 -3.01
N ASP A 155 23.79 66.54 -2.71
CA ASP A 155 23.31 66.50 -1.34
C ASP A 155 23.08 65.07 -0.85
N SER A 156 23.01 64.11 -1.75
CA SER A 156 22.67 62.74 -1.40
C SER A 156 23.06 61.83 -2.55
N GLY A 157 22.58 60.59 -2.51
CA GLY A 157 22.90 59.62 -3.53
C GLY A 157 21.93 59.54 -4.67
N ASP A 158 20.83 60.29 -4.58
CA ASP A 158 19.80 60.25 -5.59
C ASP A 158 20.22 61.02 -6.83
N TYR A 159 19.70 60.61 -7.97
CA TYR A 159 19.80 61.34 -9.21
C TYR A 159 18.45 61.27 -9.92
N PRO A 160 18.17 62.20 -10.85
CA PRO A 160 16.81 62.36 -11.36
C PRO A 160 16.05 61.09 -11.66
N LEU A 161 16.70 60.18 -12.38
CA LEU A 161 16.04 58.98 -12.89
C LEU A 161 15.76 57.94 -11.82
N THR A 162 16.14 58.20 -10.57
CA THR A 162 15.85 57.29 -9.46
C THR A 162 14.81 57.85 -8.49
N MET A 163 14.25 59.03 -8.77
CA MET A 163 13.22 59.60 -7.92
C MET A 163 11.88 58.92 -8.18
N ALA A 164 11.04 58.91 -7.15
CA ALA A 164 9.71 58.32 -7.23
C ALA A 164 8.66 59.40 -7.39
N GLY A 165 7.50 58.99 -7.91
CA GLY A 165 6.38 59.88 -8.10
C GLY A 165 6.05 60.07 -9.57
N PRO A 166 4.77 60.36 -9.87
CA PRO A 166 4.40 60.61 -11.28
C PRO A 166 5.15 61.77 -11.91
N GLN A 167 5.43 62.83 -11.14
CA GLN A 167 6.10 64.00 -11.70
C GLN A 167 7.45 63.66 -12.29
N TRP A 168 8.16 62.72 -11.66
CA TRP A 168 9.49 62.32 -12.11
C TRP A 168 9.43 61.27 -13.21
N LYS A 169 8.39 60.44 -13.21
CA LYS A 169 8.12 59.59 -14.37
C LYS A 169 7.84 60.43 -15.61
N LYS A 170 7.23 61.61 -15.42
CA LYS A 170 7.00 62.53 -16.52
C LYS A 170 8.30 63.19 -16.98
N PHE A 171 9.23 63.42 -16.05
CA PHE A 171 10.53 63.93 -16.46
C PHE A 171 11.25 62.93 -17.37
N LYS A 172 11.24 61.65 -16.98
CA LYS A 172 11.87 60.63 -17.80
C LYS A 172 11.26 60.61 -19.20
N SER A 173 9.92 60.71 -19.28
CA SER A 173 9.27 60.78 -20.58
C SER A 173 9.72 62.02 -21.35
N SER A 174 9.71 63.19 -20.69
CA SER A 174 10.16 64.40 -21.35
C SER A 174 11.61 64.27 -21.79
N PHE A 175 12.48 63.73 -20.92
CA PHE A 175 13.87 63.50 -21.28
C PHE A 175 14.00 62.70 -22.56
N CYS A 176 13.23 61.61 -22.67
CA CYS A 176 13.34 60.73 -23.84
C CYS A 176 12.67 61.34 -25.07
N GLU A 177 11.61 62.12 -24.89
CA GLU A 177 10.95 62.73 -26.04
C GLU A 177 11.82 63.81 -26.66
N PHE A 178 12.48 64.63 -25.82
CA PHE A 178 13.36 65.66 -26.35
C PHE A 178 14.46 65.06 -27.22
N ILE A 179 15.10 64.00 -26.73
CA ILE A 179 16.17 63.36 -27.50
C ILE A 179 15.65 62.85 -28.83
N GLY A 180 14.49 62.19 -28.82
CA GLY A 180 13.95 61.66 -30.05
C GLY A 180 13.49 62.73 -31.01
N VAL A 181 12.79 63.74 -30.49
CA VAL A 181 12.31 64.83 -31.34
C VAL A 181 13.47 65.60 -31.93
N LEU A 182 14.53 65.82 -31.14
CA LEU A 182 15.68 66.57 -31.62
C LEU A 182 16.31 65.91 -32.82
N VAL A 183 16.55 64.60 -32.74
CA VAL A 183 17.15 63.87 -33.84
C VAL A 183 16.26 63.89 -35.07
N ARG A 184 14.97 63.59 -34.87
CA ARG A 184 14.05 63.50 -36.00
C ARG A 184 13.88 64.86 -36.67
N GLN A 185 13.93 65.95 -35.91
CA GLN A 185 13.80 67.28 -36.49
C GLN A 185 15.04 67.71 -37.24
N CYS A 186 16.17 67.04 -37.03
CA CYS A 186 17.41 67.37 -37.70
C CYS A 186 17.74 66.40 -38.83
N GLN A 187 16.87 65.42 -39.09
CA GLN A 187 17.25 64.27 -39.89
C GLN A 187 17.47 64.59 -41.37
N TYR A 188 17.07 65.78 -41.82
CA TYR A 188 17.12 66.11 -43.23
C TYR A 188 18.23 67.09 -43.58
N SER A 189 19.03 67.52 -42.60
CA SER A 189 20.10 68.48 -42.86
C SER A 189 21.15 68.50 -41.77
N ILE A 190 20.78 69.04 -40.60
CA ILE A 190 21.73 69.27 -39.52
C ILE A 190 22.45 67.98 -39.15
N ILE A 191 21.73 66.86 -39.13
CA ILE A 191 22.31 65.60 -38.66
C ILE A 191 23.54 65.20 -39.47
N TYR A 192 23.71 65.75 -40.67
CA TYR A 192 24.81 65.36 -41.54
C TYR A 192 25.95 66.38 -41.57
N ASP A 193 25.90 67.39 -40.70
CA ASP A 193 26.91 68.44 -40.70
C ASP A 193 28.21 68.02 -40.01
N GLU A 194 28.33 66.75 -39.62
CA GLU A 194 29.56 66.22 -39.03
C GLU A 194 30.01 67.05 -37.83
N TYR A 195 29.07 67.47 -36.99
CA TYR A 195 29.40 68.30 -35.80
C TYR A 195 28.46 68.01 -34.64
N MET A 196 27.15 68.10 -34.83
CA MET A 196 26.17 67.91 -33.73
C MET A 196 26.22 66.47 -33.26
N MET A 197 25.75 65.56 -34.09
CA MET A 197 25.62 64.16 -33.64
C MET A 197 26.95 63.72 -33.05
N ASP A 198 28.04 63.84 -33.79
CA ASP A 198 29.34 63.32 -33.30
C ASP A 198 29.61 63.90 -31.90
N THR A 199 29.37 65.17 -31.65
CA THR A 199 29.69 65.79 -30.34
C THR A 199 28.84 65.13 -29.26
N VAL A 200 27.56 64.88 -29.53
CA VAL A 200 26.63 64.32 -28.51
C VAL A 200 26.99 62.86 -28.29
N ILE A 201 27.16 62.10 -29.35
CA ILE A 201 27.49 60.66 -29.25
C ILE A 201 28.75 60.59 -28.38
N SER A 202 29.78 61.37 -28.68
CA SER A 202 31.07 61.34 -27.95
C SER A 202 30.81 61.53 -26.45
N LEU A 203 30.10 62.58 -26.05
CA LEU A 203 29.87 62.89 -24.62
C LEU A 203 29.10 61.74 -24.01
N LEU A 204 28.10 61.23 -24.73
CA LEU A 204 27.22 60.18 -24.18
C LEU A 204 27.97 58.85 -24.19
N THR A 205 28.89 58.61 -25.11
CA THR A 205 29.60 57.31 -25.23
C THR A 205 30.70 57.29 -24.19
N GLY A 206 31.03 58.42 -23.58
CA GLY A 206 32.07 58.52 -22.54
C GLY A 206 31.44 58.66 -21.17
N LEU A 207 30.25 59.23 -21.09
CA LEU A 207 29.52 59.32 -19.80
C LEU A 207 28.97 57.92 -19.53
N SER A 208 28.75 57.09 -20.55
CA SER A 208 28.31 55.72 -20.34
C SER A 208 29.44 54.79 -19.90
N ASP A 209 30.68 55.28 -19.91
CA ASP A 209 31.82 54.52 -19.41
C ASP A 209 32.21 54.91 -18.00
N SER A 210 31.50 55.88 -17.41
CA SER A 210 31.89 56.41 -16.11
C SER A 210 31.45 55.50 -14.99
N GLN A 211 32.29 55.40 -13.96
CA GLN A 211 31.94 54.68 -12.75
C GLN A 211 30.86 55.40 -11.95
N VAL A 212 30.64 56.68 -12.21
CA VAL A 212 29.55 57.42 -11.57
C VAL A 212 28.24 56.88 -12.15
N ARG A 213 27.43 56.23 -11.31
CA ARG A 213 26.20 55.62 -11.82
C ARG A 213 25.27 56.66 -12.42
N ALA A 214 25.16 57.83 -11.78
CA ALA A 214 24.27 58.87 -12.29
C ALA A 214 24.61 59.22 -13.74
N PHE A 215 25.88 59.42 -14.00
CA PHE A 215 26.35 59.83 -15.34
C PHE A 215 26.14 58.65 -16.27
N ARG A 216 26.22 57.42 -15.79
CA ARG A 216 26.15 56.20 -16.65
C ARG A 216 24.70 55.80 -16.85
N HIS A 217 23.88 55.61 -15.85
CA HIS A 217 22.45 55.31 -16.05
C HIS A 217 21.88 56.37 -16.98
N THR A 218 22.12 57.65 -16.74
CA THR A 218 21.43 58.69 -17.52
C THR A 218 21.92 58.70 -18.97
N SER A 219 23.23 58.58 -19.18
CA SER A 219 23.76 58.60 -20.54
C SER A 219 23.35 57.36 -21.32
N THR A 220 23.34 56.20 -20.66
CA THR A 220 22.92 54.98 -21.35
C THR A 220 21.48 55.11 -21.85
N LEU A 221 20.59 55.62 -21.01
CA LEU A 221 19.21 55.85 -21.46
C LEU A 221 19.20 56.77 -22.66
N ALA A 222 19.88 57.92 -22.57
CA ALA A 222 19.92 58.86 -23.68
C ALA A 222 20.49 58.21 -24.94
N ALA A 223 21.53 57.39 -24.78
CA ALA A 223 22.15 56.77 -25.94
C ALA A 223 21.18 55.84 -26.66
N MET A 224 20.43 55.05 -25.90
CA MET A 224 19.45 54.15 -26.53
C MET A 224 18.33 54.94 -27.18
N LYS A 225 17.87 56.00 -26.53
CA LYS A 225 16.77 56.84 -27.07
C LYS A 225 17.28 57.60 -28.28
N LEU A 226 18.59 57.78 -28.47
CA LEU A 226 19.19 58.44 -29.66
C LEU A 226 19.27 57.38 -30.75
N MET A 227 19.71 56.18 -30.40
CA MET A 227 19.85 55.10 -31.41
C MET A 227 18.45 54.88 -31.95
N THR A 228 17.45 54.63 -31.12
CA THR A 228 16.16 54.34 -31.72
C THR A 228 15.70 55.46 -32.64
N ALA A 229 16.10 56.69 -32.39
CA ALA A 229 15.75 57.83 -33.27
C ALA A 229 16.50 57.69 -34.57
N LEU A 230 17.74 57.22 -34.53
CA LEU A 230 18.60 57.09 -35.74
C LEU A 230 18.15 55.86 -36.51
N VAL A 231 17.43 54.95 -35.87
CA VAL A 231 16.91 53.71 -36.53
C VAL A 231 15.71 54.18 -37.34
N ASN A 232 14.93 55.13 -36.81
CA ASN A 232 13.83 55.72 -37.55
C ASN A 232 14.32 56.49 -38.76
N VAL A 233 15.45 57.19 -38.61
CA VAL A 233 16.01 57.98 -39.71
C VAL A 233 16.51 57.07 -40.82
N ALA A 234 17.22 56.00 -40.46
CA ALA A 234 17.71 55.07 -41.47
C ALA A 234 16.56 54.36 -42.17
N LEU A 235 15.46 54.12 -41.45
CA LEU A 235 14.30 53.50 -42.07
C LEU A 235 13.71 54.42 -43.12
N ASN A 236 13.50 55.69 -42.79
CA ASN A 236 13.04 56.66 -43.77
C ASN A 236 13.99 56.70 -44.97
N LEU A 237 15.29 56.79 -44.69
CA LEU A 237 16.29 56.82 -45.75
C LEU A 237 16.15 55.60 -46.65
N SER A 238 16.00 54.43 -46.06
CA SER A 238 15.82 53.21 -46.86
C SER A 238 14.55 53.29 -47.69
N ILE A 239 13.47 53.83 -47.10
CA ILE A 239 12.22 53.98 -47.86
C ILE A 239 12.43 54.94 -49.02
N ASN A 240 13.03 56.10 -48.76
CA ASN A 240 13.16 57.11 -49.79
C ASN A 240 14.14 56.68 -50.88
N MET A 241 15.10 55.81 -50.55
CA MET A 241 16.01 55.35 -51.60
C MET A 241 15.34 54.29 -52.48
N ASP A 242 14.44 53.49 -51.92
CA ASP A 242 13.65 52.58 -52.75
C ASP A 242 12.79 53.38 -53.72
N ASN A 243 12.06 54.38 -53.21
CA ASN A 243 11.24 55.22 -54.08
C ASN A 243 12.10 55.85 -55.17
N THR A 244 13.30 56.30 -54.82
CA THR A 244 14.18 56.92 -55.80
C THR A 244 14.68 55.89 -56.81
N GLN A 245 14.98 54.68 -56.35
CA GLN A 245 15.35 53.61 -57.27
C GLN A 245 14.23 53.30 -58.25
N ARG A 246 12.97 53.35 -57.77
CA ARG A 246 11.84 53.10 -58.64
C ARG A 246 11.74 54.15 -59.74
N GLN A 247 11.88 55.42 -59.37
CA GLN A 247 11.78 56.48 -60.37
C GLN A 247 12.95 56.43 -61.35
N TYR A 248 14.11 55.97 -60.91
CA TYR A 248 15.25 55.85 -61.82
C TYR A 248 14.99 54.79 -62.87
N GLU A 249 14.60 53.58 -62.45
CA GLU A 249 14.33 52.53 -63.42
C GLU A 249 13.13 52.87 -64.28
N ALA A 250 12.18 53.65 -63.75
CA ALA A 250 11.05 54.09 -64.57
C ALA A 250 11.50 54.99 -65.72
N GLU A 251 12.39 55.95 -65.41
CA GLU A 251 12.84 56.87 -66.45
C GLU A 251 13.66 56.16 -67.52
N ARG A 252 14.47 55.17 -67.13
CA ARG A 252 15.26 54.44 -68.12
C ARG A 252 14.38 53.60 -69.02
N ASN A 253 13.47 52.81 -68.44
CA ASN A 253 12.60 51.96 -69.25
C ASN A 253 11.84 52.76 -70.30
N LYS A 254 11.56 54.02 -70.02
CA LYS A 254 10.84 54.87 -70.97
C LYS A 254 11.41 56.29 -70.94
N ALA A 260 15.33 63.45 -72.13
CA ALA A 260 14.94 62.86 -70.86
C ALA A 260 16.15 62.28 -70.12
N ASN A 261 17.33 62.36 -70.75
CA ASN A 261 18.51 61.70 -70.19
C ASN A 261 19.05 62.47 -68.99
N GLU A 262 19.06 63.80 -69.05
CA GLU A 262 19.64 64.57 -67.96
C GLU A 262 18.83 64.45 -66.67
N ARG A 263 17.63 63.88 -66.72
CA ARG A 263 16.96 63.48 -65.49
C ARG A 263 17.60 62.24 -64.90
N LEU A 264 17.94 61.27 -65.75
CA LEU A 264 18.63 60.07 -65.28
C LEU A 264 19.92 60.43 -64.55
N GLU A 265 20.58 61.51 -64.96
CA GLU A 265 21.83 61.92 -64.32
C GLU A 265 21.58 62.49 -62.93
N LEU A 266 20.58 63.36 -62.80
CA LEU A 266 20.27 63.94 -61.51
C LEU A 266 19.74 62.90 -60.54
N LEU A 267 18.96 61.94 -61.04
CA LEU A 267 18.40 60.90 -60.18
C LEU A 267 19.51 60.05 -59.56
N LEU A 268 20.57 59.79 -60.32
CA LEU A 268 21.68 59.00 -59.81
C LEU A 268 22.54 59.80 -58.85
N GLN A 269 22.63 61.11 -59.04
CA GLN A 269 23.31 61.95 -58.05
C GLN A 269 22.49 62.04 -56.76
N LYS A 270 21.16 61.92 -56.86
CA LYS A 270 20.36 61.85 -55.65
C LYS A 270 20.50 60.48 -54.99
N ARG A 271 20.62 59.43 -55.78
CA ARG A 271 20.90 58.11 -55.23
C ARG A 271 22.30 58.06 -54.61
N LYS A 272 23.25 58.79 -55.20
CA LYS A 272 24.57 58.90 -54.58
C LYS A 272 24.48 59.64 -53.26
N GLU A 273 23.79 60.78 -53.24
CA GLU A 273 23.65 61.54 -52.00
C GLU A 273 23.00 60.71 -50.92
N LEU A 274 21.97 59.94 -51.27
CA LEU A 274 21.23 59.20 -50.25
C LEU A 274 22.04 58.05 -49.67
N GLN A 275 22.89 57.42 -50.49
CA GLN A 275 23.80 56.41 -49.96
C GLN A 275 24.83 57.03 -49.02
N GLU A 276 25.38 58.19 -49.41
CA GLU A 276 26.29 58.91 -48.53
C GLU A 276 25.61 59.23 -47.20
N ASN A 277 24.33 59.62 -47.26
CA ASN A 277 23.57 59.85 -46.02
C ASN A 277 23.42 58.55 -45.23
N GLN A 278 23.06 57.47 -45.93
CA GLN A 278 22.84 56.20 -45.24
C GLN A 278 24.11 55.73 -44.55
N ASP A 279 25.25 55.83 -45.23
CA ASP A 279 26.51 55.40 -44.63
C ASP A 279 26.80 56.18 -43.35
N GLU A 280 26.46 57.48 -43.33
CA GLU A 280 26.70 58.29 -42.14
C GLU A 280 25.79 57.88 -40.99
N ILE A 281 24.54 57.52 -41.28
CA ILE A 281 23.63 57.09 -40.23
C ILE A 281 24.08 55.74 -39.67
N GLU A 282 24.50 54.83 -40.54
CA GLU A 282 25.03 53.55 -40.08
C GLU A 282 26.25 53.76 -39.19
N ASN A 283 27.17 54.61 -39.63
CA ASN A 283 28.42 54.83 -38.88
C ASN A 283 28.00 55.27 -37.49
N MET A 284 27.04 56.18 -37.40
CA MET A 284 26.63 56.73 -36.09
C MET A 284 26.03 55.58 -35.29
N MET A 285 25.13 54.82 -35.89
CA MET A 285 24.42 53.75 -35.16
C MET A 285 25.46 52.73 -34.72
N ASN A 286 26.46 52.43 -35.55
CA ASN A 286 27.47 51.37 -35.26
C ASN A 286 28.38 51.85 -34.13
N ALA A 287 28.32 53.12 -33.74
CA ALA A 287 29.20 53.69 -32.71
C ALA A 287 28.45 53.86 -31.40
N ILE A 288 27.12 53.80 -31.42
CA ILE A 288 26.28 53.88 -30.19
C ILE A 288 25.95 52.45 -29.82
N PHE A 289 26.16 51.49 -30.73
CA PHE A 289 25.95 50.06 -30.45
C PHE A 289 27.26 49.55 -29.88
N LYS A 290 28.35 49.77 -30.60
CA LYS A 290 29.63 49.25 -30.15
C LYS A 290 30.17 50.00 -28.95
N GLY A 291 29.82 51.26 -28.79
CA GLY A 291 30.37 52.08 -27.73
C GLY A 291 29.55 52.06 -26.45
N VAL A 292 28.28 51.69 -26.53
CA VAL A 292 27.41 51.73 -25.38
C VAL A 292 26.72 50.40 -25.15
N PHE A 293 26.01 49.89 -26.16
CA PHE A 293 25.13 48.75 -25.94
C PHE A 293 25.91 47.53 -25.46
N VAL A 294 26.84 47.11 -26.29
CA VAL A 294 27.57 45.84 -26.07
C VAL A 294 28.31 45.89 -24.75
N HIS A 295 28.40 47.04 -24.11
CA HIS A 295 29.12 47.21 -22.83
C HIS A 295 28.14 47.48 -21.69
N ARG A 296 26.90 47.89 -21.97
CA ARG A 296 25.93 48.29 -20.90
C ARG A 296 24.76 47.30 -20.83
N TYR A 297 24.57 46.39 -21.79
CA TYR A 297 23.55 45.32 -21.71
C TYR A 297 24.02 44.36 -20.64
N ARG A 298 25.30 44.42 -20.31
CA ARG A 298 25.95 43.54 -19.29
C ARG A 298 26.36 44.40 -18.11
N ASP A 299 25.70 45.53 -17.89
CA ASP A 299 26.00 46.44 -16.75
C ASP A 299 25.78 45.63 -15.50
N ALA A 300 26.12 46.15 -14.34
CA ALA A 300 25.83 45.43 -13.10
C ALA A 300 24.53 46.00 -12.55
N ILE A 301 24.19 47.22 -12.93
CA ILE A 301 22.93 47.86 -12.48
C ILE A 301 21.84 47.30 -13.40
N ALA A 302 20.94 46.47 -12.89
CA ALA A 302 19.89 45.82 -13.71
C ALA A 302 19.09 46.90 -14.44
N GLU A 303 18.80 48.01 -13.78
CA GLU A 303 17.94 49.04 -14.38
C GLU A 303 18.63 49.51 -15.65
N ILE A 304 19.95 49.40 -15.75
CA ILE A 304 20.75 49.84 -16.95
C ILE A 304 20.73 48.69 -17.95
N ARG A 305 20.65 47.45 -17.50
CA ARG A 305 20.60 46.27 -18.40
C ARG A 305 19.20 46.20 -19.00
N ALA A 306 18.19 46.61 -18.27
CA ALA A 306 16.77 46.50 -18.70
C ALA A 306 16.53 47.61 -19.69
N ILE A 307 17.17 48.74 -19.50
CA ILE A 307 17.08 49.83 -20.48
C ILE A 307 17.57 49.35 -21.84
N CYS A 308 18.71 48.66 -21.86
CA CYS A 308 19.33 48.27 -23.12
C CYS A 308 18.51 47.21 -23.83
N ILE A 309 18.00 46.23 -23.09
CA ILE A 309 17.25 45.14 -23.71
C ILE A 309 15.93 45.64 -24.25
N GLU A 310 15.29 46.58 -23.53
CA GLU A 310 14.00 47.11 -23.98
C GLU A 310 14.13 47.76 -25.35
N GLU A 311 15.21 48.48 -25.59
CA GLU A 311 15.33 49.31 -26.77
C GLU A 311 15.85 48.55 -27.98
N ILE A 312 16.68 47.53 -27.78
CA ILE A 312 17.01 46.64 -28.89
C ILE A 312 15.76 45.94 -29.39
N GLY A 313 14.88 45.53 -28.47
CA GLY A 313 13.59 45.01 -28.89
C GLY A 313 12.83 46.01 -29.75
N ILE A 314 12.94 47.29 -29.42
CA ILE A 314 12.25 48.32 -30.19
C ILE A 314 12.85 48.45 -31.59
N TRP A 315 14.19 48.39 -31.70
CA TRP A 315 14.79 48.53 -33.02
C TRP A 315 14.39 47.36 -33.92
N MET A 316 14.37 46.15 -33.37
CA MET A 316 14.01 44.99 -34.17
C MET A 316 12.53 44.99 -34.54
N LYS A 317 11.69 45.69 -33.76
CA LYS A 317 10.28 45.77 -34.06
C LYS A 317 10.00 46.82 -35.14
N MET A 318 10.69 47.95 -35.09
CA MET A 318 10.37 49.05 -36.00
C MET A 318 11.06 48.90 -37.35
N TYR A 319 12.30 48.43 -37.38
CA TYR A 319 13.05 48.22 -38.62
C TYR A 319 13.44 46.75 -38.70
N SER A 320 12.43 45.89 -38.87
CA SER A 320 12.65 44.46 -38.87
C SER A 320 13.67 44.05 -39.92
N ASP A 321 13.61 44.64 -41.12
CA ASP A 321 14.48 44.19 -42.21
C ASP A 321 15.95 44.35 -41.85
N ALA A 322 16.29 45.33 -41.02
CA ALA A 322 17.69 45.65 -40.77
C ALA A 322 18.20 45.15 -39.42
N PHE A 323 17.34 45.03 -38.41
CA PHE A 323 17.77 44.74 -37.06
C PHE A 323 17.33 43.39 -36.53
N LEU A 324 16.22 42.84 -37.04
CA LEU A 324 15.77 41.52 -36.62
C LEU A 324 16.60 40.47 -37.36
N ASN A 325 17.75 40.16 -36.80
CA ASN A 325 18.54 39.01 -37.21
C ASN A 325 19.27 38.48 -35.99
N ASP A 326 19.98 37.36 -36.16
CA ASP A 326 20.70 36.76 -35.04
C ASP A 326 21.70 37.73 -34.44
N SER A 327 22.31 38.57 -35.26
CA SER A 327 23.34 39.50 -34.77
C SER A 327 22.81 40.45 -33.72
N TYR A 328 21.50 40.63 -33.64
CA TYR A 328 20.87 41.45 -32.60
C TYR A 328 19.98 40.65 -31.68
N LEU A 329 19.37 39.57 -32.17
CA LEU A 329 18.50 38.75 -31.34
C LEU A 329 19.28 38.10 -30.21
N LYS A 330 20.53 37.74 -30.46
CA LYS A 330 21.31 36.97 -29.49
C LYS A 330 21.37 37.67 -28.13
N TYR A 331 21.41 39.00 -28.13
CA TYR A 331 21.50 39.71 -26.85
C TYR A 331 20.27 39.46 -26.01
N VAL A 332 19.10 39.38 -26.63
CA VAL A 332 17.90 39.00 -25.89
C VAL A 332 17.96 37.52 -25.51
N GLY A 333 18.59 36.70 -26.35
CA GLY A 333 18.68 35.28 -26.05
C GLY A 333 19.52 35.00 -24.82
N TRP A 334 20.64 35.72 -24.67
CA TRP A 334 21.50 35.54 -23.50
C TRP A 334 20.87 36.17 -22.26
N THR A 335 20.30 37.36 -22.41
CA THR A 335 19.83 38.12 -21.26
C THR A 335 18.56 37.55 -20.64
N MET A 336 17.87 36.63 -21.31
CA MET A 336 16.75 35.97 -20.64
C MET A 336 17.24 34.91 -19.66
N HIS A 337 18.55 34.74 -19.53
CA HIS A 337 19.17 33.97 -18.45
C HIS A 337 19.63 34.86 -17.30
N ASP A 338 19.44 36.17 -17.43
CA ASP A 338 19.79 37.10 -16.35
C ASP A 338 19.06 36.71 -15.07
N LYS A 339 19.71 36.99 -13.94
CA LYS A 339 19.19 36.58 -12.64
C LYS A 339 18.26 37.61 -12.02
N GLN A 340 17.96 38.69 -12.71
CA GLN A 340 17.05 39.72 -12.22
C GLN A 340 15.76 39.68 -13.03
N GLY A 341 14.63 39.56 -12.33
CA GLY A 341 13.36 39.35 -13.01
C GLY A 341 12.98 40.48 -13.95
N GLU A 342 13.21 41.72 -13.51
CA GLU A 342 12.85 42.88 -14.33
C GLU A 342 13.55 42.84 -15.67
N VAL A 343 14.74 42.26 -15.74
CA VAL A 343 15.47 42.18 -16.99
C VAL A 343 14.93 41.04 -17.85
N ARG A 344 14.76 39.86 -17.24
CA ARG A 344 14.14 38.75 -17.95
C ARG A 344 12.79 39.15 -18.53
N LEU A 345 12.01 39.92 -17.76
CA LEU A 345 10.72 40.38 -18.24
C LEU A 345 10.86 41.14 -19.54
N LYS A 346 11.81 42.07 -19.60
CA LYS A 346 11.95 42.92 -20.78
C LYS A 346 12.41 42.13 -21.99
N CYS A 347 13.11 41.02 -21.78
CA CYS A 347 13.45 40.15 -22.90
C CYS A 347 12.20 39.56 -23.52
N LEU A 348 11.31 39.01 -22.69
CA LEU A 348 10.10 38.39 -23.20
C LEU A 348 9.22 39.43 -23.88
N THR A 349 9.02 40.58 -23.23
CA THR A 349 8.30 41.68 -23.85
C THR A 349 8.87 41.99 -25.23
N ALA A 350 10.18 42.17 -25.31
CA ALA A 350 10.80 42.53 -26.59
C ALA A 350 10.59 41.46 -27.65
N LEU A 351 10.47 40.19 -27.22
CA LEU A 351 10.24 39.11 -28.17
C LEU A 351 8.77 38.98 -28.54
N GLN A 352 7.88 39.29 -27.59
CA GLN A 352 6.45 39.33 -27.88
C GLN A 352 6.15 40.34 -28.98
N GLY A 353 6.87 41.45 -28.99
CA GLY A 353 6.63 42.46 -30.00
C GLY A 353 7.01 42.01 -31.39
N LEU A 354 7.97 41.11 -31.50
CA LEU A 354 8.39 40.58 -32.79
C LEU A 354 7.46 39.48 -33.29
N TYR A 355 6.58 38.97 -32.41
CA TYR A 355 5.62 37.93 -32.75
C TYR A 355 4.22 38.48 -32.96
N TYR A 356 3.86 39.55 -32.23
CA TYR A 356 2.62 40.28 -32.47
C TYR A 356 2.64 40.96 -33.85
N ASN A 357 3.83 41.21 -34.39
CA ASN A 357 3.97 41.58 -35.80
C ASN A 357 3.11 40.67 -36.66
N LYS A 358 3.24 39.35 -36.44
CA LYS A 358 2.47 38.34 -37.16
C LYS A 358 2.82 38.36 -38.65
N GLU A 359 4.04 38.77 -38.96
CA GLU A 359 4.58 38.70 -40.32
C GLU A 359 5.25 37.36 -40.58
N LEU A 360 5.20 36.43 -39.61
CA LEU A 360 5.84 35.12 -39.70
C LEU A 360 7.25 35.30 -40.24
N ASN A 361 8.16 35.76 -39.38
CA ASN A 361 9.56 35.92 -39.77
C ASN A 361 10.27 34.58 -39.72
N SER A 362 11.14 34.35 -40.71
CA SER A 362 11.86 33.09 -40.78
C SER A 362 13.07 33.09 -39.86
N LYS A 363 13.76 34.23 -39.72
CA LYS A 363 14.94 34.30 -38.88
C LYS A 363 14.58 34.26 -37.40
N LEU A 364 13.43 34.83 -37.03
CA LEU A 364 12.94 34.72 -35.66
C LEU A 364 12.56 33.28 -35.33
N GLU A 365 12.13 32.53 -36.34
CA GLU A 365 11.76 31.13 -36.14
C GLU A 365 12.97 30.28 -35.79
N LEU A 366 14.15 30.63 -36.31
CA LEU A 366 15.37 29.90 -36.02
C LEU A 366 15.95 30.26 -34.66
N PHE A 367 15.73 31.50 -34.21
CA PHE A 367 16.13 31.89 -32.87
C PHE A 367 15.34 31.12 -31.82
N THR A 368 14.04 30.92 -32.06
CA THR A 368 13.17 30.29 -31.08
C THR A 368 13.36 28.77 -31.01
N SER A 369 13.96 28.15 -32.01
CA SER A 369 14.34 26.75 -31.89
C SER A 369 15.49 26.58 -30.91
N ARG A 370 16.44 27.53 -30.94
CA ARG A 370 17.60 27.47 -30.06
C ARG A 370 17.22 27.79 -28.62
N PHE A 371 16.30 28.74 -28.43
CA PHE A 371 15.91 29.18 -27.10
C PHE A 371 14.51 28.71 -26.70
N LYS A 372 13.92 27.75 -27.44
CA LYS A 372 12.63 27.21 -27.05
C LYS A 372 12.65 26.72 -25.62
N ASP A 373 13.66 25.91 -25.28
CA ASP A 373 13.68 25.22 -24.00
C ASP A 373 13.79 26.20 -22.83
N ARG A 374 14.56 27.27 -23.01
CA ARG A 374 14.64 28.28 -21.97
C ARG A 374 13.31 29.02 -21.82
N ILE A 375 12.62 29.29 -22.93
CA ILE A 375 11.37 30.04 -22.84
C ILE A 375 10.29 29.21 -22.14
N VAL A 376 10.23 27.92 -22.45
CA VAL A 376 9.27 27.05 -21.77
C VAL A 376 9.53 27.04 -20.28
N SER A 377 10.81 26.95 -19.89
CA SER A 377 11.15 26.91 -18.47
C SER A 377 10.76 28.18 -17.75
N MET A 378 10.79 29.32 -18.44
CA MET A 378 10.43 30.59 -17.82
C MET A 378 8.95 30.66 -17.45
N THR A 379 8.13 29.71 -17.93
CA THR A 379 6.76 29.62 -17.44
C THR A 379 6.72 29.33 -15.96
N LEU A 380 7.82 28.83 -15.39
CA LEU A 380 7.94 28.59 -13.96
C LEU A 380 9.02 29.48 -13.36
N ASP A 381 9.23 30.66 -13.93
CA ASP A 381 10.16 31.63 -13.38
C ASP A 381 9.77 31.97 -11.95
N LYS A 382 10.77 32.21 -11.11
CA LYS A 382 10.51 32.54 -9.72
C LYS A 382 9.65 33.79 -9.59
N GLU A 383 9.72 34.69 -10.57
CA GLU A 383 8.88 35.88 -10.60
C GLU A 383 7.65 35.59 -11.46
N TYR A 384 6.46 35.66 -10.84
CA TYR A 384 5.25 35.28 -11.55
C TYR A 384 4.99 36.18 -12.76
N ASP A 385 5.35 37.46 -12.67
CA ASP A 385 5.12 38.37 -13.79
C ASP A 385 5.89 37.93 -15.02
N VAL A 386 7.11 37.40 -14.85
CA VAL A 386 7.86 36.90 -15.99
C VAL A 386 7.20 35.64 -16.53
N ALA A 387 6.68 34.80 -15.63
CA ALA A 387 6.07 33.55 -16.06
C ALA A 387 4.82 33.80 -16.90
N VAL A 388 4.04 34.83 -16.56
CA VAL A 388 2.86 35.15 -17.35
C VAL A 388 3.27 35.47 -18.78
N GLN A 389 4.36 36.22 -18.95
CA GLN A 389 4.80 36.66 -20.27
C GLN A 389 5.44 35.53 -21.07
N ALA A 390 6.11 34.59 -20.39
CA ALA A 390 6.62 33.41 -21.09
C ALA A 390 5.48 32.60 -21.69
N ILE A 391 4.41 32.40 -20.91
CA ILE A 391 3.23 31.71 -21.43
C ILE A 391 2.65 32.49 -22.60
N LYS A 392 2.48 33.79 -22.43
CA LYS A 392 1.86 34.62 -23.47
C LYS A 392 2.72 34.68 -24.71
N LEU A 393 4.05 34.71 -24.55
CA LEU A 393 4.93 34.61 -25.70
C LEU A 393 4.75 33.27 -26.41
N LEU A 394 4.55 32.21 -25.62
CA LEU A 394 4.43 30.87 -26.19
C LEU A 394 3.12 30.70 -26.94
N THR A 395 2.05 31.38 -26.51
CA THR A 395 0.81 31.32 -27.28
C THR A 395 0.98 32.02 -28.63
N LEU A 396 1.73 33.13 -28.68
CA LEU A 396 2.00 33.77 -29.95
C LEU A 396 2.92 32.93 -30.83
N VAL A 397 3.66 32.00 -30.22
CA VAL A 397 4.53 31.10 -30.97
C VAL A 397 3.74 30.02 -31.68
N LEU A 398 2.47 29.84 -31.32
CA LEU A 398 1.60 28.86 -31.96
C LEU A 398 1.29 29.25 -33.39
N GLN A 399 1.39 30.55 -33.70
CA GLN A 399 1.26 31.04 -35.07
C GLN A 399 2.38 30.58 -35.98
N SER A 400 3.51 30.17 -35.40
CA SER A 400 4.67 29.83 -36.21
C SER A 400 4.35 28.70 -37.17
N SER A 401 4.92 28.78 -38.37
CA SER A 401 4.59 27.82 -39.42
C SER A 401 4.94 26.39 -39.01
N GLU A 402 6.10 26.21 -38.40
CA GLU A 402 6.54 24.88 -37.98
C GLU A 402 5.92 24.52 -36.64
N GLU A 403 5.86 23.22 -36.36
CA GLU A 403 5.52 22.71 -35.04
C GLU A 403 6.78 22.81 -34.18
N VAL A 404 6.91 23.92 -33.48
CA VAL A 404 8.15 24.22 -32.75
C VAL A 404 8.15 23.63 -31.35
N LEU A 405 6.98 23.55 -30.71
CA LEU A 405 6.86 23.03 -29.35
C LEU A 405 6.60 21.53 -29.38
N THR A 406 7.29 20.80 -28.51
CA THR A 406 7.05 19.38 -28.38
C THR A 406 5.78 19.10 -27.58
N ALA A 407 5.36 17.84 -27.59
CA ALA A 407 4.27 17.41 -26.72
C ALA A 407 4.56 17.74 -25.27
N GLU A 408 5.77 17.40 -24.81
CA GLU A 408 6.16 17.66 -23.44
C GLU A 408 5.94 19.13 -23.08
N ASP A 409 6.41 20.04 -23.93
CA ASP A 409 6.32 21.46 -23.63
C ASP A 409 4.87 21.88 -23.39
N CYS A 410 3.98 21.47 -24.29
CA CYS A 410 2.58 21.89 -24.19
C CYS A 410 1.93 21.38 -22.91
N GLU A 411 2.27 20.15 -22.51
CA GLU A 411 1.67 19.58 -21.31
C GLU A 411 2.19 20.26 -20.05
N ASN A 412 3.43 20.78 -20.07
CA ASN A 412 3.91 21.56 -18.95
C ASN A 412 3.14 22.88 -18.83
N VAL A 413 2.77 23.47 -19.96
CA VAL A 413 1.96 24.68 -19.92
C VAL A 413 0.55 24.34 -19.43
N TYR A 414 -0.02 23.23 -19.93
CA TYR A 414 -1.37 22.88 -19.53
C TYR A 414 -1.50 22.78 -18.02
N HIS A 415 -0.53 22.14 -17.35
CA HIS A 415 -0.61 21.99 -15.90
C HIS A 415 -0.85 23.33 -15.20
N LEU A 416 -0.35 24.42 -15.75
CA LEU A 416 -0.36 25.71 -15.02
C LEU A 416 -1.79 26.25 -14.91
N VAL A 417 -2.76 25.66 -15.58
CA VAL A 417 -4.18 26.08 -15.42
C VAL A 417 -4.57 25.80 -13.98
N TYR A 418 -3.87 24.92 -13.28
CA TYR A 418 -4.20 24.53 -11.88
C TYR A 418 -3.31 25.30 -10.91
N SER A 419 -2.64 26.37 -11.34
CA SER A 419 -1.69 27.14 -10.50
C SER A 419 -2.47 28.00 -9.53
N ALA A 420 -1.87 28.41 -8.43
CA ALA A 420 -2.52 29.31 -7.47
C ALA A 420 -2.70 30.70 -8.05
N HIS A 421 -1.73 31.19 -8.80
CA HIS A 421 -1.74 32.54 -9.35
C HIS A 421 -2.68 32.59 -10.54
N ARG A 422 -3.79 33.31 -10.42
CA ARG A 422 -4.73 33.41 -11.54
C ARG A 422 -4.07 33.99 -12.78
N PRO A 423 -3.30 35.08 -12.70
CA PRO A 423 -2.58 35.56 -13.88
C PRO A 423 -1.88 34.47 -14.66
N VAL A 424 -1.27 33.50 -13.97
CA VAL A 424 -0.63 32.40 -14.66
C VAL A 424 -1.67 31.43 -15.21
N ALA A 425 -2.73 31.17 -14.44
CA ALA A 425 -3.69 30.14 -14.82
C ALA A 425 -4.42 30.51 -16.11
N VAL A 426 -4.85 31.77 -16.22
CA VAL A 426 -5.61 32.17 -17.39
C VAL A 426 -4.70 32.34 -18.60
N ALA A 427 -3.43 32.71 -18.39
CA ALA A 427 -2.49 32.74 -19.50
C ALA A 427 -2.30 31.35 -20.08
N ALA A 428 -2.23 30.33 -19.22
CA ALA A 428 -2.19 28.96 -19.70
C ALA A 428 -3.52 28.56 -20.31
N GLY A 429 -4.63 29.02 -19.73
CA GLY A 429 -5.93 28.75 -20.31
C GLY A 429 -6.02 29.20 -21.76
N GLU A 430 -5.53 30.41 -22.05
CA GLU A 430 -5.52 30.88 -23.43
C GLU A 430 -4.69 29.94 -24.30
N PHE A 431 -3.52 29.52 -23.80
CA PHE A 431 -2.70 28.55 -24.51
C PHE A 431 -3.48 27.26 -24.77
N LEU A 432 -4.08 26.70 -23.73
CA LEU A 432 -4.90 25.50 -23.87
C LEU A 432 -6.00 25.71 -24.89
N TYR A 433 -6.72 26.83 -24.78
CA TYR A 433 -7.84 27.11 -25.69
C TYR A 433 -7.37 27.13 -27.14
N LYS A 434 -6.32 27.90 -27.43
CA LYS A 434 -5.87 28.03 -28.82
C LYS A 434 -5.42 26.69 -29.39
N LYS A 435 -4.71 25.90 -28.59
CA LYS A 435 -4.04 24.71 -29.09
C LYS A 435 -4.99 23.56 -29.35
N LEU A 436 -6.10 23.49 -28.60
CA LEU A 436 -6.97 22.33 -28.62
C LEU A 436 -8.43 22.65 -28.93
N PHE A 437 -8.82 23.91 -29.04
CA PHE A 437 -10.20 24.31 -29.28
C PHE A 437 -10.19 25.30 -30.43
N SER A 438 -10.47 24.80 -31.64
CA SER A 438 -10.29 25.59 -32.85
C SER A 438 -10.90 24.90 -34.06
N GLY A 455 -25.45 18.69 -30.24
CA GLY A 455 -25.01 20.07 -30.28
C GLY A 455 -23.69 20.25 -30.99
N PRO A 456 -23.36 21.49 -31.37
CA PRO A 456 -22.08 21.72 -32.06
C PRO A 456 -20.88 21.58 -31.15
N ASN A 457 -20.98 22.07 -29.91
CA ASN A 457 -19.90 22.01 -28.94
C ASN A 457 -19.77 20.65 -28.27
N ALA A 458 -20.46 19.62 -28.78
CA ALA A 458 -20.44 18.31 -28.16
C ALA A 458 -19.02 17.82 -27.93
N ASN A 459 -18.24 17.68 -29.02
CA ASN A 459 -16.89 17.17 -28.89
C ASN A 459 -15.95 18.14 -28.21
N LEU A 460 -16.25 19.44 -28.24
CA LEU A 460 -15.49 20.40 -27.43
C LEU A 460 -15.63 20.06 -25.95
N VAL A 461 -16.86 19.77 -25.51
CA VAL A 461 -17.07 19.41 -24.11
C VAL A 461 -16.33 18.12 -23.78
N LYS A 462 -16.46 17.10 -24.63
CA LYS A 462 -15.77 15.84 -24.39
C LYS A 462 -14.26 16.06 -24.23
N THR A 463 -13.67 16.90 -25.10
CA THR A 463 -12.23 17.13 -25.01
C THR A 463 -11.84 17.78 -23.69
N LEU A 464 -12.67 18.69 -23.19
CA LEU A 464 -12.39 19.29 -21.88
C LEU A 464 -12.46 18.24 -20.78
N VAL A 465 -13.41 17.30 -20.89
CA VAL A 465 -13.54 16.25 -19.88
C VAL A 465 -12.33 15.33 -19.93
N PHE A 466 -11.92 14.92 -21.13
CA PHE A 466 -10.73 14.07 -21.25
C PHE A 466 -9.50 14.78 -20.72
N PHE A 467 -9.36 16.07 -21.01
CA PHE A 467 -8.24 16.84 -20.47
C PHE A 467 -8.24 16.80 -18.95
N PHE A 468 -9.38 17.13 -18.36
CA PHE A 468 -9.52 17.14 -16.91
C PHE A 468 -9.15 15.79 -16.31
N LEU A 469 -9.59 14.70 -16.95
CA LEU A 469 -9.28 13.37 -16.44
C LEU A 469 -7.81 13.04 -16.65
N GLU A 470 -7.24 13.45 -17.78
CA GLU A 470 -5.84 13.16 -18.07
C GLU A 470 -4.90 13.95 -17.18
N SER A 471 -5.36 15.09 -16.64
CA SER A 471 -4.53 15.94 -15.79
C SER A 471 -4.72 15.48 -14.35
N GLU A 472 -3.86 14.58 -13.91
CA GLU A 472 -3.99 14.00 -12.57
C GLU A 472 -3.28 14.90 -11.54
N LEU A 473 -3.76 16.13 -11.43
CA LEU A 473 -3.21 17.12 -10.48
C LEU A 473 -4.35 17.60 -9.58
N HIS A 474 -5.54 17.81 -10.13
CA HIS A 474 -6.73 18.28 -9.38
C HIS A 474 -7.83 17.21 -9.49
N GLU A 475 -8.67 17.07 -8.45
CA GLU A 475 -9.82 16.13 -8.43
C GLU A 475 -11.08 16.93 -8.76
N HIS A 476 -11.12 18.24 -8.45
CA HIS A 476 -12.25 19.13 -8.80
C HIS A 476 -11.88 19.92 -10.03
N ALA A 477 -12.80 20.66 -10.62
CA ALA A 477 -12.58 21.44 -11.85
C ALA A 477 -12.76 22.93 -11.60
N ALA A 478 -13.01 23.35 -10.36
CA ALA A 478 -13.27 24.77 -10.03
C ALA A 478 -12.17 25.61 -10.65
N TYR A 479 -10.93 25.22 -10.43
CA TYR A 479 -9.77 26.02 -10.90
C TYR A 479 -9.71 25.88 -12.42
N LEU A 480 -9.95 24.70 -12.96
CA LEU A 480 -9.92 24.48 -14.43
C LEU A 480 -10.91 25.47 -15.05
N VAL A 481 -12.12 25.57 -14.52
CA VAL A 481 -13.17 26.46 -15.07
C VAL A 481 -12.65 27.89 -14.95
N ASP A 482 -12.18 28.27 -13.78
CA ASP A 482 -11.73 29.66 -13.51
C ASP A 482 -10.65 30.08 -14.50
N SER A 483 -9.77 29.15 -14.85
CA SER A 483 -8.65 29.42 -15.78
C SER A 483 -9.21 29.81 -17.15
N MET A 484 -10.36 29.27 -17.52
CA MET A 484 -10.91 29.49 -18.90
C MET A 484 -12.24 30.25 -18.85
N TRP A 485 -12.62 30.87 -17.74
CA TRP A 485 -13.83 31.67 -17.71
C TRP A 485 -13.77 32.80 -18.73
N ASP A 486 -12.59 33.42 -18.88
CA ASP A 486 -12.50 34.66 -19.66
C ASP A 486 -12.45 34.40 -21.16
N CYS A 487 -11.82 33.31 -21.58
CA CYS A 487 -11.69 33.03 -23.02
C CYS A 487 -12.83 32.14 -23.52
N ALA A 488 -13.00 30.97 -22.89
CA ALA A 488 -13.97 29.98 -23.35
C ALA A 488 -15.34 30.13 -22.72
N THR A 489 -15.75 31.36 -22.39
CA THR A 489 -17.08 31.57 -21.83
C THR A 489 -18.17 31.14 -22.78
N GLU A 490 -17.88 31.10 -24.09
CA GLU A 490 -18.85 30.58 -25.05
C GLU A 490 -19.20 29.12 -24.74
N LEU A 491 -18.21 28.32 -24.39
CA LEU A 491 -18.42 26.89 -24.19
C LEU A 491 -18.92 26.58 -22.78
N LEU A 492 -18.29 27.18 -21.77
CA LEU A 492 -18.53 26.78 -20.39
C LEU A 492 -19.95 27.07 -19.91
N LYS A 493 -20.69 27.91 -20.63
CA LYS A 493 -22.05 28.28 -20.24
C LYS A 493 -23.10 27.64 -21.14
N ASP A 494 -22.72 26.61 -21.91
CA ASP A 494 -23.65 25.91 -22.80
C ASP A 494 -24.21 24.70 -22.06
N TRP A 495 -25.18 24.96 -21.19
CA TRP A 495 -25.73 23.93 -20.32
C TRP A 495 -26.69 23.02 -21.05
N GLU A 496 -27.31 23.49 -22.13
CA GLU A 496 -28.10 22.62 -22.98
C GLU A 496 -27.25 21.48 -23.53
N CYS A 497 -26.01 21.80 -23.93
CA CYS A 497 -25.14 20.79 -24.53
C CYS A 497 -24.68 19.79 -23.49
N MET A 498 -24.42 20.25 -22.26
CA MET A 498 -23.97 19.34 -21.21
C MET A 498 -25.09 18.42 -20.74
N ASN A 499 -26.26 19.00 -20.48
CA ASN A 499 -27.40 18.19 -20.03
C ASN A 499 -27.79 17.14 -21.06
N SER A 500 -27.64 17.47 -22.35
CA SER A 500 -27.97 16.50 -23.39
C SER A 500 -26.94 15.40 -23.50
N LEU A 501 -25.67 15.71 -23.21
CA LEU A 501 -24.62 14.70 -23.26
C LEU A 501 -24.82 13.63 -22.20
N LEU A 502 -25.58 13.92 -21.14
CA LEU A 502 -25.80 12.99 -20.06
C LEU A 502 -27.06 12.15 -20.24
N LEU A 503 -27.77 12.31 -21.35
CA LEU A 503 -29.06 11.66 -21.54
C LEU A 503 -29.21 11.05 -22.93
N GLU A 504 -28.90 11.83 -23.97
CA GLU A 504 -29.34 11.50 -25.32
C GLU A 504 -28.27 10.73 -26.10
N GLU A 505 -27.90 9.58 -25.56
CA GLU A 505 -27.24 8.54 -26.34
C GLU A 505 -25.98 9.00 -27.03
N GLU A 511 -19.95 6.03 -29.93
CA GLU A 511 -19.23 6.03 -28.65
C GLU A 511 -20.03 6.77 -27.59
N ALA A 512 -19.96 6.29 -26.35
CA ALA A 512 -20.77 6.80 -25.26
C ALA A 512 -19.86 7.41 -24.19
N LEU A 513 -20.50 7.86 -23.11
CA LEU A 513 -19.81 8.40 -21.95
C LEU A 513 -19.65 7.31 -20.90
N THR A 514 -18.46 7.20 -20.33
CA THR A 514 -18.20 6.21 -19.29
C THR A 514 -18.67 6.73 -17.94
N ASP A 515 -18.57 5.88 -16.92
CA ASP A 515 -18.95 6.27 -15.57
C ASP A 515 -18.06 7.42 -15.08
N ARG A 516 -16.75 7.29 -15.27
CA ARG A 516 -15.83 8.34 -14.84
C ARG A 516 -16.09 9.64 -15.60
N GLN A 517 -16.43 9.54 -16.88
CA GLN A 517 -16.67 10.74 -17.69
C GLN A 517 -17.95 11.45 -17.23
N GLU A 518 -19.01 10.69 -16.96
CA GLU A 518 -20.23 11.31 -16.45
C GLU A 518 -20.00 11.93 -15.08
N SER A 519 -19.13 11.32 -14.27
CA SER A 519 -18.81 11.90 -12.97
C SER A 519 -18.08 13.23 -13.13
N ALA A 520 -17.12 13.28 -14.06
CA ALA A 520 -16.36 14.51 -14.27
C ALA A 520 -17.20 15.59 -14.93
N LEU A 521 -18.08 15.20 -15.85
CA LEU A 521 -18.96 16.19 -16.51
C LEU A 521 -19.88 16.85 -15.50
N ILE A 522 -20.33 16.11 -14.48
CA ILE A 522 -21.16 16.70 -13.44
C ILE A 522 -20.37 17.70 -12.61
N GLU A 523 -19.13 17.35 -12.27
CA GLU A 523 -18.27 18.27 -11.54
C GLU A 523 -18.00 19.54 -12.35
N ILE A 524 -17.61 19.39 -13.60
CA ILE A 524 -17.37 20.55 -14.46
C ILE A 524 -18.61 21.44 -14.50
N MET A 525 -19.75 20.84 -14.84
CA MET A 525 -21.00 21.60 -14.94
C MET A 525 -21.31 22.32 -13.65
N LEU A 526 -21.02 21.70 -12.51
CA LEU A 526 -21.36 22.28 -11.22
C LEU A 526 -20.62 23.59 -11.00
N CYS A 527 -19.32 23.62 -11.29
CA CYS A 527 -18.53 24.82 -11.03
C CYS A 527 -18.80 25.93 -12.04
N THR A 528 -19.11 25.57 -13.29
CA THR A 528 -19.53 26.59 -14.25
C THR A 528 -20.78 27.30 -13.74
N ILE A 529 -21.70 26.54 -13.16
CA ILE A 529 -22.91 27.12 -12.59
C ILE A 529 -22.58 27.93 -11.34
N ARG A 530 -21.65 27.44 -10.53
CA ARG A 530 -21.25 28.16 -9.33
C ARG A 530 -20.63 29.51 -9.67
N GLN A 531 -19.63 29.50 -10.55
CA GLN A 531 -18.93 30.73 -10.89
C GLN A 531 -19.82 31.70 -11.66
N ALA A 532 -20.87 31.21 -12.33
CA ALA A 532 -21.80 32.09 -13.00
C ALA A 532 -22.79 32.71 -12.01
N ALA A 533 -23.32 31.92 -11.09
CA ALA A 533 -24.28 32.43 -10.12
C ALA A 533 -23.60 33.40 -9.15
N GLU A 534 -22.65 32.90 -8.37
CA GLU A 534 -21.75 33.77 -7.60
C GLU A 534 -20.72 34.29 -8.59
N CYS A 535 -20.90 35.53 -9.04
CA CYS A 535 -20.05 36.09 -10.11
C CYS A 535 -18.71 36.51 -9.50
N HIS A 536 -17.93 35.50 -9.11
CA HIS A 536 -16.59 35.74 -8.56
C HIS A 536 -15.81 34.43 -8.61
N PRO A 537 -14.46 34.49 -8.54
CA PRO A 537 -13.61 33.31 -8.71
C PRO A 537 -13.55 32.38 -7.49
N PRO A 538 -12.95 31.17 -7.60
CA PRO A 538 -12.90 30.24 -6.50
C PRO A 538 -11.88 30.72 -5.46
N VAL A 539 -11.79 30.07 -4.31
CA VAL A 539 -10.89 30.54 -3.22
C VAL A 539 -9.46 30.46 -3.72
N GLY A 540 -8.65 31.50 -3.54
CA GLY A 540 -7.22 31.47 -3.90
C GLY A 540 -6.94 32.08 -5.26
N ARG A 541 -7.97 32.44 -6.03
CA ARG A 541 -7.83 33.02 -7.39
C ARG A 541 -8.38 34.45 -7.41
N GLY A 542 -9.11 34.87 -6.40
CA GLY A 542 -9.78 36.20 -6.43
C GLY A 542 -8.97 37.30 -5.81
N THR A 543 -9.33 38.57 -6.08
CA THR A 543 -8.69 39.73 -5.44
C THR A 543 -9.79 40.55 -4.75
N GLY A 544 -10.14 40.13 -3.52
CA GLY A 544 -10.99 40.93 -2.67
C GLY A 544 -12.36 41.28 -3.23
N ARG A 545 -12.92 40.40 -4.07
CA ARG A 545 -14.30 40.54 -4.55
C ARG A 545 -14.64 41.98 -4.94
N LYS A 546 -14.04 42.43 -6.05
CA LYS A 546 -14.36 43.72 -6.64
C LYS A 546 -15.80 43.76 -7.15
N VAL A 547 -16.42 44.94 -7.09
CA VAL A 547 -17.82 45.10 -7.44
C VAL A 547 -18.02 44.91 -8.93
N LEU A 548 -19.24 44.52 -9.31
CA LEU A 548 -19.54 44.04 -10.65
C LEU A 548 -20.04 45.16 -11.56
N THR A 549 -19.76 45.02 -12.86
CA THR A 549 -20.27 45.93 -13.86
C THR A 549 -21.80 45.80 -13.96
N ALA A 550 -22.43 46.87 -14.47
CA ALA A 550 -23.83 46.76 -14.85
C ALA A 550 -24.04 45.65 -15.88
N LYS A 551 -23.14 45.56 -16.87
CA LYS A 551 -23.16 44.46 -17.83
C LYS A 551 -22.93 43.12 -17.14
N GLU A 552 -22.04 43.10 -16.14
CA GLU A 552 -21.76 41.86 -15.43
C GLU A 552 -22.96 41.41 -14.61
N LYS A 553 -23.62 42.35 -13.94
CA LYS A 553 -24.79 42.01 -13.13
C LYS A 553 -25.94 41.54 -14.01
N LYS A 554 -26.14 42.19 -15.16
CA LYS A 554 -27.07 41.70 -16.17
C LYS A 554 -26.80 40.24 -16.49
N THR A 555 -25.55 39.90 -16.82
CA THR A 555 -25.22 38.54 -17.21
C THR A 555 -25.41 37.56 -16.06
N GLN A 556 -25.19 38.00 -14.82
CA GLN A 556 -25.54 37.16 -13.68
C GLN A 556 -27.02 36.84 -13.68
N LEU A 557 -27.85 37.84 -13.98
CA LEU A 557 -29.29 37.63 -14.09
C LEU A 557 -29.64 36.75 -15.27
N ASP A 558 -29.12 37.08 -16.46
CA ASP A 558 -29.42 36.30 -17.66
C ASP A 558 -29.18 34.80 -17.42
N ASP A 559 -28.03 34.48 -16.83
CA ASP A 559 -27.64 33.08 -16.69
C ASP A 559 -28.45 32.38 -15.61
N ARG A 560 -28.71 33.06 -14.49
CA ARG A 560 -29.41 32.39 -13.39
C ARG A 560 -30.78 31.89 -13.83
N THR A 561 -31.50 32.68 -14.63
CA THR A 561 -32.79 32.21 -15.13
C THR A 561 -32.60 31.01 -16.06
N LYS A 562 -31.58 31.04 -16.91
CA LYS A 562 -31.30 29.91 -17.79
C LYS A 562 -31.07 28.64 -16.99
N ILE A 563 -30.20 28.71 -15.98
CA ILE A 563 -29.92 27.54 -15.15
C ILE A 563 -31.21 27.05 -14.48
N THR A 564 -31.91 27.95 -13.79
CA THR A 564 -33.10 27.56 -13.04
C THR A 564 -34.17 27.01 -13.97
N GLU A 565 -34.43 27.69 -15.09
CA GLU A 565 -35.39 27.20 -16.06
C GLU A 565 -35.07 25.76 -16.46
N LEU A 566 -33.82 25.53 -16.85
CA LEU A 566 -33.44 24.24 -17.44
C LEU A 566 -33.42 23.14 -16.39
N PHE A 567 -32.57 23.27 -15.38
CA PHE A 567 -32.31 22.16 -14.47
C PHE A 567 -33.45 21.91 -13.50
N ALA A 568 -34.30 22.91 -13.24
CA ALA A 568 -35.53 22.63 -12.52
C ALA A 568 -36.33 21.54 -13.21
N VAL A 569 -36.16 21.40 -14.51
CA VAL A 569 -36.80 20.33 -15.29
C VAL A 569 -35.90 19.12 -15.41
N ALA A 570 -34.60 19.35 -15.63
CA ALA A 570 -33.68 18.28 -15.97
C ALA A 570 -33.03 17.64 -14.75
N LEU A 571 -32.84 18.38 -13.66
CA LEU A 571 -32.23 17.80 -12.47
C LEU A 571 -32.97 16.56 -11.98
N PRO A 572 -34.30 16.54 -11.91
CA PRO A 572 -35.01 15.29 -11.58
C PRO A 572 -34.64 14.14 -12.50
N GLN A 573 -34.36 14.42 -13.77
CA GLN A 573 -34.00 13.36 -14.71
C GLN A 573 -32.60 12.82 -14.43
N LEU A 574 -31.64 13.71 -14.20
CA LEU A 574 -30.28 13.29 -13.91
C LEU A 574 -30.23 12.49 -12.62
N LEU A 575 -30.85 13.01 -11.56
CA LEU A 575 -30.93 12.29 -10.31
C LEU A 575 -31.44 10.86 -10.51
N ALA A 576 -32.52 10.71 -11.28
CA ALA A 576 -33.10 9.39 -11.50
C ALA A 576 -32.10 8.46 -12.19
N LYS A 577 -31.31 8.99 -13.12
CA LYS A 577 -30.38 8.16 -13.87
C LYS A 577 -29.18 7.75 -13.02
N TYR A 578 -28.66 8.67 -12.21
CA TYR A 578 -27.48 8.43 -11.38
C TYR A 578 -27.83 8.35 -9.90
N SER A 579 -29.05 7.96 -9.57
CA SER A 579 -29.51 7.94 -8.16
C SER A 579 -28.57 7.07 -7.33
N VAL A 580 -27.87 6.11 -7.94
CA VAL A 580 -27.04 5.12 -7.18
C VAL A 580 -25.60 5.61 -6.99
N ASP A 581 -25.09 6.61 -7.73
CA ASP A 581 -23.67 7.05 -7.66
C ASP A 581 -23.51 8.21 -6.68
N ALA A 582 -22.93 7.97 -5.51
CA ALA A 582 -22.73 9.00 -4.45
C ALA A 582 -22.06 10.21 -5.07
N GLU A 583 -20.86 10.04 -5.61
CA GLU A 583 -20.08 11.18 -6.16
C GLU A 583 -21.02 12.01 -7.02
N LYS A 584 -21.72 11.39 -7.94
CA LYS A 584 -22.57 12.15 -8.89
C LYS A 584 -23.62 12.90 -8.09
N VAL A 585 -24.33 12.23 -7.18
CA VAL A 585 -25.47 12.88 -6.47
C VAL A 585 -24.94 13.95 -5.52
N THR A 586 -23.75 13.81 -4.92
CA THR A 586 -23.28 14.80 -3.92
C THR A 586 -23.16 16.12 -4.66
N ASN A 587 -22.68 16.07 -5.89
CA ASN A 587 -22.44 17.30 -6.70
C ASN A 587 -23.79 17.84 -7.15
N LEU A 588 -24.72 17.00 -7.61
CA LEU A 588 -25.99 17.41 -8.17
C LEU A 588 -26.87 18.09 -7.14
N LEU A 589 -26.80 17.63 -5.89
CA LEU A 589 -27.65 18.14 -4.83
C LEU A 589 -27.32 19.57 -4.42
N GLN A 590 -26.24 20.14 -4.95
CA GLN A 590 -25.78 21.47 -4.55
C GLN A 590 -26.20 22.57 -5.51
N LEU A 591 -26.88 22.22 -6.61
CA LEU A 591 -27.38 23.21 -7.55
C LEU A 591 -28.48 24.07 -6.91
N PRO A 592 -29.42 23.47 -6.17
CA PRO A 592 -30.53 24.26 -5.62
C PRO A 592 -30.09 25.55 -4.95
N GLN A 593 -28.93 25.57 -4.30
CA GLN A 593 -28.47 26.77 -3.60
C GLN A 593 -28.26 27.95 -4.54
N TYR A 594 -28.29 27.74 -5.85
CA TYR A 594 -28.12 28.81 -6.83
C TYR A 594 -29.38 29.10 -7.62
N PHE A 595 -30.46 28.35 -7.41
CA PHE A 595 -31.67 28.58 -8.18
C PHE A 595 -32.33 29.90 -7.76
N ASP A 596 -33.22 30.38 -8.62
CA ASP A 596 -33.97 31.62 -8.39
C ASP A 596 -35.37 31.21 -7.96
N LEU A 597 -35.64 31.33 -6.65
CA LEU A 597 -36.79 30.65 -6.05
C LEU A 597 -38.11 31.05 -6.70
N GLU A 598 -38.22 32.29 -7.20
CA GLU A 598 -39.50 32.76 -7.70
C GLU A 598 -39.86 32.15 -9.05
N ILE A 599 -38.89 31.56 -9.76
CA ILE A 599 -39.20 30.94 -11.04
C ILE A 599 -39.98 29.64 -10.87
N TYR A 600 -39.89 29.01 -9.69
CA TYR A 600 -40.58 27.75 -9.48
C TYR A 600 -42.11 27.93 -9.49
N THR A 601 -42.60 29.12 -9.17
CA THR A 601 -44.03 29.37 -9.21
C THR A 601 -44.46 29.99 -10.55
N THR A 602 -43.79 31.04 -10.99
CA THR A 602 -44.17 31.70 -12.24
C THR A 602 -44.10 30.76 -13.43
N GLY A 603 -43.39 29.64 -13.32
CA GLY A 603 -43.18 28.75 -14.44
C GLY A 603 -44.04 27.50 -14.47
N ARG A 604 -44.93 27.32 -13.50
CA ARG A 604 -45.80 26.13 -13.47
C ARG A 604 -44.95 24.86 -13.44
N LEU A 605 -44.09 24.78 -12.42
CA LEU A 605 -43.09 23.72 -12.29
C LEU A 605 -43.31 22.87 -11.05
N GLU A 606 -44.41 23.08 -10.32
CA GLU A 606 -44.67 22.33 -9.10
C GLU A 606 -44.53 20.83 -9.31
N LYS A 607 -44.79 20.35 -10.53
CA LYS A 607 -44.68 18.92 -10.80
C LYS A 607 -43.24 18.44 -10.68
N HIS A 608 -42.29 19.24 -11.19
CA HIS A 608 -40.88 18.84 -11.11
C HIS A 608 -40.37 18.92 -9.67
N LEU A 609 -40.85 19.89 -8.90
CA LEU A 609 -40.43 19.99 -7.50
C LEU A 609 -40.88 18.77 -6.72
N ASP A 610 -42.10 18.30 -6.94
CA ASP A 610 -42.55 17.05 -6.35
C ASP A 610 -41.62 15.90 -6.75
N ALA A 611 -41.28 15.83 -8.04
CA ALA A 611 -40.39 14.77 -8.51
C ALA A 611 -39.03 14.87 -7.84
N LEU A 612 -38.48 16.08 -7.74
CA LEU A 612 -37.20 16.27 -7.08
C LEU A 612 -37.26 15.81 -5.62
N LEU A 613 -38.30 16.25 -4.90
CA LEU A 613 -38.41 15.91 -3.48
C LEU A 613 -38.48 14.41 -3.27
N ARG A 614 -39.12 13.68 -4.20
CA ARG A 614 -39.17 12.22 -4.07
C ARG A 614 -37.81 11.60 -4.32
N GLN A 615 -37.10 12.07 -5.36
CA GLN A 615 -35.76 11.54 -5.62
C GLN A 615 -34.86 11.74 -4.41
N ILE A 616 -34.93 12.91 -3.78
CA ILE A 616 -34.11 13.17 -2.59
C ILE A 616 -34.45 12.16 -1.50
N ARG A 617 -35.73 11.88 -1.31
CA ARG A 617 -36.14 10.96 -0.25
C ARG A 617 -35.59 9.56 -0.49
N ASN A 618 -35.70 9.07 -1.73
CA ASN A 618 -35.16 7.75 -2.04
C ASN A 618 -33.65 7.72 -1.87
N ILE A 619 -32.98 8.85 -2.11
CA ILE A 619 -31.54 8.93 -1.86
C ILE A 619 -31.27 8.87 -0.36
N VAL A 620 -32.06 9.60 0.44
CA VAL A 620 -31.91 9.54 1.88
C VAL A 620 -32.08 8.11 2.38
N GLU A 621 -33.08 7.40 1.85
CA GLU A 621 -33.39 6.06 2.33
C GLU A 621 -32.31 5.05 1.96
N LYS A 622 -31.62 5.26 0.82
CA LYS A 622 -30.64 4.26 0.28
C LYS A 622 -29.19 4.64 0.63
N HIS A 623 -28.76 5.89 0.38
CA HIS A 623 -27.35 6.30 0.55
C HIS A 623 -27.08 6.61 2.02
N THR A 624 -25.88 6.31 2.51
CA THR A 624 -25.46 6.62 3.90
C THR A 624 -24.24 7.56 3.87
N ASP A 625 -23.64 7.84 2.70
CA ASP A 625 -22.41 8.68 2.60
C ASP A 625 -22.64 9.95 3.42
N THR A 626 -21.79 10.25 4.40
CA THR A 626 -21.98 11.40 5.31
C THR A 626 -22.12 12.67 4.46
N ASP A 627 -21.47 12.76 3.30
CA ASP A 627 -21.47 13.99 2.46
C ASP A 627 -22.72 14.00 1.58
N VAL A 628 -23.24 12.83 1.21
CA VAL A 628 -24.50 12.73 0.43
C VAL A 628 -25.56 13.31 1.34
N LEU A 629 -25.57 12.90 2.60
CA LEU A 629 -26.65 13.32 3.54
C LEU A 629 -26.47 14.80 3.90
N GLU A 630 -25.25 15.31 4.00
CA GLU A 630 -24.99 16.72 4.25
C GLU A 630 -25.61 17.59 3.16
N ALA A 631 -25.48 17.17 1.90
CA ALA A 631 -26.09 17.92 0.80
C ALA A 631 -27.61 17.91 0.91
N CYS A 632 -28.19 16.74 1.19
CA CYS A 632 -29.65 16.64 1.31
C CYS A 632 -30.18 17.59 2.37
N SER A 633 -29.48 17.68 3.51
CA SER A 633 -29.94 18.54 4.59
C SER A 633 -29.77 20.01 4.21
N LYS A 634 -28.63 20.36 3.61
CA LYS A 634 -28.39 21.76 3.26
C LYS A 634 -29.27 22.20 2.10
N THR A 635 -29.66 21.28 1.23
CA THR A 635 -30.61 21.60 0.17
C THR A 635 -31.98 21.93 0.74
N TYR A 636 -32.48 21.07 1.65
CA TYR A 636 -33.77 21.32 2.27
C TYR A 636 -33.76 22.64 3.04
N HIS A 637 -32.68 22.92 3.76
CA HIS A 637 -32.54 24.19 4.46
C HIS A 637 -32.63 25.36 3.49
N ALA A 638 -31.99 25.22 2.31
CA ALA A 638 -32.03 26.29 1.32
C ALA A 638 -33.44 26.49 0.78
N LEU A 639 -34.18 25.40 0.59
CA LEU A 639 -35.51 25.48 0.03
C LEU A 639 -36.56 25.85 1.07
N CYS A 640 -36.28 25.62 2.35
CA CYS A 640 -37.19 25.95 3.44
C CYS A 640 -37.00 27.40 3.90
N ASN A 641 -37.07 28.34 2.96
CA ASN A 641 -36.99 29.76 3.27
C ASN A 641 -38.43 30.28 3.37
N GLU A 642 -38.81 30.75 4.57
CA GLU A 642 -40.19 31.13 4.83
C GLU A 642 -40.62 32.35 4.04
N GLU A 643 -39.71 33.04 3.36
CA GLU A 643 -40.02 34.25 2.61
C GLU A 643 -40.30 33.98 1.14
N PHE A 644 -40.46 32.72 0.74
CA PHE A 644 -40.80 32.37 -0.64
C PHE A 644 -42.07 31.53 -0.67
N THR A 645 -42.68 31.50 -1.85
CA THR A 645 -44.02 30.97 -2.04
C THR A 645 -44.10 29.45 -1.89
N ILE A 646 -42.97 28.76 -1.79
CA ILE A 646 -42.97 27.30 -1.79
C ILE A 646 -42.70 26.73 -0.39
N PHE A 647 -42.72 27.57 0.64
CA PHE A 647 -42.38 27.10 1.98
C PHE A 647 -43.27 25.95 2.41
N ASN A 648 -44.58 26.17 2.40
CA ASN A 648 -45.50 25.18 2.96
C ASN A 648 -45.50 23.89 2.16
N ARG A 649 -45.17 23.95 0.87
CA ARG A 649 -44.99 22.73 0.10
C ARG A 649 -43.83 21.91 0.64
N VAL A 650 -42.66 22.54 0.76
CA VAL A 650 -41.49 21.81 1.24
C VAL A 650 -41.59 21.55 2.73
N ASP A 651 -42.29 22.41 3.47
CA ASP A 651 -42.54 22.15 4.88
C ASP A 651 -43.32 20.85 5.06
N ILE A 652 -44.23 20.54 4.14
CA ILE A 652 -45.06 19.35 4.26
C ILE A 652 -44.22 18.10 4.01
N SER A 653 -43.42 18.10 2.94
CA SER A 653 -42.58 16.94 2.65
C SER A 653 -41.55 16.72 3.74
N ARG A 654 -41.01 17.82 4.32
CA ARG A 654 -40.05 17.68 5.41
C ARG A 654 -40.70 17.01 6.61
N SER A 655 -41.88 17.51 7.03
CA SER A 655 -42.55 16.91 8.17
C SER A 655 -42.91 15.46 7.92
N GLN A 656 -43.23 15.10 6.68
CA GLN A 656 -43.48 13.70 6.36
C GLN A 656 -42.21 12.88 6.52
N LEU A 657 -41.06 13.42 6.10
CA LEU A 657 -39.81 12.69 6.19
C LEU A 657 -39.41 12.42 7.64
N ILE A 658 -39.49 13.45 8.49
CA ILE A 658 -39.09 13.27 9.89
C ILE A 658 -40.06 12.33 10.60
N ASP A 659 -41.33 12.32 10.21
CA ASP A 659 -42.29 11.42 10.84
C ASP A 659 -41.91 9.96 10.60
N GLU A 660 -41.43 9.64 9.40
CA GLU A 660 -41.00 8.28 9.10
C GLU A 660 -39.75 7.92 9.89
N LEU A 661 -38.76 8.84 9.90
CA LEU A 661 -37.48 8.55 10.53
C LEU A 661 -37.62 8.43 12.04
N ALA A 662 -38.44 9.28 12.65
CA ALA A 662 -38.58 9.25 14.11
C ALA A 662 -39.33 8.00 14.56
N ASP A 663 -40.33 7.57 13.79
CA ASP A 663 -41.06 6.36 14.15
C ASP A 663 -40.20 5.12 13.95
N LYS A 664 -39.45 5.06 12.85
CA LYS A 664 -38.50 3.97 12.65
C LYS A 664 -37.44 3.98 13.75
N PHE A 665 -36.99 5.16 14.16
CA PHE A 665 -35.98 5.27 15.20
C PHE A 665 -36.50 4.71 16.52
N ASN A 666 -37.78 4.94 16.83
CA ASN A 666 -38.34 4.40 18.06
C ASN A 666 -38.42 2.88 18.00
N ARG A 667 -38.95 2.34 16.90
CA ARG A 667 -39.04 0.90 16.75
C ARG A 667 -37.67 0.24 16.89
N LEU A 668 -36.65 0.84 16.26
CA LEU A 668 -35.31 0.27 16.29
C LEU A 668 -34.76 0.27 17.72
N LEU A 669 -34.96 1.37 18.44
CA LEU A 669 -34.43 1.48 19.80
C LEU A 669 -35.16 0.54 20.75
N GLU A 670 -36.44 0.29 20.51
CA GLU A 670 -37.21 -0.58 21.39
C GLU A 670 -36.68 -2.01 21.34
N ASP A 671 -36.08 -2.40 20.22
CA ASP A 671 -35.46 -3.72 20.07
C ASP A 671 -33.96 -3.68 20.27
N PHE A 672 -33.30 -2.63 19.76
CA PHE A 672 -31.85 -2.49 19.94
C PHE A 672 -31.48 -2.46 21.41
N LEU A 673 -32.34 -1.90 22.26
CA LEU A 673 -32.06 -1.77 23.69
C LEU A 673 -32.86 -2.73 24.54
N GLN A 674 -33.73 -3.56 23.94
CA GLN A 674 -34.30 -4.68 24.66
C GLN A 674 -33.17 -5.48 25.30
N GLU A 675 -33.38 -5.92 26.54
CA GLU A 675 -32.28 -6.31 27.41
C GLU A 675 -31.56 -7.58 26.97
N GLY A 676 -32.11 -8.34 26.03
CA GLY A 676 -31.51 -9.60 25.66
C GLY A 676 -31.17 -9.73 24.18
N GLU A 677 -31.48 -8.71 23.40
CA GLU A 677 -31.34 -8.76 21.94
C GLU A 677 -29.97 -8.19 21.55
N GLU A 678 -28.93 -8.95 21.90
CA GLU A 678 -27.55 -8.51 21.64
C GLU A 678 -27.38 -8.27 20.15
N PRO A 679 -27.37 -7.02 19.70
CA PRO A 679 -27.42 -6.74 18.27
C PRO A 679 -26.09 -6.95 17.57
N ASP A 680 -26.17 -7.53 16.37
CA ASP A 680 -25.00 -7.80 15.54
C ASP A 680 -24.70 -6.60 14.65
N GLU A 681 -23.69 -6.75 13.78
CA GLU A 681 -23.32 -5.68 12.86
C GLU A 681 -24.49 -5.28 11.98
N ASP A 682 -25.23 -6.27 11.44
CA ASP A 682 -26.32 -5.97 10.54
C ASP A 682 -27.38 -5.11 11.23
N ASP A 683 -27.73 -5.45 12.47
CA ASP A 683 -28.68 -4.63 13.22
C ASP A 683 -28.12 -3.22 13.45
N ALA A 684 -26.83 -3.12 13.75
CA ALA A 684 -26.23 -1.83 14.06
C ALA A 684 -26.24 -0.91 12.84
N TYR A 685 -25.87 -1.44 11.67
CA TYR A 685 -25.85 -0.65 10.46
C TYR A 685 -27.22 -0.04 10.17
N GLN A 686 -28.29 -0.78 10.46
CA GLN A 686 -29.63 -0.24 10.29
C GLN A 686 -29.89 0.92 11.25
N VAL A 687 -29.46 0.78 12.51
CA VAL A 687 -29.58 1.88 13.46
C VAL A 687 -28.77 3.07 12.99
N LEU A 688 -27.54 2.82 12.54
CA LEU A 688 -26.65 3.90 12.12
C LEU A 688 -27.19 4.63 10.91
N SER A 689 -27.77 3.91 9.95
CA SER A 689 -28.23 4.53 8.73
C SER A 689 -29.31 5.58 9.00
N THR A 690 -30.23 5.29 9.92
CA THR A 690 -31.29 6.25 10.25
C THR A 690 -30.75 7.35 11.16
N LEU A 691 -29.87 7.00 12.10
CA LEU A 691 -29.28 8.03 12.96
C LEU A 691 -28.51 9.07 12.14
N LYS A 692 -27.74 8.61 11.15
CA LYS A 692 -27.01 9.54 10.30
C LYS A 692 -27.97 10.52 9.62
N ARG A 693 -29.05 10.01 9.04
CA ARG A 693 -30.01 10.87 8.35
C ARG A 693 -30.63 11.88 9.31
N ILE A 694 -30.98 11.43 10.51
CA ILE A 694 -31.54 12.34 11.50
C ILE A 694 -30.50 13.36 11.94
N THR A 695 -29.25 12.92 12.08
CA THR A 695 -28.19 13.83 12.52
C THR A 695 -27.93 14.91 11.49
N ALA A 696 -27.87 14.54 10.20
CA ALA A 696 -27.60 15.52 9.16
C ALA A 696 -28.70 16.58 9.10
N PHE A 697 -29.96 16.18 9.23
CA PHE A 697 -31.05 17.13 9.15
C PHE A 697 -31.20 17.96 10.42
N HIS A 698 -30.87 17.40 11.58
CA HIS A 698 -31.02 18.13 12.83
C HIS A 698 -30.02 19.28 12.94
N ASN A 699 -28.93 19.23 12.17
CA ASN A 699 -27.98 20.34 12.14
C ASN A 699 -28.62 21.59 11.54
N ALA A 700 -29.13 21.48 10.32
CA ALA A 700 -29.64 22.63 9.59
C ALA A 700 -31.10 22.94 9.90
N HIS A 701 -31.82 22.02 10.52
CA HIS A 701 -33.26 22.16 10.70
C HIS A 701 -33.64 22.04 12.18
N ASP A 702 -34.67 22.79 12.54
CA ASP A 702 -35.19 22.81 13.92
C ASP A 702 -36.10 21.60 14.10
N LEU A 703 -35.56 20.55 14.70
CA LEU A 703 -36.32 19.32 14.97
C LEU A 703 -36.62 19.17 16.46
N SER A 704 -36.91 20.29 17.12
CA SER A 704 -37.22 20.25 18.55
C SER A 704 -38.53 19.51 18.81
N LYS A 705 -39.47 19.59 17.87
CA LYS A 705 -40.80 19.01 18.08
C LYS A 705 -40.73 17.51 18.31
N TRP A 706 -39.80 16.83 17.65
CA TRP A 706 -39.67 15.38 17.76
C TRP A 706 -38.93 14.94 19.01
N ASP A 707 -38.39 15.88 19.79
CA ASP A 707 -37.77 15.61 21.07
C ASP A 707 -36.94 14.33 21.03
N LEU A 708 -35.75 14.44 20.44
CA LEU A 708 -34.83 13.31 20.32
C LEU A 708 -33.78 13.30 21.40
N PHE A 709 -33.89 14.19 22.40
CA PHE A 709 -32.89 14.27 23.45
C PHE A 709 -32.76 12.96 24.21
N ALA A 710 -33.90 12.37 24.60
CA ALA A 710 -33.86 11.14 25.38
C ALA A 710 -33.41 9.96 24.53
N CYS A 711 -33.69 9.99 23.23
CA CYS A 711 -33.30 8.89 22.36
C CYS A 711 -31.79 8.65 22.40
N ASN A 712 -31.00 9.72 22.26
CA ASN A 712 -29.55 9.57 22.22
C ASN A 712 -28.95 9.37 23.61
N TYR A 713 -29.57 9.94 24.65
CA TYR A 713 -29.08 9.75 26.00
C TYR A 713 -29.00 8.27 26.36
N LYS A 714 -30.08 7.52 26.07
CA LYS A 714 -30.08 6.09 26.32
C LYS A 714 -28.99 5.38 25.52
N LEU A 715 -28.72 5.86 24.31
CA LEU A 715 -27.66 5.28 23.50
C LEU A 715 -26.28 5.51 24.13
N LEU A 716 -26.02 6.74 24.57
CA LEU A 716 -24.70 7.08 25.08
C LEU A 716 -24.42 6.39 26.41
N LYS A 717 -25.40 6.39 27.32
CA LYS A 717 -25.17 5.76 28.62
C LYS A 717 -24.97 4.25 28.50
N THR A 718 -25.55 3.64 27.46
CA THR A 718 -25.33 2.21 27.24
C THR A 718 -23.89 1.93 26.83
N GLY A 719 -23.32 2.78 25.97
CA GLY A 719 -21.92 2.63 25.63
C GLY A 719 -21.00 2.76 26.82
N ILE A 720 -21.40 3.57 27.81
CA ILE A 720 -20.61 3.72 29.02
C ILE A 720 -20.68 2.43 29.85
N GLU A 721 -21.89 1.91 30.05
CA GLU A 721 -22.07 0.77 30.93
C GLU A 721 -21.42 -0.49 30.34
N ASN A 722 -21.63 -0.73 29.05
CA ASN A 722 -21.20 -1.98 28.42
C ASN A 722 -19.91 -1.85 27.63
N GLY A 723 -19.52 -0.64 27.22
CA GLY A 723 -18.36 -0.49 26.37
C GLY A 723 -18.48 -1.15 25.02
N ASP A 724 -19.70 -1.46 24.58
CA ASP A 724 -19.95 -2.08 23.28
C ASP A 724 -20.89 -1.17 22.49
N MET A 725 -20.30 -0.28 21.69
CA MET A 725 -21.07 0.62 20.84
C MET A 725 -20.22 1.02 19.64
N PRO A 726 -20.66 0.75 18.41
CA PRO A 726 -19.87 1.15 17.24
C PRO A 726 -19.53 2.62 17.28
N GLU A 727 -18.31 2.96 16.85
CA GLU A 727 -17.85 4.34 16.94
C GLU A 727 -18.74 5.28 16.14
N GLN A 728 -19.16 4.85 14.96
CA GLN A 728 -19.97 5.72 14.11
C GLN A 728 -21.32 6.03 14.75
N ILE A 729 -21.87 5.10 15.53
CA ILE A 729 -23.08 5.38 16.27
C ILE A 729 -22.82 6.44 17.34
N VAL A 730 -21.67 6.35 18.02
CA VAL A 730 -21.38 7.28 19.10
C VAL A 730 -21.19 8.70 18.56
N ILE A 731 -20.39 8.85 17.51
CA ILE A 731 -20.05 10.19 17.02
C ILE A 731 -21.29 10.90 16.50
N HIS A 732 -22.19 10.16 15.84
CA HIS A 732 -23.39 10.79 15.29
C HIS A 732 -24.45 11.04 16.35
N ALA A 733 -24.51 10.19 17.38
CA ALA A 733 -25.35 10.50 18.53
C ALA A 733 -24.82 11.72 19.27
N LEU A 734 -23.50 11.85 19.36
CA LEU A 734 -22.91 13.04 19.96
C LEU A 734 -23.30 14.29 19.17
N GLN A 735 -23.25 14.21 17.84
CA GLN A 735 -23.62 15.36 17.02
C GLN A 735 -25.10 15.69 17.20
N CYS A 736 -25.97 14.67 17.08
CA CYS A 736 -27.41 14.93 17.15
C CYS A 736 -27.80 15.53 18.49
N THR A 737 -27.20 15.06 19.58
CA THR A 737 -27.47 15.65 20.89
C THR A 737 -27.01 17.11 20.91
N HIS A 738 -25.85 17.38 20.33
CA HIS A 738 -25.36 18.75 20.23
C HIS A 738 -26.36 19.65 19.51
N TYR A 739 -26.93 19.16 18.40
CA TYR A 739 -27.91 19.97 17.67
C TYR A 739 -29.23 20.05 18.41
N VAL A 740 -29.62 18.99 19.13
CA VAL A 740 -30.84 19.03 19.93
C VAL A 740 -30.74 20.16 20.96
N ILE A 741 -29.62 20.21 21.68
CA ILE A 741 -29.46 21.21 22.73
C ILE A 741 -29.44 22.62 22.14
N LEU A 742 -28.68 22.81 21.05
CA LEU A 742 -28.53 24.14 20.48
C LEU A 742 -29.85 24.68 19.94
N TRP A 743 -30.63 23.83 19.28
CA TRP A 743 -31.91 24.29 18.73
C TRP A 743 -32.86 24.70 19.84
N GLN A 744 -32.80 24.04 20.99
CA GLN A 744 -33.55 24.48 22.16
C GLN A 744 -33.04 25.83 22.65
N LEU A 745 -31.71 25.97 22.75
CA LEU A 745 -31.12 27.25 23.16
C LEU A 745 -31.55 28.37 22.22
N ALA A 746 -31.77 28.07 20.94
CA ALA A 746 -32.20 29.09 20.00
C ALA A 746 -33.66 29.47 20.23
N LYS A 747 -34.51 28.49 20.58
CA LYS A 747 -35.93 28.77 20.76
C LYS A 747 -36.22 29.46 22.09
N ILE A 748 -35.43 29.18 23.13
CA ILE A 748 -35.66 29.77 24.45
C ILE A 748 -35.27 31.24 24.48
N THR A 749 -34.62 31.75 23.44
CA THR A 749 -34.38 33.18 23.34
C THR A 749 -35.65 33.98 23.64
N GLU A 750 -36.78 33.52 23.11
CA GLU A 750 -38.04 34.25 23.27
C GLU A 750 -38.35 34.46 24.74
N SER A 751 -38.55 35.73 25.12
CA SER A 751 -39.04 36.02 26.46
C SER A 751 -40.45 35.49 26.66
N SER A 752 -41.23 35.42 25.59
CA SER A 752 -42.54 34.76 25.60
C SER A 752 -42.30 33.27 25.37
N SER A 753 -41.90 32.60 26.44
CA SER A 753 -41.52 31.20 26.34
C SER A 753 -41.81 30.52 27.67
N THR A 754 -41.90 29.19 27.60
CA THR A 754 -42.12 28.38 28.78
C THR A 754 -40.96 28.49 29.76
N LYS A 755 -41.31 28.68 31.04
CA LYS A 755 -40.33 28.90 32.09
C LYS A 755 -39.67 27.60 32.55
N GLU A 756 -40.44 26.51 32.60
CA GLU A 756 -39.87 25.22 33.01
C GLU A 756 -38.77 24.77 32.05
N ASP A 757 -38.96 25.02 30.76
CA ASP A 757 -38.03 24.56 29.74
C ASP A 757 -36.62 25.08 29.98
N LEU A 758 -36.49 26.36 30.35
CA LEU A 758 -35.15 26.94 30.49
C LEU A 758 -34.37 26.26 31.60
N LEU A 759 -34.97 26.13 32.79
CA LEU A 759 -34.29 25.41 33.86
C LEU A 759 -34.11 23.93 33.51
N ARG A 760 -35.11 23.33 32.86
CA ARG A 760 -34.96 21.95 32.39
C ARG A 760 -33.69 21.79 31.57
N LEU A 761 -33.31 22.83 30.83
CA LEU A 761 -32.15 22.72 29.94
C LEU A 761 -30.85 22.54 30.73
N LYS A 762 -30.69 23.26 31.85
CA LYS A 762 -29.43 23.17 32.58
C LYS A 762 -29.08 21.71 32.90
N LYS A 763 -30.08 20.89 33.19
CA LYS A 763 -29.84 19.46 33.42
C LYS A 763 -29.53 18.76 32.11
N GLN A 764 -30.04 19.28 30.99
CA GLN A 764 -29.74 18.66 29.69
C GLN A 764 -28.31 18.91 29.27
N MET A 765 -27.73 20.04 29.69
CA MET A 765 -26.38 20.43 29.34
C MET A 765 -25.37 19.94 30.37
N ARG A 766 -25.72 20.01 31.66
CA ARG A 766 -24.77 19.63 32.71
C ARG A 766 -24.40 18.15 32.62
N VAL A 767 -25.41 17.29 32.43
CA VAL A 767 -25.14 15.86 32.33
C VAL A 767 -24.45 15.53 31.02
N PHE A 768 -24.69 16.32 29.98
CA PHE A 768 -24.02 16.10 28.70
C PHE A 768 -22.52 16.38 28.80
N CYS A 769 -22.13 17.36 29.63
CA CYS A 769 -20.71 17.66 29.79
C CYS A 769 -19.98 16.49 30.42
N GLN A 770 -20.56 15.91 31.48
CA GLN A 770 -19.92 14.76 32.13
C GLN A 770 -19.90 13.55 31.21
N ILE A 771 -20.93 13.40 30.37
CA ILE A 771 -20.92 12.34 29.36
C ILE A 771 -19.73 12.51 28.42
N CYS A 772 -19.59 13.72 27.87
CA CYS A 772 -18.47 13.99 26.95
C CYS A 772 -17.14 13.84 27.67
N GLN A 773 -17.07 14.29 28.94
CA GLN A 773 -15.83 14.17 29.69
C GLN A 773 -15.43 12.70 29.87
N HIS A 774 -16.42 11.82 30.02
CA HIS A 774 -16.12 10.40 30.12
C HIS A 774 -15.52 9.88 28.82
N TYR A 775 -16.16 10.19 27.69
CA TYR A 775 -15.69 9.72 26.39
C TYR A 775 -14.39 10.40 25.97
N LEU A 776 -14.00 11.50 26.61
CA LEU A 776 -12.72 12.14 26.30
C LEU A 776 -11.55 11.27 26.73
N THR A 777 -11.74 10.42 27.74
CA THR A 777 -10.72 9.49 28.19
C THR A 777 -10.74 8.17 27.44
N ASN A 778 -11.78 7.92 26.64
CA ASN A 778 -11.87 6.71 25.83
C ASN A 778 -10.61 6.49 25.02
N VAL A 779 -10.35 5.24 24.64
CA VAL A 779 -9.13 4.92 23.91
C VAL A 779 -9.26 5.19 22.42
N ASN A 780 -10.47 5.18 21.88
CA ASN A 780 -10.69 5.40 20.45
C ASN A 780 -10.47 6.88 20.14
N THR A 781 -9.71 7.14 19.07
CA THR A 781 -9.28 8.50 18.78
C THR A 781 -10.43 9.35 18.23
N THR A 782 -11.14 8.85 17.23
CA THR A 782 -12.20 9.65 16.62
C THR A 782 -13.29 9.98 17.63
N VAL A 783 -13.48 9.13 18.65
CA VAL A 783 -14.43 9.47 19.71
C VAL A 783 -13.90 10.61 20.56
N LYS A 784 -12.61 10.57 20.91
CA LYS A 784 -12.01 11.67 21.66
C LYS A 784 -12.14 12.98 20.89
N GLU A 785 -11.73 12.98 19.62
CA GLU A 785 -11.81 14.18 18.80
C GLU A 785 -13.23 14.76 18.80
N GLN A 786 -14.23 13.89 18.68
CA GLN A 786 -15.61 14.38 18.60
C GLN A 786 -16.06 14.99 19.92
N ALA A 787 -15.78 14.31 21.03
CA ALA A 787 -16.13 14.87 22.34
C ALA A 787 -15.41 16.19 22.57
N PHE A 788 -14.16 16.29 22.13
CA PHE A 788 -13.37 17.49 22.37
C PHE A 788 -13.92 18.68 21.59
N THR A 789 -14.28 18.49 20.32
CA THR A 789 -14.77 19.60 19.52
C THR A 789 -16.11 20.11 20.04
N ILE A 790 -17.03 19.19 20.35
CA ILE A 790 -18.34 19.60 20.86
C ILE A 790 -18.19 20.32 22.19
N LEU A 791 -17.25 19.86 23.03
CA LEU A 791 -17.05 20.47 24.33
C LEU A 791 -16.53 21.90 24.20
N CYS A 792 -15.54 22.11 23.34
CA CYS A 792 -14.99 23.45 23.14
C CYS A 792 -16.03 24.39 22.53
N ASP A 793 -16.97 23.86 21.74
CA ASP A 793 -18.05 24.67 21.22
C ASP A 793 -19.08 24.96 22.29
N ILE A 794 -19.52 23.92 23.01
CA ILE A 794 -20.48 24.09 24.09
C ILE A 794 -19.97 25.13 25.09
N LEU A 795 -18.71 24.98 25.51
CA LEU A 795 -18.15 25.84 26.54
C LEU A 795 -18.08 27.29 26.11
N MET A 796 -18.03 27.55 24.80
CA MET A 796 -18.04 28.93 24.31
C MET A 796 -19.46 29.47 24.23
N ILE A 797 -20.39 28.67 23.68
CA ILE A 797 -21.76 29.11 23.53
C ILE A 797 -22.35 29.52 24.87
N PHE A 798 -21.98 28.82 25.94
CA PHE A 798 -22.51 29.08 27.27
C PHE A 798 -21.63 30.01 28.11
N SER A 799 -20.61 30.62 27.51
CA SER A 799 -19.73 31.48 28.26
C SER A 799 -20.48 32.71 28.78
N HIS A 800 -19.79 33.47 29.65
CA HIS A 800 -20.35 34.70 30.18
C HIS A 800 -20.88 35.61 29.07
N GLN A 801 -20.26 35.57 27.89
CA GLN A 801 -20.61 36.45 26.80
C GLN A 801 -22.01 36.17 26.24
N ILE A 802 -22.62 35.05 26.61
CA ILE A 802 -23.99 34.75 26.22
C ILE A 802 -24.95 35.84 26.62
N MET A 803 -24.57 36.67 27.60
CA MET A 803 -25.46 37.69 28.15
C MET A 803 -25.30 39.06 27.49
N SER A 804 -24.10 39.38 27.01
CA SER A 804 -23.72 40.75 26.68
C SER A 804 -24.83 41.56 26.02
N GLY A 805 -25.30 41.11 24.85
CA GLY A 805 -26.24 41.89 24.07
C GLY A 805 -27.63 41.98 24.64
N GLY A 806 -27.75 42.47 25.87
CA GLY A 806 -29.05 42.61 26.50
C GLY A 806 -29.71 41.30 26.85
N ARG A 807 -28.96 40.20 26.86
CA ARG A 807 -29.52 38.87 27.09
C ARG A 807 -29.31 38.44 28.54
N ASP A 808 -29.80 39.28 29.44
CA ASP A 808 -29.60 39.04 30.87
C ASP A 808 -30.43 37.88 31.38
N MET A 809 -31.43 37.44 30.61
CA MET A 809 -32.28 36.32 31.00
C MET A 809 -31.50 35.04 31.22
N LEU A 810 -30.33 34.90 30.62
CA LEU A 810 -29.65 33.62 30.51
C LEU A 810 -28.58 33.40 31.58
N GLU A 811 -28.55 34.25 32.61
CA GLU A 811 -27.61 34.06 33.72
C GLU A 811 -27.66 32.65 34.31
N PRO A 812 -28.83 32.06 34.59
CA PRO A 812 -28.82 30.71 35.18
C PRO A 812 -28.18 29.65 34.29
N LEU A 813 -28.03 29.92 33.00
CA LEU A 813 -27.48 28.93 32.07
C LEU A 813 -25.95 28.88 32.08
N VAL A 814 -25.29 29.89 32.66
CA VAL A 814 -23.83 29.95 32.60
C VAL A 814 -23.24 28.73 33.27
N TYR A 815 -22.19 28.17 32.65
CA TYR A 815 -21.54 26.96 33.11
C TYR A 815 -20.03 27.19 33.16
N THR A 816 -19.42 26.87 34.30
CA THR A 816 -17.99 27.04 34.48
C THR A 816 -17.33 25.69 34.73
N PRO A 817 -16.27 25.34 34.01
CA PRO A 817 -15.71 23.99 34.10
C PRO A 817 -14.90 23.79 35.37
N ASP A 818 -14.79 22.51 35.76
CA ASP A 818 -13.97 22.12 36.89
C ASP A 818 -12.49 22.11 36.49
N SER A 819 -11.63 22.06 37.52
CA SER A 819 -10.22 21.78 37.29
C SER A 819 -10.04 20.45 36.57
N SER A 820 -10.88 19.46 36.92
CA SER A 820 -10.77 18.15 36.28
C SER A 820 -10.98 18.25 34.77
N LEU A 821 -12.00 19.02 34.35
CA LEU A 821 -12.29 19.14 32.93
C LEU A 821 -11.20 19.92 32.21
N GLN A 822 -10.73 21.01 32.83
CA GLN A 822 -9.68 21.82 32.21
C GLN A 822 -8.42 20.99 31.98
N SER A 823 -8.06 20.15 32.94
CA SER A 823 -6.88 19.31 32.77
C SER A 823 -7.09 18.28 31.67
N GLU A 824 -8.26 17.65 31.63
CA GLU A 824 -8.55 16.66 30.59
C GLU A 824 -8.50 17.29 29.21
N LEU A 825 -9.02 18.50 29.06
CA LEU A 825 -8.97 19.19 27.78
C LEU A 825 -7.53 19.49 27.37
N LEU A 826 -6.76 20.07 28.29
CA LEU A 826 -5.34 20.33 28.02
C LEU A 826 -4.59 19.04 27.72
N SER A 827 -4.88 17.98 28.49
CA SER A 827 -4.23 16.70 28.27
C SER A 827 -4.45 16.20 26.85
N PHE A 828 -5.63 16.46 26.28
CA PHE A 828 -5.89 16.04 24.91
C PHE A 828 -5.00 16.77 23.93
N ILE A 829 -4.83 18.08 24.12
CA ILE A 829 -3.97 18.87 23.22
C ILE A 829 -2.55 18.34 23.27
N LEU A 830 -2.04 18.02 24.46
CA LEU A 830 -0.68 17.53 24.58
C LEU A 830 -0.49 16.19 23.88
N ASP A 831 -1.52 15.34 23.89
CA ASP A 831 -1.41 14.00 23.34
C ASP A 831 -1.78 13.92 21.86
N HIS A 832 -2.55 14.87 21.34
CA HIS A 832 -3.09 14.80 19.99
C HIS A 832 -2.60 15.90 19.06
N VAL A 833 -2.03 16.98 19.59
CA VAL A 833 -1.67 18.16 18.80
C VAL A 833 -0.16 18.34 18.73
N PHE A 834 0.51 18.36 19.88
CA PHE A 834 1.95 18.59 19.95
C PHE A 834 2.62 17.22 19.94
N ILE A 835 2.84 16.70 18.74
CA ILE A 835 3.22 15.31 18.52
C ILE A 835 4.62 15.28 17.90
N GLU A 836 5.18 14.07 17.86
CA GLU A 836 6.38 13.85 17.07
C GLU A 836 6.15 14.31 15.64
N GLN A 837 7.14 14.97 15.05
CA GLN A 837 7.04 15.45 13.68
C GLN A 837 8.16 14.88 12.82
N ASP A 838 7.91 14.83 11.51
CA ASP A 838 8.74 14.07 10.59
C ASP A 838 10.07 14.76 10.32
N ASP A 839 10.04 15.86 9.57
CA ASP A 839 11.25 16.57 9.13
C ASP A 839 12.30 15.59 8.63
N GLU A 849 -0.61 10.26 4.09
CA GLU A 849 -0.28 9.56 2.86
C GLU A 849 0.06 10.58 1.77
N ASP A 850 1.18 11.27 1.99
CA ASP A 850 1.70 12.32 1.11
C ASP A 850 0.83 13.56 1.17
N GLU A 851 1.20 14.57 0.37
CA GLU A 851 0.88 15.96 0.70
C GLU A 851 -0.61 16.17 1.00
N ALA A 852 -1.48 15.90 0.02
CA ALA A 852 -2.89 16.25 0.17
C ALA A 852 -3.46 15.77 1.50
N SER A 853 -3.16 14.53 1.88
CA SER A 853 -3.65 14.00 3.13
C SER A 853 -2.96 14.66 4.32
N LYS A 854 -1.64 14.84 4.24
CA LYS A 854 -0.90 15.41 5.35
C LYS A 854 -1.29 16.86 5.61
N ILE A 855 -1.70 17.58 4.57
CA ILE A 855 -2.24 18.92 4.78
C ILE A 855 -3.58 18.85 5.51
N GLU A 856 -4.44 17.91 5.10
CA GLU A 856 -5.75 17.78 5.71
C GLU A 856 -5.64 17.34 7.16
N ALA A 857 -4.66 16.48 7.47
CA ALA A 857 -4.42 16.11 8.86
C ALA A 857 -4.01 17.32 9.69
N LEU A 858 -3.11 18.14 9.16
CA LEU A 858 -2.69 19.35 9.85
C LEU A 858 -3.88 20.26 10.15
N HIS A 859 -4.74 20.49 9.16
CA HIS A 859 -5.86 21.39 9.34
C HIS A 859 -6.81 20.88 10.42
N LYS A 860 -6.98 19.57 10.52
CA LYS A 860 -7.78 19.02 11.61
C LYS A 860 -7.19 19.38 12.96
N ARG A 861 -5.90 19.13 13.13
CA ARG A 861 -5.24 19.43 14.40
C ARG A 861 -5.26 20.93 14.70
N ARG A 862 -5.19 21.76 13.67
CA ARG A 862 -5.30 23.20 13.87
C ARG A 862 -6.68 23.58 14.38
N ASN A 863 -7.72 22.92 13.86
CA ASN A 863 -9.08 23.18 14.34
C ASN A 863 -9.18 22.87 15.82
N LEU A 864 -8.65 21.71 16.24
CA LEU A 864 -8.70 21.33 17.64
C LEU A 864 -7.90 22.30 18.50
N LEU A 865 -6.75 22.74 18.00
CA LEU A 865 -5.94 23.71 18.74
C LEU A 865 -6.67 25.04 18.87
N ALA A 866 -7.25 25.53 17.77
CA ALA A 866 -8.00 26.78 17.84
C ALA A 866 -9.21 26.65 18.75
N ALA A 867 -9.82 25.46 18.81
CA ALA A 867 -10.97 25.26 19.67
C ALA A 867 -10.61 25.52 21.13
N PHE A 868 -9.45 25.02 21.58
CA PHE A 868 -9.02 25.23 22.96
C PHE A 868 -8.58 26.67 23.17
N CYS A 869 -7.83 27.24 22.23
CA CYS A 869 -7.36 28.60 22.38
C CYS A 869 -8.50 29.60 22.42
N LYS A 870 -9.63 29.29 21.75
CA LYS A 870 -10.81 30.14 21.91
C LYS A 870 -11.23 30.21 23.37
N LEU A 871 -11.13 29.09 24.09
CA LEU A 871 -11.47 29.09 25.50
C LEU A 871 -10.44 29.87 26.33
N ILE A 872 -9.20 29.97 25.84
CA ILE A 872 -8.16 30.68 26.58
C ILE A 872 -8.35 32.18 26.44
N VAL A 873 -8.40 32.69 25.21
CA VAL A 873 -8.52 34.13 25.00
C VAL A 873 -9.87 34.67 25.43
N TYR A 874 -10.82 33.80 25.78
CA TYR A 874 -12.13 34.22 26.29
C TYR A 874 -12.32 33.83 27.75
N THR A 875 -11.24 33.48 28.45
CA THR A 875 -11.19 33.42 29.92
C THR A 875 -12.21 32.45 30.49
N VAL A 876 -12.59 31.42 29.73
CA VAL A 876 -13.35 30.33 30.32
C VAL A 876 -12.42 29.48 31.19
N VAL A 877 -11.14 29.40 30.82
CA VAL A 877 -10.14 28.64 31.53
C VAL A 877 -9.06 29.62 32.01
N GLU A 878 -8.35 29.22 33.06
CA GLU A 878 -7.25 30.04 33.55
C GLU A 878 -6.22 30.26 32.45
N MET A 879 -5.67 31.47 32.39
CA MET A 879 -4.67 31.78 31.38
C MET A 879 -3.42 30.92 31.55
N ASN A 880 -3.16 30.44 32.78
CA ASN A 880 -1.97 29.64 33.01
C ASN A 880 -1.94 28.39 32.13
N THR A 881 -3.12 27.91 31.70
CA THR A 881 -3.16 26.77 30.81
C THR A 881 -2.37 27.05 29.53
N ALA A 882 -2.38 28.29 29.06
CA ALA A 882 -1.71 28.66 27.82
C ALA A 882 -0.21 28.47 27.89
N ALA A 883 0.36 28.20 29.07
CA ALA A 883 1.80 27.99 29.17
C ALA A 883 2.22 26.75 28.40
N ASP A 884 1.51 25.64 28.61
CA ASP A 884 1.81 24.41 27.88
C ASP A 884 1.64 24.57 26.37
N ILE A 885 0.98 25.64 25.94
CA ILE A 885 0.89 25.98 24.52
C ILE A 885 1.97 26.96 24.11
N PHE A 886 2.14 28.03 24.90
CA PHE A 886 3.07 29.10 24.51
C PHE A 886 4.49 28.55 24.34
N LYS A 887 4.86 27.55 25.14
CA LYS A 887 6.19 26.95 25.06
C LYS A 887 6.43 26.21 23.76
N GLN A 888 5.39 25.99 22.94
CA GLN A 888 5.50 25.26 21.69
C GLN A 888 5.65 26.20 20.49
N TYR A 889 5.78 27.51 20.73
CA TYR A 889 5.77 28.47 19.64
C TYR A 889 6.82 28.13 18.58
N MET A 890 8.10 28.15 18.98
CA MET A 890 9.16 27.93 18.01
C MET A 890 9.22 26.48 17.57
N LYS A 891 8.99 25.53 18.48
CA LYS A 891 9.08 24.13 18.12
C LYS A 891 8.09 23.77 17.02
N TYR A 892 6.87 24.33 17.09
CA TYR A 892 5.80 24.04 16.15
C TYR A 892 5.40 25.29 15.39
N TYR A 893 6.38 26.07 14.94
CA TYR A 893 6.09 27.36 14.32
C TYR A 893 5.24 27.18 13.06
N ASN A 894 5.77 26.43 12.08
CA ASN A 894 5.09 26.31 10.80
C ASN A 894 3.68 25.73 10.97
N ASP A 895 3.55 24.71 11.82
CA ASP A 895 2.26 24.02 11.95
C ASP A 895 1.25 24.86 12.71
N TYR A 896 1.64 25.39 13.88
CA TYR A 896 0.70 26.07 14.76
C TYR A 896 1.12 27.51 15.09
N GLY A 897 2.18 28.02 14.45
CA GLY A 897 2.70 29.31 14.87
C GLY A 897 1.66 30.41 14.85
N ASP A 898 0.88 30.49 13.77
CA ASP A 898 -0.06 31.59 13.63
C ASP A 898 -1.17 31.51 14.68
N ILE A 899 -1.58 30.30 15.06
CA ILE A 899 -2.61 30.18 16.09
C ILE A 899 -2.09 30.65 17.44
N ILE A 900 -0.87 30.25 17.80
CA ILE A 900 -0.32 30.64 19.09
C ILE A 900 -0.08 32.14 19.15
N LYS A 901 0.44 32.73 18.06
CA LYS A 901 0.69 34.17 18.07
C LYS A 901 -0.61 34.95 18.25
N GLU A 902 -1.70 34.48 17.65
CA GLU A 902 -3.00 35.12 17.86
C GLU A 902 -3.43 34.99 19.31
N THR A 903 -3.20 33.82 19.92
CA THR A 903 -3.49 33.66 21.34
C THR A 903 -2.63 34.58 22.19
N MET A 904 -1.36 34.74 21.82
CA MET A 904 -0.47 35.65 22.55
C MET A 904 -0.94 37.09 22.41
N SER A 905 -1.41 37.48 21.23
CA SER A 905 -1.86 38.86 21.03
C SER A 905 -3.14 39.13 21.80
N LYS A 906 -4.13 38.25 21.66
CA LYS A 906 -5.41 38.47 22.34
C LYS A 906 -5.25 38.48 23.85
N THR A 907 -4.39 37.60 24.37
CA THR A 907 -4.18 37.55 25.82
C THR A 907 -3.45 38.78 26.31
N ARG A 908 -2.48 39.29 25.53
CA ARG A 908 -1.77 40.51 25.92
C ARG A 908 -2.73 41.69 26.05
N GLN A 909 -3.76 41.73 25.21
CA GLN A 909 -4.73 42.82 25.26
C GLN A 909 -5.65 42.69 26.47
N ILE A 910 -5.97 41.47 26.87
CA ILE A 910 -6.84 41.23 28.02
C ILE A 910 -6.09 41.45 29.32
N ASP A 911 -4.91 40.83 29.47
CA ASP A 911 -4.21 40.85 30.76
C ASP A 911 -2.71 40.63 30.51
N LYS A 912 -1.98 41.75 30.41
CA LYS A 912 -0.56 41.68 30.07
C LYS A 912 0.27 41.09 31.21
N ILE A 913 -0.07 41.41 32.46
CA ILE A 913 0.72 40.86 33.56
C ILE A 913 0.46 39.37 33.71
N GLN A 914 -0.79 38.95 33.50
CA GLN A 914 -1.07 37.51 33.50
C GLN A 914 -0.52 36.85 32.25
N CYS A 915 -0.53 37.55 31.11
CA CYS A 915 0.12 37.03 29.91
C CYS A 915 1.60 36.81 30.16
N ALA A 916 2.28 37.80 30.74
CA ALA A 916 3.71 37.65 31.02
C ALA A 916 3.96 36.58 32.06
N LYS A 917 3.08 36.47 33.06
CA LYS A 917 3.24 35.42 34.08
C LYS A 917 3.17 34.04 33.44
N THR A 918 2.33 33.87 32.42
CA THR A 918 2.24 32.58 31.76
C THR A 918 3.39 32.35 30.78
N LEU A 919 3.93 33.42 30.20
CA LEU A 919 5.06 33.27 29.29
C LEU A 919 6.28 32.73 30.02
N ILE A 920 6.61 33.33 31.18
CA ILE A 920 7.75 32.84 31.96
C ILE A 920 7.50 31.42 32.43
N LEU A 921 6.24 31.08 32.74
CA LEU A 921 5.92 29.72 33.16
C LEU A 921 6.19 28.74 32.03
N SER A 922 5.95 29.16 30.78
CA SER A 922 6.29 28.31 29.64
C SER A 922 7.78 28.02 29.60
N LEU A 923 8.59 29.06 29.79
CA LEU A 923 10.05 28.88 29.83
C LEU A 923 10.46 28.06 31.05
N GLN A 924 9.79 28.29 32.18
CA GLN A 924 10.05 27.48 33.37
C GLN A 924 9.82 26.00 33.09
N GLN A 925 8.79 25.68 32.30
CA GLN A 925 8.51 24.29 31.99
C GLN A 925 9.54 23.73 31.02
N LEU A 926 9.90 24.49 29.99
CA LEU A 926 10.96 24.07 29.08
C LEU A 926 12.25 23.80 29.86
N PHE A 927 12.60 24.71 30.77
CA PHE A 927 13.74 24.48 31.65
C PHE A 927 13.58 23.18 32.43
N ASN A 928 12.41 22.97 33.01
CA ASN A 928 12.19 21.78 33.83
C ASN A 928 12.28 20.51 32.99
N GLU A 929 11.80 20.55 31.75
CA GLU A 929 11.92 19.38 30.88
C GLU A 929 13.37 19.03 30.63
N MET A 930 14.22 20.05 30.48
CA MET A 930 15.62 19.82 30.16
C MET A 930 16.36 19.17 31.32
N ILE A 931 16.06 19.57 32.56
CA ILE A 931 16.76 18.96 33.69
C ILE A 931 16.32 17.51 33.86
N GLN A 932 15.08 17.18 33.50
CA GLN A 932 14.65 15.79 33.55
C GLN A 932 15.30 14.96 32.46
N GLU A 933 15.61 15.56 31.31
CA GLU A 933 16.24 14.85 30.20
C GLU A 933 17.76 14.83 30.34
N ASN A 934 18.38 16.01 30.28
CA ASN A 934 19.85 16.09 30.32
C ASN A 934 20.37 15.87 31.73
N GLY A 935 19.88 16.65 32.69
CA GLY A 935 20.38 16.61 34.04
C GLY A 935 20.61 18.00 34.61
N TYR A 936 20.74 18.10 35.93
CA TYR A 936 20.90 19.40 36.56
C TYR A 936 22.18 20.09 36.10
N ASN A 937 23.28 19.33 35.98
CA ASN A 937 24.54 19.88 35.48
C ASN A 937 24.54 19.97 33.97
N PHE A 938 23.54 20.64 33.39
CA PHE A 938 23.44 20.70 31.95
C PHE A 938 24.44 21.70 31.38
N ASP A 939 24.63 21.64 30.06
CA ASP A 939 25.54 22.55 29.37
C ASP A 939 24.78 23.82 29.00
N ARG A 940 25.30 24.97 29.45
CA ARG A 940 24.71 26.26 29.06
C ARG A 940 24.95 26.56 27.59
N SER A 941 25.91 25.86 26.96
CA SER A 941 26.15 25.97 25.52
C SER A 941 25.33 24.98 24.71
N SER A 942 24.51 24.16 25.36
CA SER A 942 23.69 23.19 24.66
C SER A 942 22.77 23.88 23.66
N SER A 943 22.43 23.15 22.60
CA SER A 943 21.46 23.66 21.63
C SER A 943 20.09 23.82 22.25
N THR A 944 19.76 22.97 23.23
CA THR A 944 18.45 23.08 23.89
C THR A 944 18.37 24.35 24.71
N PHE A 945 19.39 24.62 25.53
CA PHE A 945 19.39 25.83 26.35
C PHE A 945 19.47 27.07 25.47
N SER A 946 20.22 26.99 24.37
CA SER A 946 20.27 28.10 23.43
C SER A 946 18.88 28.45 22.92
N GLY A 947 18.09 27.43 22.57
CA GLY A 947 16.76 27.68 22.03
C GLY A 947 15.80 28.25 23.05
N ILE A 948 15.96 27.88 24.33
CA ILE A 948 15.03 28.35 25.35
C ILE A 948 15.16 29.86 25.52
N LYS A 949 16.39 30.38 25.47
CA LYS A 949 16.58 31.81 25.69
C LYS A 949 16.28 32.64 24.45
N GLU A 950 16.45 32.05 23.26
CA GLU A 950 16.03 32.73 22.04
C GLU A 950 14.51 32.79 21.98
N LEU A 951 13.84 31.72 22.38
CA LEU A 951 12.39 31.77 22.58
C LEU A 951 12.03 32.90 23.53
N ALA A 952 12.82 33.08 24.60
CA ALA A 952 12.59 34.18 25.52
C ALA A 952 12.86 35.52 24.87
N ARG A 953 13.83 35.59 23.96
CA ARG A 953 14.12 36.85 23.28
C ARG A 953 12.95 37.28 22.41
N ARG A 954 12.31 36.33 21.71
CA ARG A 954 11.13 36.67 20.93
C ARG A 954 9.96 37.03 21.85
N PHE A 955 9.77 36.25 22.93
CA PHE A 955 8.79 36.59 23.94
C PHE A 955 8.93 38.04 24.38
N ALA A 956 10.18 38.53 24.45
CA ALA A 956 10.43 39.87 24.96
C ALA A 956 9.92 40.95 24.03
N LEU A 957 9.94 40.69 22.72
CA LEU A 957 9.48 41.68 21.75
C LEU A 957 7.97 41.87 21.79
N THR A 958 7.25 41.03 22.51
CA THR A 958 5.80 41.17 22.67
C THR A 958 5.43 42.23 23.71
N PHE A 959 6.41 42.93 24.27
CA PHE A 959 6.14 44.01 25.21
C PHE A 959 6.18 45.36 24.50
N LEU A 964 1.03 52.86 28.88
CA LEU A 964 1.50 51.67 28.18
C LEU A 964 1.30 50.44 29.05
N LYS A 965 1.48 50.60 30.37
CA LYS A 965 1.25 49.54 31.35
C LYS A 965 2.11 48.31 31.05
N THR A 966 3.23 48.50 30.35
CA THR A 966 4.24 47.46 30.20
C THR A 966 5.17 47.38 31.40
N ARG A 967 5.11 48.35 32.31
CA ARG A 967 6.03 48.37 33.45
C ARG A 967 5.68 47.27 34.45
N GLU A 968 4.40 47.19 34.84
CA GLU A 968 3.99 46.24 35.87
C GLU A 968 4.16 44.79 35.40
N ALA A 969 4.05 44.55 34.09
CA ALA A 969 4.15 43.19 33.58
C ALA A 969 5.58 42.69 33.61
N ILE A 970 6.50 43.44 32.99
CA ILE A 970 7.91 43.03 32.96
C ILE A 970 8.44 42.90 34.39
N ALA A 971 7.99 43.76 35.29
CA ALA A 971 8.43 43.69 36.68
C ALA A 971 8.01 42.37 37.31
N MET A 972 6.73 42.05 37.24
CA MET A 972 6.23 40.79 37.79
C MET A 972 6.95 39.60 37.17
N LEU A 973 7.27 39.69 35.87
CA LEU A 973 7.96 38.60 35.19
C LEU A 973 9.30 38.30 35.86
N HIS A 974 10.07 39.34 36.20
CA HIS A 974 11.35 39.14 36.85
C HIS A 974 11.17 38.63 38.28
N LYS A 975 10.14 39.12 38.97
CA LYS A 975 9.88 38.66 40.33
C LYS A 975 9.64 37.15 40.36
N ASP A 976 8.86 36.63 39.40
CA ASP A 976 8.63 35.20 39.33
C ASP A 976 9.87 34.46 38.89
N GLY A 977 10.49 34.90 37.80
CA GLY A 977 11.70 34.25 37.31
C GLY A 977 12.79 34.18 38.34
N ILE A 978 12.84 35.15 39.26
CA ILE A 978 13.86 35.14 40.30
C ILE A 978 13.53 34.10 41.36
N GLU A 979 12.28 34.08 41.84
CA GLU A 979 11.87 33.04 42.78
C GLU A 979 12.15 31.65 42.22
N PHE A 980 11.86 31.45 40.93
CA PHE A 980 12.07 30.16 40.31
C PHE A 980 13.55 29.80 40.26
N ALA A 981 14.43 30.80 40.13
CA ALA A 981 15.86 30.52 40.12
C ALA A 981 16.34 30.02 41.48
N PHE A 982 15.84 30.62 42.56
CA PHE A 982 16.31 30.33 43.91
C PHE A 982 15.35 29.43 44.69
N LYS A 983 14.30 28.90 44.04
CA LYS A 983 13.29 28.14 44.77
C LYS A 983 13.91 26.97 45.52
N GLU A 984 14.82 26.24 44.87
CA GLU A 984 15.42 25.06 45.44
C GLU A 984 16.89 25.29 45.79
N PRO A 985 17.32 25.01 47.02
CA PRO A 985 18.73 25.19 47.36
C PRO A 985 19.57 23.97 46.99
N ASN A 986 20.88 24.15 47.06
CA ASN A 986 21.78 23.07 46.72
C ASN A 986 21.77 22.00 47.81
N PRO A 987 21.90 20.72 47.44
CA PRO A 987 22.14 19.70 48.47
C PRO A 987 23.43 19.95 49.24
N GLN A 988 24.52 20.25 48.52
CA GLN A 988 25.85 20.36 49.13
C GLN A 988 26.40 21.77 48.93
N GLY A 989 25.84 22.73 49.67
CA GLY A 989 26.57 23.94 50.01
C GLY A 989 25.86 25.26 49.81
N GLU A 990 25.84 26.09 50.86
CA GLU A 990 25.28 27.44 50.73
C GLU A 990 26.21 28.33 49.91
N SER A 991 27.53 28.19 50.09
CA SER A 991 28.47 28.80 49.17
C SER A 991 28.44 28.12 47.81
N HIS A 992 27.87 26.91 47.72
CA HIS A 992 27.56 26.24 46.47
C HIS A 992 26.22 26.79 45.97
N PRO A 993 25.81 26.51 44.73
CA PRO A 993 24.76 27.33 44.09
C PRO A 993 23.36 26.77 44.26
N PRO A 994 22.34 27.63 44.30
CA PRO A 994 20.96 27.15 44.14
C PRO A 994 20.82 26.34 42.86
N LEU A 995 19.83 25.43 42.86
CA LEU A 995 19.72 24.45 41.78
C LEU A 995 19.32 25.10 40.46
N ASN A 996 18.34 26.00 40.49
CA ASN A 996 17.75 26.56 39.28
C ASN A 996 18.33 27.92 38.92
N LEU A 997 19.57 28.16 39.34
CA LEU A 997 20.16 29.50 39.21
C LEU A 997 20.47 29.85 37.76
N ALA A 998 20.68 28.84 36.91
CA ALA A 998 20.99 29.06 35.51
C ALA A 998 19.84 29.71 34.74
N PHE A 999 18.65 29.75 35.32
CA PHE A 999 17.51 30.42 34.70
C PHE A 999 17.77 31.91 34.47
N LEU A 1000 18.72 32.49 35.20
CA LEU A 1000 18.94 33.92 35.15
C LEU A 1000 19.37 34.37 33.76
N ASP A 1001 20.20 33.56 33.09
CA ASP A 1001 20.68 33.91 31.75
C ASP A 1001 19.55 33.90 30.72
N ILE A 1002 18.51 33.11 30.96
CA ILE A 1002 17.31 33.20 30.13
C ILE A 1002 16.59 34.52 30.41
N LEU A 1003 16.48 34.87 31.68
CA LEU A 1003 15.74 36.07 32.10
C LEU A 1003 16.44 37.34 31.65
N SER A 1004 17.73 37.30 31.36
CA SER A 1004 18.44 38.48 30.90
C SER A 1004 18.04 38.87 29.48
N GLU A 1005 17.41 37.95 28.74
CA GLU A 1005 16.85 38.28 27.43
C GLU A 1005 15.71 39.28 27.53
N PHE A 1006 15.18 39.50 28.74
CA PHE A 1006 14.08 40.41 28.97
C PHE A 1006 14.53 41.78 29.45
N SER A 1007 15.68 41.85 30.11
CA SER A 1007 16.14 43.11 30.70
C SER A 1007 16.37 44.18 29.65
N SER A 1008 16.72 43.79 28.42
CA SER A 1008 16.79 44.74 27.32
C SER A 1008 15.56 45.63 27.27
N LYS A 1009 14.40 45.08 27.63
CA LYS A 1009 13.14 45.80 27.55
C LYS A 1009 12.86 46.63 28.80
N LEU A 1010 13.52 46.34 29.92
CA LEU A 1010 13.17 46.99 31.17
C LEU A 1010 13.51 48.47 31.17
N LEU A 1011 12.79 49.22 31.99
CA LEU A 1011 12.99 50.65 32.15
C LEU A 1011 14.23 50.92 33.00
N ARG A 1012 14.78 52.14 32.83
CA ARG A 1012 15.92 52.56 33.64
C ARG A 1012 15.58 52.62 35.12
N GLN A 1013 14.32 52.94 35.44
CA GLN A 1013 13.96 53.28 36.81
C GLN A 1013 13.92 52.06 37.71
N ASP A 1014 13.44 50.93 37.20
CA ASP A 1014 13.17 49.76 38.01
C ASP A 1014 14.30 48.74 37.98
N LYS A 1015 15.36 48.98 37.21
CA LYS A 1015 16.47 48.02 37.16
C LYS A 1015 17.13 47.90 38.53
N ARG A 1016 17.31 49.02 39.22
CA ARG A 1016 17.93 49.00 40.55
C ARG A 1016 16.95 48.55 41.62
N THR A 1017 15.66 48.85 41.48
CA THR A 1017 14.67 48.37 42.42
C THR A 1017 14.63 46.83 42.42
N VAL A 1018 14.74 46.23 41.23
CA VAL A 1018 14.75 44.77 41.14
C VAL A 1018 15.97 44.20 41.85
N TYR A 1019 17.08 44.93 41.84
CA TYR A 1019 18.31 44.41 42.46
C TYR A 1019 18.17 44.30 43.97
N VAL A 1020 17.62 45.34 44.62
CA VAL A 1020 17.40 45.26 46.05
C VAL A 1020 16.50 44.07 46.37
N TYR A 1021 15.53 43.79 45.51
CA TYR A 1021 14.71 42.60 45.67
C TYR A 1021 15.55 41.35 45.53
N LEU A 1022 16.43 41.32 44.52
CA LEU A 1022 17.31 40.16 44.33
C LEU A 1022 18.26 39.99 45.51
N GLU A 1023 18.69 41.09 46.13
CA GLU A 1023 19.61 40.99 47.26
C GLU A 1023 18.95 40.33 48.47
N LYS A 1024 17.63 40.45 48.61
CA LYS A 1024 16.94 39.75 49.69
C LYS A 1024 17.10 38.24 49.55
N PHE A 1025 17.27 37.76 48.32
CA PHE A 1025 17.44 36.34 48.05
C PHE A 1025 18.91 35.91 48.07
N MET A 1026 19.82 36.79 47.66
CA MET A 1026 21.21 36.40 47.48
C MET A 1026 22.05 36.86 48.66
N THR A 1027 22.80 35.93 49.26
CA THR A 1027 23.74 36.24 50.32
C THR A 1027 25.01 36.80 49.71
N PHE A 1028 25.80 37.50 50.54
CA PHE A 1028 26.90 38.25 49.95
C PHE A 1028 28.02 37.33 49.47
N GLN A 1029 28.30 36.25 50.20
CA GLN A 1029 29.31 35.30 49.71
C GLN A 1029 29.01 34.91 48.27
N MET A 1030 27.71 34.77 47.94
CA MET A 1030 27.33 34.44 46.58
C MET A 1030 27.71 35.57 45.61
N SER A 1031 27.32 36.79 45.94
CA SER A 1031 27.63 37.91 45.04
C SER A 1031 29.14 38.08 44.89
N LEU A 1032 29.93 37.65 45.87
CA LEU A 1032 31.37 37.60 45.70
C LEU A 1032 31.81 36.47 44.80
N ARG A 1033 30.91 35.56 44.44
CA ARG A 1033 31.28 34.46 43.56
C ARG A 1033 31.36 34.92 42.11
N ARG A 1034 32.42 34.45 41.43
CA ARG A 1034 32.64 34.71 40.02
C ARG A 1034 32.92 33.44 39.21
N GLU A 1035 33.01 32.29 39.86
CA GLU A 1035 33.36 31.05 39.17
C GLU A 1035 32.29 30.67 38.13
N ASP A 1036 32.64 29.65 37.32
CA ASP A 1036 31.81 29.23 36.20
C ASP A 1036 30.33 29.10 36.59
N VAL A 1037 30.03 28.18 37.50
CA VAL A 1037 28.65 27.89 37.88
C VAL A 1037 27.84 29.15 38.11
N TRP A 1038 28.50 30.23 38.55
CA TRP A 1038 27.82 31.48 38.86
C TRP A 1038 27.78 32.44 37.69
N LEU A 1039 28.34 32.06 36.52
CA LEU A 1039 28.28 32.88 35.32
C LEU A 1039 26.86 33.27 34.95
N PRO A 1040 25.84 32.49 35.33
CA PRO A 1040 24.48 33.06 35.25
C PRO A 1040 24.34 34.37 36.01
N LEU A 1041 24.93 34.48 37.20
CA LEU A 1041 24.73 35.69 38.01
C LEU A 1041 25.32 36.92 37.32
N MET A 1042 26.63 36.92 37.07
CA MET A 1042 27.26 38.10 36.48
C MET A 1042 26.59 38.47 35.15
N SER A 1043 26.21 37.48 34.33
CA SER A 1043 25.51 37.81 33.10
C SER A 1043 24.25 38.61 33.39
N TYR A 1044 23.49 38.20 34.41
CA TYR A 1044 22.31 38.95 34.82
C TYR A 1044 22.69 40.28 35.46
N ARG A 1045 23.82 40.32 36.19
CA ARG A 1045 24.26 41.59 36.77
C ARG A 1045 24.63 42.59 35.68
N ASN A 1046 25.36 42.14 34.66
CA ASN A 1046 25.69 43.02 33.53
C ASN A 1046 24.45 43.62 32.91
N SER A 1047 23.31 42.93 32.99
CA SER A 1047 22.07 43.46 32.45
C SER A 1047 21.75 44.82 33.02
N LEU A 1048 21.97 45.01 34.32
CA LEU A 1048 21.55 46.21 35.02
C LEU A 1048 22.73 47.14 35.30
N LYS B 321 32.65 60.55 3.81
CA LYS B 321 33.01 60.50 2.40
C LYS B 321 31.79 60.76 1.51
N ARG B 322 32.03 60.93 0.21
CA ARG B 322 30.99 61.38 -0.71
C ARG B 322 29.77 60.47 -0.68
N LYS B 323 28.59 61.08 -0.81
CA LYS B 323 27.35 60.34 -1.01
C LYS B 323 27.16 59.90 -2.45
N LEU B 324 27.90 60.50 -3.39
CA LEU B 324 27.78 60.17 -4.80
C LEU B 324 28.03 58.69 -5.03
N ILE B 325 27.12 58.04 -5.74
CA ILE B 325 27.21 56.59 -5.94
C ILE B 325 28.15 56.31 -7.09
N VAL B 326 29.25 55.63 -6.79
CA VAL B 326 30.27 55.25 -7.77
C VAL B 326 30.42 53.75 -7.73
N ASP B 327 30.27 53.10 -8.89
CA ASP B 327 30.31 51.65 -8.99
C ASP B 327 31.73 51.21 -9.36
N SER B 328 32.34 50.41 -8.51
CA SER B 328 33.67 49.87 -8.81
C SER B 328 33.63 48.93 -10.01
N VAL B 329 32.59 48.10 -10.07
CA VAL B 329 32.42 47.10 -11.16
C VAL B 329 31.28 47.57 -12.03
N LYS B 330 31.55 47.88 -13.30
CA LYS B 330 30.53 48.35 -14.24
C LYS B 330 29.98 47.10 -14.92
N GLU B 331 30.73 46.46 -15.81
CA GLU B 331 30.25 45.29 -16.59
C GLU B 331 30.19 44.01 -15.75
N LEU B 332 29.59 42.94 -16.27
CA LEU B 332 29.53 41.61 -15.63
C LEU B 332 30.42 40.71 -16.49
N ASP B 333 31.37 40.01 -15.90
CA ASP B 333 32.38 39.21 -16.65
C ASP B 333 31.69 38.31 -17.66
N SER B 334 32.31 38.07 -18.81
CA SER B 334 31.78 37.12 -19.81
C SER B 334 31.65 35.78 -19.11
N LYS B 335 32.58 35.46 -18.22
CA LYS B 335 32.61 34.14 -17.57
C LYS B 335 31.34 33.99 -16.76
N THR B 336 30.88 35.05 -16.11
CA THR B 336 29.69 34.97 -15.24
C THR B 336 28.49 34.86 -16.15
N ILE B 337 28.55 35.37 -17.38
CA ILE B 337 27.40 35.34 -18.34
C ILE B 337 27.25 33.91 -18.83
N ARG B 338 28.34 33.18 -19.04
CA ARG B 338 28.29 31.78 -19.55
C ARG B 338 27.79 30.91 -18.42
N ALA B 339 28.08 31.27 -17.17
CA ALA B 339 27.51 30.53 -16.04
C ALA B 339 26.00 30.69 -15.97
N GLN B 340 25.51 31.91 -16.20
CA GLN B 340 24.07 32.15 -16.22
C GLN B 340 23.39 31.33 -17.31
N LEU B 341 24.08 31.17 -18.46
CA LEU B 341 23.51 30.40 -19.56
C LEU B 341 23.39 28.93 -19.22
N SER B 342 24.29 28.42 -18.38
CA SER B 342 24.38 26.99 -18.13
C SER B 342 23.60 26.53 -16.90
N ASP B 343 23.14 27.46 -16.06
CA ASP B 343 22.46 27.08 -14.82
C ASP B 343 21.46 28.18 -14.47
N TYR B 344 20.19 27.93 -14.76
CA TYR B 344 19.10 28.83 -14.36
C TYR B 344 18.17 28.16 -13.34
N SER B 345 18.63 27.11 -12.68
CA SER B 345 17.81 26.43 -11.68
C SER B 345 17.40 27.36 -10.55
N ASP B 346 18.20 28.40 -10.27
CA ASP B 346 17.92 29.30 -9.16
C ASP B 346 16.87 30.34 -9.50
N ILE B 347 16.42 30.42 -10.75
CA ILE B 347 15.43 31.39 -11.19
C ILE B 347 14.19 30.72 -11.76
N VAL B 348 14.03 29.42 -11.51
CA VAL B 348 12.81 28.68 -11.79
C VAL B 348 12.40 27.98 -10.50
N THR B 349 11.12 27.63 -10.39
CA THR B 349 10.61 27.00 -9.18
C THR B 349 9.55 25.97 -9.54
N THR B 350 8.98 25.36 -8.50
CA THR B 350 7.99 24.31 -8.67
C THR B 350 6.59 24.92 -8.80
N LEU B 351 5.67 24.13 -9.36
CA LEU B 351 4.29 24.55 -9.46
C LEU B 351 3.68 24.67 -8.06
N ASP B 352 3.24 25.88 -7.71
CA ASP B 352 2.47 26.11 -6.49
C ASP B 352 1.00 25.83 -6.83
N LEU B 353 0.59 24.58 -6.65
CA LEU B 353 -0.76 24.15 -7.07
C LEU B 353 -1.80 24.81 -6.17
N ALA B 354 -3.02 24.97 -6.66
CA ALA B 354 -4.13 25.56 -5.89
C ALA B 354 -4.85 24.42 -5.21
N PRO B 355 -5.61 24.64 -4.13
CA PRO B 355 -6.22 23.52 -3.44
C PRO B 355 -6.60 22.42 -4.43
N PRO B 356 -6.06 21.19 -4.38
CA PRO B 356 -6.39 20.16 -5.37
C PRO B 356 -7.60 19.28 -5.03
N THR B 357 -8.14 19.38 -3.81
CA THR B 357 -9.29 18.58 -3.34
C THR B 357 -10.36 19.52 -2.79
N LYS B 358 -11.62 19.21 -3.02
CA LYS B 358 -12.72 20.05 -2.55
C LYS B 358 -12.58 20.36 -1.07
N LYS B 359 -12.11 19.38 -0.29
CA LYS B 359 -11.92 19.61 1.14
C LYS B 359 -10.82 20.62 1.39
N LEU B 360 -9.73 20.54 0.66
CA LEU B 360 -8.59 21.46 0.89
C LEU B 360 -9.08 22.85 0.48
N MET B 361 -9.92 22.94 -0.56
CA MET B 361 -10.50 24.22 -1.01
C MET B 361 -11.30 24.79 0.15
N MET B 362 -12.15 23.98 0.74
CA MET B 362 -13.02 24.43 1.84
C MET B 362 -12.12 24.84 3.00
N TRP B 363 -11.03 24.14 3.23
CA TRP B 363 -10.17 24.39 4.43
C TRP B 363 -9.40 25.70 4.24
N LYS B 364 -9.30 26.21 3.02
CA LYS B 364 -8.57 27.48 2.75
C LYS B 364 -9.48 28.63 3.12
N GLU B 365 -10.76 28.55 2.75
CA GLU B 365 -11.71 29.67 3.00
C GLU B 365 -12.00 29.72 4.50
N THR B 366 -12.27 28.59 5.13
CA THR B 366 -12.51 28.54 6.57
C THR B 366 -11.21 28.51 7.39
N GLY B 367 -10.07 28.35 6.75
CA GLY B 367 -8.80 28.35 7.45
C GLY B 367 -8.35 29.75 7.81
N GLY B 368 -7.10 29.84 8.25
CA GLY B 368 -6.55 31.10 8.69
C GLY B 368 -7.02 31.47 10.08
N VAL B 369 -6.17 32.14 10.86
CA VAL B 369 -6.47 32.37 12.26
C VAL B 369 -7.78 33.13 12.43
N GLU B 370 -8.00 34.14 11.58
CA GLU B 370 -9.19 34.99 11.73
C GLU B 370 -10.46 34.17 11.66
N LYS B 371 -10.61 33.36 10.61
CA LYS B 371 -11.80 32.53 10.47
C LYS B 371 -11.85 31.48 11.57
N LEU B 372 -10.69 30.94 11.96
CA LEU B 372 -10.66 29.84 12.92
C LEU B 372 -11.12 30.28 14.30
N PHE B 373 -10.77 31.50 14.70
CA PHE B 373 -11.10 32.01 16.04
C PHE B 373 -12.46 32.68 16.09
N SER B 374 -13.17 32.77 14.97
CA SER B 374 -14.48 33.40 14.92
C SER B 374 -15.58 32.46 14.44
N LEU B 375 -15.28 31.18 14.26
CA LEU B 375 -16.25 30.20 13.78
C LEU B 375 -16.15 28.95 14.62
N PRO B 376 -17.25 28.20 14.74
CA PRO B 376 -17.24 27.02 15.62
C PRO B 376 -16.34 25.92 15.09
N ALA B 377 -15.98 25.01 15.99
CA ALA B 377 -15.19 23.85 15.60
C ALA B 377 -16.05 22.81 14.89
N GLN B 378 -17.30 22.66 15.31
CA GLN B 378 -18.24 21.74 14.65
C GLN B 378 -19.16 22.57 13.78
N PRO B 379 -19.08 22.45 12.45
CA PRO B 379 -19.83 23.37 11.58
C PRO B 379 -21.33 23.33 11.84
N LEU B 380 -21.93 24.52 11.91
CA LEU B 380 -23.37 24.69 12.03
C LEU B 380 -23.90 25.22 10.70
N TRP B 381 -24.78 24.45 10.06
CA TRP B 381 -25.17 24.74 8.69
C TRP B 381 -26.31 25.74 8.58
N ASN B 382 -27.04 26.00 9.67
CA ASN B 382 -28.09 27.01 9.67
C ASN B 382 -27.60 28.23 10.44
N ASN B 383 -27.65 29.41 9.80
CA ASN B 383 -27.20 30.63 10.45
C ASN B 383 -28.05 30.97 11.67
N ARG B 384 -29.25 30.41 11.77
CA ARG B 384 -30.03 30.55 13.00
C ARG B 384 -29.25 30.04 14.20
N LEU B 385 -28.42 29.01 13.99
CA LEU B 385 -27.57 28.45 15.03
C LEU B 385 -26.21 29.13 15.08
N LEU B 386 -25.59 29.33 13.90
CA LEU B 386 -24.27 29.96 13.86
C LEU B 386 -24.25 31.27 14.63
N LYS B 387 -25.35 32.05 14.54
CA LYS B 387 -25.42 33.27 15.31
C LYS B 387 -25.19 32.99 16.78
N LEU B 388 -25.92 32.01 17.34
CA LEU B 388 -25.81 31.65 18.74
C LEU B 388 -24.36 31.60 19.22
N PHE B 389 -23.42 31.33 18.31
CA PHE B 389 -22.01 31.25 18.61
C PHE B 389 -21.31 32.60 18.42
N THR B 390 -21.55 33.26 17.28
CA THR B 390 -20.94 34.56 17.01
C THR B 390 -21.47 35.66 17.94
N ARG B 391 -22.62 35.44 18.57
CA ARG B 391 -23.12 36.38 19.58
C ARG B 391 -22.07 36.61 20.66
N CYS B 392 -21.33 35.57 21.01
CA CYS B 392 -20.50 35.54 22.21
C CYS B 392 -19.06 35.97 21.95
N LEU B 393 -18.81 36.78 20.92
CA LEU B 393 -17.48 37.23 20.57
C LEU B 393 -17.34 38.70 20.95
N THR B 394 -16.32 39.00 21.76
CA THR B 394 -16.17 40.29 22.44
C THR B 394 -17.53 40.91 22.76
N ASN C 81 -33.88 -75.28 8.00
CA ASN C 81 -32.54 -75.86 8.03
C ASN C 81 -31.49 -74.86 7.57
N MET C 82 -30.99 -74.07 8.52
CA MET C 82 -29.80 -73.23 8.36
C MET C 82 -29.81 -72.41 7.08
N MET C 83 -30.94 -71.74 6.81
CA MET C 83 -31.08 -70.93 5.61
C MET C 83 -31.09 -69.43 5.86
N LEU C 84 -31.53 -68.98 7.04
CA LEU C 84 -31.76 -67.56 7.26
C LEU C 84 -30.45 -66.77 7.22
N PHE C 85 -29.44 -67.25 7.94
CA PHE C 85 -28.12 -66.60 7.88
C PHE C 85 -27.58 -66.59 6.45
N GLU C 86 -27.65 -67.74 5.76
CA GLU C 86 -27.20 -67.79 4.38
C GLU C 86 -27.96 -66.79 3.52
N VAL C 87 -29.28 -66.72 3.69
CA VAL C 87 -30.10 -65.81 2.89
C VAL C 87 -29.63 -64.38 3.06
N VAL C 88 -29.27 -64.00 4.29
CA VAL C 88 -28.93 -62.62 4.57
C VAL C 88 -27.57 -62.24 4.02
N LYS C 89 -26.69 -63.23 3.79
CA LYS C 89 -25.41 -62.94 3.15
C LYS C 89 -25.57 -62.80 1.64
N MET C 90 -26.52 -63.55 1.06
CA MET C 90 -26.72 -63.60 -0.39
C MET C 90 -28.17 -63.39 -0.77
N GLY C 91 -28.92 -62.63 0.03
CA GLY C 91 -30.27 -62.30 -0.34
C GLY C 91 -30.42 -61.90 -1.80
N LYS C 92 -29.60 -60.94 -2.23
CA LYS C 92 -29.82 -60.26 -3.52
C LYS C 92 -31.30 -59.91 -3.59
N SER C 93 -31.85 -59.47 -2.47
CA SER C 93 -33.27 -59.28 -2.29
C SER C 93 -33.49 -58.07 -1.39
N ALA C 94 -34.64 -57.45 -1.53
CA ALA C 94 -35.11 -56.53 -0.50
C ALA C 94 -35.14 -57.26 0.83
N MET C 95 -34.58 -56.64 1.87
CA MET C 95 -34.67 -57.23 3.19
C MET C 95 -36.13 -57.34 3.62
N GLN C 96 -36.98 -56.45 3.10
CA GLN C 96 -38.43 -56.60 3.25
C GLN C 96 -38.87 -58.01 2.89
N SER C 97 -38.27 -58.56 1.83
CA SER C 97 -38.62 -59.91 1.39
C SER C 97 -38.33 -60.94 2.46
N VAL C 98 -37.18 -60.81 3.12
CA VAL C 98 -36.77 -61.80 4.12
C VAL C 98 -37.49 -61.58 5.43
N VAL C 99 -37.85 -60.34 5.74
CA VAL C 99 -38.62 -60.08 6.95
C VAL C 99 -40.04 -60.61 6.80
N ASP C 100 -40.73 -60.22 5.72
CA ASP C 100 -42.14 -60.57 5.56
C ASP C 100 -42.34 -62.08 5.50
N ASP C 101 -41.43 -62.79 4.84
CA ASP C 101 -41.47 -64.25 4.89
C ASP C 101 -41.37 -64.75 6.33
N TRP C 102 -40.49 -64.13 7.12
CA TRP C 102 -40.34 -64.55 8.51
C TRP C 102 -41.59 -64.25 9.32
N ILE C 103 -42.17 -63.06 9.13
CA ILE C 103 -43.34 -62.68 9.92
C ILE C 103 -44.50 -63.64 9.66
N GLU C 104 -44.64 -64.11 8.42
CA GLU C 104 -45.68 -65.08 8.13
C GLU C 104 -45.43 -66.38 8.88
N SER C 105 -44.18 -66.84 8.91
CA SER C 105 -43.84 -68.02 9.69
C SER C 105 -44.13 -67.81 11.17
N TYR C 106 -43.88 -66.60 11.67
CA TYR C 106 -44.17 -66.30 13.07
C TYR C 106 -45.66 -66.44 13.37
N LYS C 107 -46.52 -66.03 12.43
CA LYS C 107 -47.96 -66.11 12.65
C LYS C 107 -48.41 -67.56 12.70
N HIS C 108 -47.85 -68.41 11.84
CA HIS C 108 -48.23 -69.82 11.81
C HIS C 108 -47.78 -70.53 13.08
N ASP C 109 -46.55 -70.30 13.51
CA ASP C 109 -46.02 -70.89 14.73
C ASP C 109 -44.97 -69.95 15.30
N ARG C 110 -45.26 -69.36 16.47
CA ARG C 110 -44.35 -68.39 17.05
C ARG C 110 -43.03 -69.04 17.45
N ASP C 111 -43.11 -70.17 18.17
CA ASP C 111 -41.90 -70.76 18.74
C ASP C 111 -40.95 -71.24 17.65
N ILE C 112 -41.48 -71.86 16.58
CA ILE C 112 -40.60 -72.27 15.49
C ILE C 112 -39.90 -71.06 14.89
N ALA C 113 -40.64 -69.96 14.71
CA ALA C 113 -40.06 -68.79 14.07
C ALA C 113 -39.04 -68.12 14.97
N LEU C 114 -39.34 -67.98 16.26
CA LEU C 114 -38.39 -67.36 17.18
C LEU C 114 -37.11 -68.17 17.26
N LEU C 115 -37.23 -69.50 17.27
CA LEU C 115 -36.04 -70.35 17.29
C LEU C 115 -35.18 -70.11 16.04
N ASP C 116 -35.83 -69.96 14.88
CA ASP C 116 -35.08 -69.57 13.68
C ASP C 116 -34.35 -68.25 13.91
N LEU C 117 -35.01 -67.32 14.60
CA LEU C 117 -34.43 -66.00 14.81
C LEU C 117 -33.32 -66.02 15.84
N ILE C 118 -33.49 -66.79 16.93
CA ILE C 118 -32.42 -66.96 17.90
C ILE C 118 -31.18 -67.49 17.21
N ASN C 119 -31.33 -68.60 16.49
CA ASN C 119 -30.18 -69.15 15.80
C ASN C 119 -29.54 -68.08 14.93
N PHE C 120 -30.35 -67.37 14.13
CA PHE C 120 -29.83 -66.36 13.21
C PHE C 120 -28.80 -65.46 13.88
N PHE C 121 -29.12 -64.98 15.09
CA PHE C 121 -28.17 -64.14 15.81
C PHE C 121 -26.94 -64.94 16.25
N ILE C 122 -27.13 -66.20 16.60
CA ILE C 122 -26.02 -67.05 17.03
C ILE C 122 -25.10 -67.36 15.86
N GLN C 123 -25.69 -67.72 14.72
CA GLN C 123 -24.91 -67.98 13.52
C GLN C 123 -24.25 -66.72 12.95
N CYS C 124 -24.78 -65.52 13.23
CA CYS C 124 -24.14 -64.31 12.72
C CYS C 124 -22.84 -63.98 13.45
N SER C 125 -22.56 -64.68 14.54
CA SER C 125 -21.28 -64.57 15.24
C SER C 125 -20.30 -65.64 14.79
N GLY C 126 -20.63 -66.40 13.74
CA GLY C 126 -19.82 -67.53 13.33
C GLY C 126 -19.96 -68.74 14.24
N CYS C 127 -21.02 -68.79 15.05
CA CYS C 127 -21.09 -69.77 16.11
C CYS C 127 -21.03 -71.20 15.57
N LYS C 128 -21.71 -71.47 14.46
CA LYS C 128 -21.67 -72.80 13.85
C LYS C 128 -22.35 -73.84 14.71
N GLY C 129 -23.16 -73.40 15.67
CA GLY C 129 -23.92 -74.29 16.53
C GLY C 129 -25.41 -74.03 16.38
N VAL C 130 -26.20 -74.95 16.96
CA VAL C 130 -27.64 -74.95 16.79
C VAL C 130 -28.29 -74.94 18.17
N VAL C 131 -29.22 -74.01 18.38
CA VAL C 131 -30.14 -74.09 19.50
C VAL C 131 -31.28 -75.01 19.10
N THR C 132 -31.61 -75.97 19.95
CA THR C 132 -32.67 -76.93 19.66
C THR C 132 -33.96 -76.51 20.35
N ALA C 133 -35.07 -77.09 19.88
CA ALA C 133 -36.35 -76.87 20.53
C ALA C 133 -36.27 -77.17 22.01
N GLU C 134 -35.65 -78.31 22.36
CA GLU C 134 -35.48 -78.67 23.77
C GLU C 134 -34.82 -77.54 24.54
N MET C 135 -33.73 -76.98 24.00
CA MET C 135 -33.05 -75.87 24.66
C MET C 135 -34.00 -74.69 24.83
N PHE C 136 -34.72 -74.34 23.76
CA PHE C 136 -35.63 -73.20 23.80
C PHE C 136 -36.63 -73.31 24.94
N ARG C 137 -37.08 -74.52 25.24
CA ARG C 137 -38.19 -74.69 26.18
C ARG C 137 -37.72 -74.64 27.62
N HIS C 138 -36.57 -75.24 27.94
CA HIS C 138 -36.18 -75.46 29.32
C HIS C 138 -34.91 -74.76 29.76
N MET C 139 -34.08 -74.29 28.83
CA MET C 139 -32.78 -73.72 29.19
C MET C 139 -32.86 -72.21 29.33
N GLN C 140 -32.23 -71.70 30.38
CA GLN C 140 -31.98 -70.27 30.50
C GLN C 140 -31.01 -69.82 29.43
N ASN C 141 -31.02 -68.51 29.15
CA ASN C 141 -30.11 -67.96 28.16
C ASN C 141 -28.65 -68.22 28.53
N SER C 142 -28.33 -68.07 29.81
CA SER C 142 -26.96 -68.31 30.28
C SER C 142 -26.49 -69.70 29.87
N GLU C 143 -27.32 -70.71 30.09
CA GLU C 143 -26.96 -72.07 29.70
C GLU C 143 -26.78 -72.20 28.20
N ILE C 144 -27.71 -71.63 27.42
CA ILE C 144 -27.63 -71.73 25.97
C ILE C 144 -26.32 -71.14 25.47
N ILE C 145 -26.00 -69.92 25.90
CA ILE C 145 -24.78 -69.27 25.43
C ILE C 145 -23.56 -70.13 25.78
N ARG C 146 -23.57 -70.77 26.95
CA ARG C 146 -22.45 -71.62 27.32
C ARG C 146 -22.35 -72.82 26.39
N LYS C 147 -23.48 -73.44 26.06
CA LYS C 147 -23.49 -74.58 25.14
C LYS C 147 -23.06 -74.15 23.75
N MET C 148 -23.48 -72.96 23.31
CA MET C 148 -23.05 -72.46 22.00
C MET C 148 -21.55 -72.17 22.00
N THR C 149 -20.99 -71.75 23.15
CA THR C 149 -19.57 -71.48 23.22
C THR C 149 -18.74 -72.75 23.02
N GLU C 150 -19.14 -73.83 23.68
CA GLU C 150 -18.39 -75.08 23.57
C GLU C 150 -18.63 -75.76 22.24
N GLU C 151 -19.79 -75.53 21.61
CA GLU C 151 -20.10 -76.09 20.31
C GLU C 151 -19.79 -75.13 19.18
N PHE C 152 -19.10 -74.03 19.48
CA PHE C 152 -18.73 -73.04 18.45
C PHE C 152 -18.01 -73.70 17.28
N ASP C 153 -17.13 -74.66 17.57
CA ASP C 153 -16.49 -75.46 16.53
C ASP C 153 -15.81 -74.57 15.48
N GLU C 154 -15.10 -73.54 15.95
CA GLU C 154 -14.51 -72.57 15.06
C GLU C 154 -13.29 -73.16 14.34
N ASP C 155 -13.03 -72.65 13.14
CA ASP C 155 -11.83 -72.98 12.39
C ASP C 155 -10.68 -72.02 12.67
N SER C 156 -10.97 -70.86 13.25
CA SER C 156 -9.97 -69.82 13.48
C SER C 156 -10.57 -68.82 14.47
N GLY C 157 -9.91 -67.69 14.65
CA GLY C 157 -10.37 -66.64 15.53
C GLY C 157 -11.27 -65.62 14.88
N ASP C 158 -11.53 -65.79 13.59
CA ASP C 158 -12.33 -64.83 12.78
C ASP C 158 -13.83 -65.11 12.98
N TYR C 159 -14.66 -64.06 13.06
CA TYR C 159 -16.14 -64.17 13.11
C TYR C 159 -16.67 -63.30 11.97
N PRO C 160 -17.87 -63.47 11.42
CA PRO C 160 -18.26 -62.68 10.26
C PRO C 160 -17.93 -61.17 10.21
N LEU C 161 -18.08 -60.42 11.31
CA LEU C 161 -17.93 -58.98 11.35
C LEU C 161 -16.48 -58.51 11.29
N THR C 162 -15.52 -59.43 11.32
CA THR C 162 -14.10 -59.07 11.24
C THR C 162 -13.46 -59.55 9.95
N MET C 163 -14.25 -60.09 9.01
CA MET C 163 -13.72 -60.50 7.72
C MET C 163 -13.58 -59.30 6.79
N ALA C 164 -12.77 -59.47 5.76
CA ALA C 164 -12.46 -58.41 4.81
C ALA C 164 -13.15 -58.67 3.48
N GLY C 165 -13.42 -57.59 2.74
CA GLY C 165 -13.97 -57.68 1.41
C GLY C 165 -15.35 -57.06 1.29
N PRO C 166 -15.67 -56.56 0.09
CA PRO C 166 -17.04 -56.05 -0.12
C PRO C 166 -18.13 -57.05 0.22
N GLN C 167 -17.90 -58.33 -0.09
CA GLN C 167 -18.93 -59.34 0.12
C GLN C 167 -19.29 -59.48 1.61
N TRP C 168 -18.29 -59.50 2.48
CA TRP C 168 -18.58 -59.52 3.91
C TRP C 168 -19.03 -58.14 4.40
N LYS C 169 -18.58 -57.07 3.73
CA LYS C 169 -19.06 -55.73 4.05
C LYS C 169 -20.53 -55.57 3.66
N LYS C 170 -20.97 -56.29 2.62
CA LYS C 170 -22.38 -56.30 2.27
C LYS C 170 -23.21 -57.10 3.27
N PHE C 171 -22.59 -58.10 3.91
CA PHE C 171 -23.28 -58.84 4.97
C PHE C 171 -23.59 -57.95 6.16
N LYS C 172 -22.62 -57.13 6.58
CA LYS C 172 -22.86 -56.23 7.70
C LYS C 172 -24.07 -55.34 7.42
N SER C 173 -24.15 -54.79 6.22
CA SER C 173 -25.31 -53.98 5.85
C SER C 173 -26.58 -54.81 5.92
N SER C 174 -26.58 -56.00 5.32
CA SER C 174 -27.76 -56.85 5.34
C SER C 174 -28.14 -57.21 6.78
N PHE C 175 -27.15 -57.55 7.61
CA PHE C 175 -27.42 -57.85 9.01
C PHE C 175 -28.16 -56.69 9.69
N CYS C 176 -27.71 -55.46 9.45
CA CYS C 176 -28.30 -54.32 10.13
C CYS C 176 -29.65 -53.93 9.54
N GLU C 177 -29.83 -54.12 8.23
CA GLU C 177 -31.11 -53.78 7.62
C GLU C 177 -32.20 -54.74 8.05
N PHE C 178 -31.88 -56.04 8.12
CA PHE C 178 -32.86 -57.03 8.56
C PHE C 178 -33.39 -56.69 9.95
N ILE C 179 -32.49 -56.36 10.88
CA ILE C 179 -32.91 -56.01 12.23
C ILE C 179 -33.82 -54.79 12.21
N GLY C 180 -33.44 -53.78 11.45
CA GLY C 180 -34.25 -52.57 11.40
C GLY C 180 -35.59 -52.78 10.72
N VAL C 181 -35.60 -53.49 9.60
CA VAL C 181 -36.84 -53.72 8.88
C VAL C 181 -37.76 -54.62 9.69
N LEU C 182 -37.19 -55.62 10.37
CA LEU C 182 -38.01 -56.53 11.18
C LEU C 182 -38.80 -55.78 12.23
N VAL C 183 -38.15 -54.93 12.99
CA VAL C 183 -38.81 -54.25 14.14
C VAL C 183 -39.83 -53.28 13.59
N ARG C 184 -39.57 -52.69 12.44
CA ARG C 184 -40.46 -51.64 11.88
C ARG C 184 -41.69 -52.31 11.28
N GLN C 185 -41.54 -53.44 10.61
CA GLN C 185 -42.67 -54.14 9.93
C GLN C 185 -43.59 -54.72 11.00
N CYS C 186 -43.11 -54.95 12.21
CA CYS C 186 -43.90 -55.52 13.33
C CYS C 186 -44.38 -54.39 14.23
N GLN C 187 -44.05 -53.15 13.95
CA GLN C 187 -44.29 -52.04 14.90
C GLN C 187 -45.73 -51.78 15.24
N TYR C 188 -46.71 -52.28 14.50
CA TYR C 188 -48.13 -51.90 14.68
C TYR C 188 -48.96 -53.03 15.30
N SER C 189 -48.35 -54.15 15.72
CA SER C 189 -49.08 -55.26 16.30
C SER C 189 -48.16 -56.20 17.04
N ILE C 190 -47.37 -56.94 16.27
CA ILE C 190 -46.56 -58.03 16.82
C ILE C 190 -45.65 -57.52 17.94
N ILE C 191 -45.07 -56.32 17.77
CA ILE C 191 -44.12 -55.80 18.75
C ILE C 191 -44.71 -55.73 20.15
N TYR C 192 -46.04 -55.71 20.28
CA TYR C 192 -46.69 -55.55 21.57
C TYR C 192 -47.21 -56.86 22.15
N ASP C 193 -46.90 -57.99 21.53
CA ASP C 193 -47.42 -59.28 21.99
C ASP C 193 -46.66 -59.83 23.19
N GLU C 194 -45.76 -59.06 23.78
CA GLU C 194 -45.06 -59.46 25.00
C GLU C 194 -44.40 -60.82 24.84
N TYR C 195 -43.78 -61.11 23.70
CA TYR C 195 -43.15 -62.43 23.43
C TYR C 195 -41.92 -62.32 22.52
N MET C 196 -42.05 -61.70 21.35
CA MET C 196 -40.94 -61.63 20.37
C MET C 196 -39.85 -60.74 20.92
N MET C 197 -40.18 -59.49 21.17
CA MET C 197 -39.14 -58.51 21.56
C MET C 197 -38.45 -59.01 22.83
N ASP C 198 -39.19 -59.31 23.88
CA ASP C 198 -38.58 -59.73 25.18
C ASP C 198 -37.58 -60.85 24.93
N THR C 199 -37.91 -61.81 24.08
CA THR C 199 -37.02 -62.95 23.78
C THR C 199 -35.76 -62.41 23.13
N VAL C 200 -35.88 -61.63 22.08
CA VAL C 200 -34.72 -61.13 21.30
C VAL C 200 -33.90 -60.22 22.21
N ILE C 201 -34.54 -59.28 22.90
CA ILE C 201 -33.82 -58.33 23.77
C ILE C 201 -33.05 -59.15 24.80
N SER C 202 -33.66 -60.19 25.39
CA SER C 202 -33.01 -61.01 26.43
C SER C 202 -31.76 -61.68 25.86
N LEU C 203 -31.89 -62.46 24.81
CA LEU C 203 -30.74 -63.21 24.25
C LEU C 203 -29.64 -62.21 23.97
N LEU C 204 -29.99 -61.04 23.45
CA LEU C 204 -28.98 -60.04 23.00
C LEU C 204 -28.48 -59.28 24.21
N THR C 205 -29.25 -59.19 25.29
CA THR C 205 -28.83 -58.49 26.52
C THR C 205 -27.86 -59.42 27.24
N GLY C 206 -27.83 -60.71 26.91
CA GLY C 206 -26.96 -61.70 27.58
C GLY C 206 -25.79 -62.09 26.72
N LEU C 207 -25.94 -62.03 25.41
CA LEU C 207 -24.85 -62.30 24.47
C LEU C 207 -23.92 -61.09 24.56
N SER C 208 -24.44 -59.91 24.90
CA SER C 208 -23.60 -58.73 25.05
C SER C 208 -22.82 -58.70 26.36
N ASP C 209 -23.10 -59.64 27.26
CA ASP C 209 -22.32 -59.78 28.49
C ASP C 209 -21.30 -60.90 28.39
N SER C 210 -21.22 -61.61 27.27
CA SER C 210 -20.35 -62.78 27.12
C SER C 210 -18.94 -62.33 26.83
N GLN C 211 -17.96 -63.06 27.33
CA GLN C 211 -16.54 -62.73 27.12
C GLN C 211 -16.17 -63.17 25.72
N VAL C 212 -17.03 -63.93 25.06
CA VAL C 212 -16.74 -64.45 23.69
C VAL C 212 -16.86 -63.24 22.80
N ARG C 213 -15.77 -62.67 22.33
CA ARG C 213 -15.87 -61.40 21.58
C ARG C 213 -16.91 -61.59 20.49
N ALA C 214 -16.88 -62.67 19.76
CA ALA C 214 -17.80 -62.84 18.61
C ALA C 214 -19.20 -62.51 19.07
N PHE C 215 -19.66 -63.12 20.14
CA PHE C 215 -21.05 -62.93 20.62
C PHE C 215 -21.22 -61.47 21.03
N ARG C 216 -20.26 -60.91 21.74
CA ARG C 216 -20.41 -59.53 22.25
C ARG C 216 -20.40 -58.57 21.07
N HIS C 217 -19.51 -58.66 20.10
CA HIS C 217 -19.45 -57.65 19.01
C HIS C 217 -20.74 -57.78 18.21
N THR C 218 -21.15 -59.01 17.89
CA THR C 218 -22.30 -59.26 16.99
C THR C 218 -23.62 -58.91 17.69
N SER C 219 -23.69 -59.00 19.00
CA SER C 219 -24.96 -58.79 19.75
C SER C 219 -25.08 -57.34 20.15
N THR C 220 -23.99 -56.67 20.46
CA THR C 220 -24.02 -55.23 20.74
C THR C 220 -24.44 -54.45 19.51
N LEU C 221 -23.89 -54.81 18.35
CA LEU C 221 -24.31 -54.18 17.10
C LEU C 221 -25.81 -54.36 16.90
N ALA C 222 -26.29 -55.60 16.98
CA ALA C 222 -27.72 -55.85 16.81
C ALA C 222 -28.54 -55.06 17.82
N ALA C 223 -28.07 -54.98 19.07
CA ALA C 223 -28.84 -54.27 20.09
C ALA C 223 -28.99 -52.80 19.76
N MET C 224 -27.92 -52.17 19.26
CA MET C 224 -28.01 -50.76 18.90
C MET C 224 -28.87 -50.57 17.65
N LYS C 225 -28.85 -51.51 16.73
CA LYS C 225 -29.70 -51.41 15.52
C LYS C 225 -31.17 -51.55 15.92
N LEU C 226 -31.48 -52.38 16.91
CA LEU C 226 -32.87 -52.58 17.38
C LEU C 226 -33.27 -51.28 18.06
N MET C 227 -32.41 -50.68 18.88
CA MET C 227 -32.85 -49.48 19.62
C MET C 227 -33.17 -48.40 18.58
N THR C 228 -32.32 -48.18 17.60
CA THR C 228 -32.59 -47.08 16.65
C THR C 228 -33.97 -47.36 16.04
N ALA C 229 -34.29 -48.62 15.81
CA ALA C 229 -35.58 -49.02 15.20
C ALA C 229 -36.67 -48.67 16.18
N LEU C 230 -36.48 -48.93 17.46
CA LEU C 230 -37.53 -48.70 18.46
C LEU C 230 -37.68 -47.19 18.68
N VAL C 231 -36.73 -46.38 18.23
CA VAL C 231 -36.78 -44.90 18.40
C VAL C 231 -37.63 -44.36 17.25
N ASN C 232 -37.67 -45.04 16.10
CA ASN C 232 -38.56 -44.67 14.96
C ASN C 232 -39.97 -45.09 15.35
N VAL C 233 -40.14 -46.20 16.09
CA VAL C 233 -41.45 -46.74 16.51
C VAL C 233 -42.06 -45.77 17.50
N ALA C 234 -41.26 -45.17 18.36
CA ALA C 234 -41.78 -44.30 19.43
C ALA C 234 -41.83 -42.87 18.94
N LEU C 235 -41.17 -42.56 17.85
CA LEU C 235 -41.24 -41.22 17.25
C LEU C 235 -42.57 -41.23 16.52
N ASN C 236 -42.93 -42.36 15.92
CA ASN C 236 -44.17 -42.51 15.15
C ASN C 236 -45.33 -42.55 16.14
N LEU C 237 -45.09 -43.04 17.34
CA LEU C 237 -46.16 -43.19 18.37
C LEU C 237 -46.37 -41.80 18.93
N SER C 238 -45.31 -41.05 19.20
CA SER C 238 -45.44 -39.69 19.69
C SER C 238 -46.18 -38.83 18.68
N ILE C 239 -45.89 -39.01 17.39
CA ILE C 239 -46.59 -38.23 16.36
C ILE C 239 -48.07 -38.58 16.34
N ASN C 240 -48.38 -39.87 16.34
CA ASN C 240 -49.79 -40.27 16.24
C ASN C 240 -50.58 -39.91 17.49
N MET C 241 -49.92 -39.80 18.66
CA MET C 241 -50.67 -39.39 19.83
C MET C 241 -50.90 -37.88 19.87
N ASP C 242 -50.02 -37.10 19.26
CA ASP C 242 -50.31 -35.67 19.08
C ASP C 242 -51.51 -35.49 18.16
N ASN C 243 -51.51 -36.18 17.01
CA ASN C 243 -52.64 -36.08 16.10
C ASN C 243 -53.93 -36.48 16.80
N THR C 244 -53.89 -37.53 17.63
CA THR C 244 -55.07 -37.97 18.35
C THR C 244 -55.48 -36.95 19.40
N GLN C 245 -54.51 -36.34 20.08
CA GLN C 245 -54.81 -35.26 21.02
C GLN C 245 -55.49 -34.09 20.31
N ARG C 246 -55.06 -33.79 19.08
CA ARG C 246 -55.68 -32.69 18.33
C ARG C 246 -57.14 -32.99 18.02
N GLN C 247 -57.43 -34.22 17.59
CA GLN C 247 -58.80 -34.58 17.26
C GLN C 247 -59.68 -34.63 18.51
N TYR C 248 -59.10 -34.99 19.66
CA TYR C 248 -59.87 -34.98 20.89
C TYR C 248 -60.28 -33.57 21.28
N GLU C 249 -59.32 -32.64 21.34
CA GLU C 249 -59.65 -31.27 21.69
C GLU C 249 -60.55 -30.63 20.64
N ALA C 250 -60.43 -31.04 19.38
CA ALA C 250 -61.32 -30.54 18.34
C ALA C 250 -62.76 -30.93 18.62
N GLU C 251 -62.99 -32.21 18.96
CA GLU C 251 -64.35 -32.67 19.21
C GLU C 251 -64.97 -31.99 20.41
N ARG C 252 -64.18 -31.76 21.47
CA ARG C 252 -64.73 -31.12 22.66
C ARG C 252 -65.10 -29.67 22.37
N ASN C 253 -64.18 -28.91 21.76
CA ASN C 253 -64.45 -27.51 21.47
C ASN C 253 -65.75 -27.34 20.68
N LYS C 254 -66.10 -28.32 19.86
CA LYS C 254 -67.32 -28.26 19.06
C LYS C 254 -68.01 -29.61 19.03
N ALA C 260 -72.73 -36.15 21.02
CA ALA C 260 -71.35 -36.13 20.56
C ALA C 260 -70.41 -36.78 21.59
N ASN C 261 -70.98 -37.18 22.73
CA ASN C 261 -70.14 -37.55 23.86
C ASN C 261 -69.47 -38.91 23.67
N GLU C 262 -70.20 -39.88 23.14
CA GLU C 262 -69.64 -41.23 23.01
C GLU C 262 -68.51 -41.30 22.00
N ARG C 263 -68.28 -40.24 21.22
CA ARG C 263 -67.03 -40.12 20.47
C ARG C 263 -65.89 -39.77 21.40
N LEU C 264 -66.13 -38.83 22.33
CA LEU C 264 -65.11 -38.45 23.30
C LEU C 264 -64.62 -39.66 24.08
N GLU C 265 -65.50 -40.64 24.30
CA GLU C 265 -65.11 -41.83 25.06
C GLU C 265 -64.20 -42.74 24.23
N LEU C 266 -64.54 -42.97 22.96
CA LEU C 266 -63.71 -43.82 22.12
C LEU C 266 -62.35 -43.17 21.86
N LEU C 267 -62.33 -41.85 21.69
CA LEU C 267 -61.08 -41.16 21.43
C LEU C 267 -60.12 -41.30 22.59
N LEU C 268 -60.65 -41.28 23.82
CA LEU C 268 -59.81 -41.40 25.01
C LEU C 268 -59.40 -42.84 25.27
N GLN C 269 -60.20 -43.82 24.81
CA GLN C 269 -59.73 -45.20 24.82
C GLN C 269 -58.62 -45.42 23.80
N LYS C 270 -58.62 -44.64 22.71
CA LYS C 270 -57.50 -44.72 21.77
C LYS C 270 -56.27 -44.03 22.32
N ARG C 271 -56.46 -42.92 23.04
CA ARG C 271 -55.33 -42.29 23.72
C ARG C 271 -54.82 -43.17 24.85
N LYS C 272 -55.72 -43.91 25.51
CA LYS C 272 -55.28 -44.87 26.52
C LYS C 272 -54.44 -45.97 25.87
N GLU C 273 -54.94 -46.55 24.78
CA GLU C 273 -54.19 -47.60 24.09
C GLU C 273 -52.82 -47.10 23.66
N LEU C 274 -52.75 -45.89 23.14
CA LEU C 274 -51.49 -45.38 22.59
C LEU C 274 -50.47 -45.13 23.69
N GLN C 275 -50.93 -44.67 24.85
CA GLN C 275 -50.02 -44.51 25.99
C GLN C 275 -49.51 -45.86 26.46
N GLU C 276 -50.41 -46.85 26.55
CA GLU C 276 -49.97 -48.20 26.88
C GLU C 276 -48.92 -48.71 25.90
N ASN C 277 -49.10 -48.41 24.61
CA ASN C 277 -48.10 -48.77 23.62
C ASN C 277 -46.80 -48.02 23.88
N GLN C 278 -46.89 -46.71 24.16
CA GLN C 278 -45.69 -45.93 24.38
C GLN C 278 -44.91 -46.42 25.60
N ASP C 279 -45.62 -46.73 26.69
CA ASP C 279 -44.94 -47.23 27.87
C ASP C 279 -44.20 -48.54 27.58
N GLU C 280 -44.75 -49.38 26.71
CA GLU C 280 -44.07 -50.63 26.37
C GLU C 280 -42.83 -50.38 25.53
N ILE C 281 -42.88 -49.40 24.64
CA ILE C 281 -41.70 -49.09 23.83
C ILE C 281 -40.60 -48.47 24.69
N GLU C 282 -40.98 -47.59 25.61
CA GLU C 282 -40.00 -47.04 26.54
C GLU C 282 -39.35 -48.14 27.37
N ASN C 283 -40.15 -49.07 27.87
CA ASN C 283 -39.63 -50.13 28.76
C ASN C 283 -38.55 -50.87 27.98
N MET C 284 -38.76 -51.14 26.71
CA MET C 284 -37.80 -51.94 25.91
C MET C 284 -36.56 -51.11 25.68
N MET C 285 -36.71 -49.82 25.43
CA MET C 285 -35.58 -48.91 25.17
C MET C 285 -34.80 -48.69 26.46
N ASN C 286 -35.42 -48.82 27.63
CA ASN C 286 -34.77 -48.64 28.95
C ASN C 286 -34.16 -49.97 29.37
N ALA C 287 -34.16 -50.96 28.50
CA ALA C 287 -33.60 -52.29 28.78
C ALA C 287 -32.48 -52.61 27.80
N ILE C 288 -32.45 -51.95 26.65
CA ILE C 288 -31.36 -52.13 25.66
C ILE C 288 -30.36 -51.02 25.98
N PHE C 289 -30.76 -49.98 26.69
CA PHE C 289 -29.86 -48.88 27.09
C PHE C 289 -29.19 -49.30 28.38
N LYS C 290 -29.96 -49.74 29.37
CA LYS C 290 -29.39 -50.10 30.65
C LYS C 290 -28.70 -51.45 30.61
N GLY C 291 -29.13 -52.33 29.72
CA GLY C 291 -28.59 -53.69 29.70
C GLY C 291 -27.40 -53.84 28.78
N VAL C 292 -27.26 -52.95 27.80
CA VAL C 292 -26.21 -53.10 26.80
C VAL C 292 -25.35 -51.84 26.71
N PHE C 293 -25.98 -50.70 26.45
CA PHE C 293 -25.21 -49.49 26.14
C PHE C 293 -24.26 -49.13 27.28
N VAL C 294 -24.79 -48.91 28.48
CA VAL C 294 -24.02 -48.34 29.58
C VAL C 294 -22.89 -49.28 29.98
N HIS C 295 -22.85 -50.46 29.37
CA HIS C 295 -21.74 -51.40 29.57
C HIS C 295 -20.87 -51.56 28.34
N ARG C 296 -21.45 -51.56 27.15
CA ARG C 296 -20.68 -51.79 25.94
C ARG C 296 -20.03 -50.52 25.40
N TYR C 297 -20.59 -49.35 25.70
CA TYR C 297 -19.97 -48.11 25.21
C TYR C 297 -18.57 -47.94 25.75
N ARG C 298 -18.27 -48.54 26.91
CA ARG C 298 -16.93 -48.57 27.46
C ARG C 298 -16.36 -49.98 27.44
N ASP C 299 -16.70 -50.75 26.41
CA ASP C 299 -16.10 -52.05 26.20
C ASP C 299 -14.60 -51.90 26.00
N ALA C 300 -13.78 -52.88 26.31
CA ALA C 300 -12.33 -52.78 26.05
C ALA C 300 -12.15 -52.71 24.55
N ILE C 301 -12.72 -53.66 23.83
CA ILE C 301 -12.62 -53.72 22.35
C ILE C 301 -13.10 -52.37 21.85
N ALA C 302 -12.29 -51.65 21.09
CA ALA C 302 -12.61 -50.29 20.62
C ALA C 302 -13.73 -50.31 19.62
N GLU C 303 -13.79 -51.32 18.77
CA GLU C 303 -14.80 -51.37 17.68
C GLU C 303 -16.17 -51.51 18.33
N ILE C 304 -16.27 -52.07 19.53
CA ILE C 304 -17.56 -52.28 20.25
C ILE C 304 -17.90 -50.96 20.91
N ARG C 305 -16.94 -50.07 21.11
CA ARG C 305 -17.18 -48.73 21.70
C ARG C 305 -17.61 -47.78 20.57
N ALA C 306 -17.00 -47.88 19.39
CA ALA C 306 -17.38 -47.03 18.27
C ALA C 306 -18.79 -47.32 17.82
N ILE C 307 -19.22 -48.58 17.90
CA ILE C 307 -20.59 -48.95 17.55
C ILE C 307 -21.56 -48.19 18.45
N CYS C 308 -21.31 -48.21 19.76
CA CYS C 308 -22.26 -47.64 20.71
C CYS C 308 -22.37 -46.13 20.54
N ILE C 309 -21.24 -45.45 20.39
CA ILE C 309 -21.25 -43.99 20.32
C ILE C 309 -21.89 -43.52 19.02
N GLU C 310 -21.68 -44.26 17.92
CA GLU C 310 -22.27 -43.87 16.64
C GLU C 310 -23.79 -43.84 16.74
N GLU C 311 -24.38 -44.82 17.42
CA GLU C 311 -25.82 -45.04 17.37
C GLU C 311 -26.57 -44.16 18.36
N ILE C 312 -25.96 -43.83 19.50
CA ILE C 312 -26.56 -42.81 20.36
C ILE C 312 -26.61 -41.48 19.63
N GLY C 313 -25.57 -41.17 18.85
CA GLY C 313 -25.63 -40.00 18.00
C GLY C 313 -26.82 -40.05 17.05
N ILE C 314 -27.08 -41.21 16.48
CA ILE C 314 -28.19 -41.38 15.49
C ILE C 314 -29.49 -41.13 16.24
N TRP C 315 -29.66 -41.70 17.42
CA TRP C 315 -30.93 -41.60 18.18
C TRP C 315 -31.19 -40.13 18.47
N MET C 316 -30.17 -39.38 18.85
CA MET C 316 -30.33 -37.97 19.26
C MET C 316 -30.54 -37.12 18.01
N LYS C 317 -30.25 -37.63 16.81
CA LYS C 317 -30.51 -36.91 15.54
C LYS C 317 -31.98 -37.15 15.16
N MET C 318 -32.54 -38.32 15.44
CA MET C 318 -33.95 -38.64 15.03
C MET C 318 -34.92 -38.02 16.03
N TYR C 319 -35.14 -38.61 17.19
CA TYR C 319 -36.11 -38.12 18.20
C TYR C 319 -35.32 -37.19 19.11
N SER C 320 -34.92 -36.02 18.62
CA SER C 320 -34.14 -35.02 19.39
C SER C 320 -34.96 -34.55 20.58
N ASP C 321 -36.26 -34.39 20.39
CA ASP C 321 -37.14 -33.84 21.44
C ASP C 321 -37.06 -34.68 22.72
N ALA C 322 -36.61 -35.94 22.68
CA ALA C 322 -36.61 -36.85 23.86
C ALA C 322 -35.24 -37.43 24.18
N PHE C 323 -34.30 -37.48 23.24
CA PHE C 323 -32.96 -38.10 23.43
C PHE C 323 -31.86 -37.04 23.50
N LEU C 324 -32.02 -35.90 22.82
CA LEU C 324 -31.02 -34.80 22.87
C LEU C 324 -31.18 -34.08 24.20
N ASN C 325 -30.61 -34.63 25.26
CA ASN C 325 -30.60 -33.99 26.59
C ASN C 325 -29.30 -34.42 27.28
N ASP C 326 -28.99 -33.87 28.44
CA ASP C 326 -27.69 -34.14 29.10
C ASP C 326 -27.55 -35.63 29.41
N SER C 327 -28.64 -36.36 29.61
CA SER C 327 -28.59 -37.78 30.07
C SER C 327 -28.10 -38.70 28.97
N TYR C 328 -28.01 -38.22 27.73
CA TYR C 328 -27.49 -39.02 26.60
C TYR C 328 -26.26 -38.32 26.03
N LEU C 329 -26.18 -37.00 26.12
CA LEU C 329 -25.07 -36.26 25.49
C LEU C 329 -23.81 -36.58 26.28
N LYS C 330 -23.90 -36.82 27.58
CA LYS C 330 -22.73 -37.01 28.42
C LYS C 330 -21.85 -38.15 27.95
N TYR C 331 -22.45 -39.22 27.40
CA TYR C 331 -21.66 -40.36 26.95
C TYR C 331 -20.73 -39.96 25.81
N VAL C 332 -21.21 -39.10 24.90
CA VAL C 332 -20.33 -38.58 23.87
C VAL C 332 -19.30 -37.63 24.47
N GLY C 333 -19.68 -36.91 25.54
CA GLY C 333 -18.75 -35.98 26.15
C GLY C 333 -17.57 -36.69 26.81
N TRP C 334 -17.84 -37.82 27.47
CA TRP C 334 -16.75 -38.57 28.08
C TRP C 334 -15.93 -39.32 27.04
N THR C 335 -16.58 -39.91 26.05
CA THR C 335 -15.90 -40.79 25.11
C THR C 335 -15.04 -40.03 24.10
N MET C 336 -15.18 -38.72 23.98
CA MET C 336 -14.25 -37.98 23.13
C MET C 336 -12.89 -37.81 23.80
N HIS C 337 -12.74 -38.31 25.03
CA HIS C 337 -11.45 -38.45 25.68
C HIS C 337 -10.88 -39.86 25.53
N ASP C 338 -11.60 -40.75 24.85
CA ASP C 338 -11.10 -42.10 24.59
C ASP C 338 -9.75 -42.03 23.88
N LYS C 339 -8.93 -43.04 24.11
CA LYS C 339 -7.57 -43.06 23.58
C LYS C 339 -7.48 -43.68 22.18
N GLN C 340 -8.60 -44.10 21.60
CA GLN C 340 -8.60 -44.69 20.27
C GLN C 340 -9.25 -43.71 19.29
N GLY C 341 -8.56 -43.47 18.17
CA GLY C 341 -9.00 -42.41 17.27
C GLY C 341 -10.36 -42.67 16.65
N GLU C 342 -10.60 -43.92 16.24
CA GLU C 342 -11.87 -44.23 15.57
C GLU C 342 -13.06 -43.95 16.49
N VAL C 343 -12.86 -44.07 17.81
CA VAL C 343 -13.94 -43.79 18.74
C VAL C 343 -14.13 -42.29 18.90
N ARG C 344 -13.03 -41.56 19.10
CA ARG C 344 -13.10 -40.10 19.15
C ARG C 344 -13.73 -39.55 17.88
N LEU C 345 -13.40 -40.14 16.73
CA LEU C 345 -13.99 -39.69 15.47
C LEU C 345 -15.51 -39.78 15.53
N LYS C 346 -16.04 -40.91 15.99
CA LYS C 346 -17.48 -41.12 15.98
C LYS C 346 -18.18 -40.19 16.96
N CYS C 347 -17.50 -39.73 18.00
CA CYS C 347 -18.07 -38.72 18.87
C CYS C 347 -18.32 -37.43 18.10
N LEU C 348 -17.29 -36.97 17.38
CA LEU C 348 -17.41 -35.71 16.64
C LEU C 348 -18.46 -35.82 15.55
N THR C 349 -18.44 -36.92 14.80
CA THR C 349 -19.48 -37.18 13.80
C THR C 349 -20.87 -37.10 14.42
N ALA C 350 -21.07 -37.79 15.54
CA ALA C 350 -22.38 -37.78 16.19
C ALA C 350 -22.78 -36.37 16.59
N LEU C 351 -21.82 -35.54 16.98
CA LEU C 351 -22.12 -34.17 17.40
C LEU C 351 -22.35 -33.26 16.21
N GLN C 352 -21.65 -33.52 15.09
CA GLN C 352 -21.90 -32.77 13.86
C GLN C 352 -23.34 -32.95 13.40
N GLY C 353 -23.89 -34.15 13.56
CA GLY C 353 -25.26 -34.40 13.13
C GLY C 353 -26.28 -33.59 13.89
N LEU C 354 -26.01 -33.32 15.18
CA LEU C 354 -26.88 -32.51 16.00
C LEU C 354 -26.78 -31.03 15.67
N TYR C 355 -25.78 -30.64 14.88
CA TYR C 355 -25.59 -29.25 14.47
C TYR C 355 -26.02 -28.99 13.03
N TYR C 356 -25.89 -29.99 12.14
CA TYR C 356 -26.48 -29.86 10.81
C TYR C 356 -27.99 -29.68 10.90
N ASN C 357 -28.62 -30.23 11.95
CA ASN C 357 -30.01 -29.92 12.25
C ASN C 357 -30.25 -28.43 12.08
N LYS C 358 -29.34 -27.61 12.64
CA LYS C 358 -29.37 -26.16 12.60
C LYS C 358 -30.47 -25.60 13.50
N GLU C 359 -31.25 -26.47 14.15
CA GLU C 359 -32.29 -26.03 15.06
C GLU C 359 -31.65 -25.51 16.34
N LEU C 360 -31.92 -24.25 16.69
CA LEU C 360 -31.41 -23.71 17.94
C LEU C 360 -31.79 -24.63 19.08
N ASN C 361 -30.83 -24.96 19.94
CA ASN C 361 -31.09 -25.87 21.04
C ASN C 361 -30.46 -25.35 22.32
N SER C 362 -31.24 -25.39 23.39
CA SER C 362 -30.76 -24.93 24.69
C SER C 362 -29.86 -25.97 25.36
N LYS C 363 -30.14 -27.25 25.16
CA LYS C 363 -29.37 -28.31 25.82
C LYS C 363 -28.08 -28.64 25.06
N LEU C 364 -28.08 -28.47 23.74
CA LEU C 364 -26.86 -28.72 22.97
C LEU C 364 -25.83 -27.63 23.21
N GLU C 365 -26.27 -26.41 23.50
CA GLU C 365 -25.37 -25.29 23.73
C GLU C 365 -24.72 -25.34 25.10
N LEU C 366 -25.37 -25.98 26.08
CA LEU C 366 -24.75 -26.16 27.39
C LEU C 366 -23.72 -27.28 27.38
N PHE C 367 -23.93 -28.30 26.53
CA PHE C 367 -22.92 -29.34 26.36
C PHE C 367 -21.66 -28.76 25.71
N THR C 368 -21.84 -27.95 24.67
CA THR C 368 -20.69 -27.48 23.91
C THR C 368 -19.89 -26.43 24.67
N SER C 369 -20.50 -25.71 25.61
CA SER C 369 -19.78 -24.75 26.49
C SER C 369 -19.01 -25.58 27.52
N ARG C 370 -19.58 -26.69 28.00
CA ARG C 370 -18.93 -27.60 29.00
C ARG C 370 -17.67 -28.19 28.34
N PHE C 371 -17.80 -28.86 27.19
CA PHE C 371 -16.68 -29.56 26.51
C PHE C 371 -16.12 -28.71 25.35
N LYS C 372 -16.28 -27.38 25.29
CA LYS C 372 -15.69 -26.57 24.23
C LYS C 372 -14.18 -26.76 24.17
N ASP C 373 -13.52 -26.69 25.32
CA ASP C 373 -12.07 -26.66 25.38
C ASP C 373 -11.46 -27.99 24.94
N ARG C 374 -12.18 -29.10 25.15
CA ARG C 374 -11.72 -30.38 24.60
C ARG C 374 -11.99 -30.47 23.10
N ILE C 375 -13.07 -29.85 22.62
CA ILE C 375 -13.40 -29.90 21.20
C ILE C 375 -12.38 -29.11 20.39
N VAL C 376 -11.86 -28.02 20.96
CA VAL C 376 -10.86 -27.21 20.26
C VAL C 376 -9.53 -27.95 20.20
N SER C 377 -9.14 -28.58 21.31
CA SER C 377 -7.86 -29.28 21.37
C SER C 377 -7.78 -30.37 20.32
N MET C 378 -8.90 -31.07 20.08
CA MET C 378 -8.95 -32.16 19.12
C MET C 378 -8.63 -31.72 17.71
N THR C 379 -8.56 -30.40 17.45
CA THR C 379 -8.09 -29.92 16.16
C THR C 379 -6.65 -30.31 15.90
N LEU C 380 -5.91 -30.68 16.94
CA LEU C 380 -4.54 -31.17 16.83
C LEU C 380 -4.43 -32.60 17.33
N ASP C 381 -5.51 -33.38 17.16
CA ASP C 381 -5.50 -34.78 17.52
C ASP C 381 -4.42 -35.52 16.73
N LYS C 382 -3.81 -36.50 17.38
CA LYS C 382 -2.74 -37.26 16.72
C LYS C 382 -3.24 -37.91 15.45
N GLU C 383 -4.53 -38.24 15.39
CA GLU C 383 -5.16 -38.79 14.19
C GLU C 383 -5.74 -37.63 13.38
N TYR C 384 -5.25 -37.44 12.16
CA TYR C 384 -5.66 -36.27 11.38
C TYR C 384 -7.12 -36.36 10.94
N ASP C 385 -7.64 -37.57 10.79
CA ASP C 385 -9.06 -37.72 10.46
C ASP C 385 -9.94 -37.14 11.55
N VAL C 386 -9.55 -37.33 12.81
CA VAL C 386 -10.32 -36.75 13.91
C VAL C 386 -10.18 -35.23 13.93
N ALA C 387 -8.99 -34.73 13.60
CA ALA C 387 -8.76 -33.30 13.65
C ALA C 387 -9.57 -32.57 12.59
N VAL C 388 -9.75 -33.18 11.41
CA VAL C 388 -10.58 -32.58 10.39
C VAL C 388 -11.99 -32.37 10.93
N GLN C 389 -12.53 -33.37 11.64
CA GLN C 389 -13.90 -33.31 12.11
C GLN C 389 -14.06 -32.34 13.27
N ALA C 390 -13.05 -32.23 14.14
CA ALA C 390 -13.11 -31.24 15.20
C ALA C 390 -13.22 -29.84 14.63
N ILE C 391 -12.40 -29.54 13.62
CA ILE C 391 -12.46 -28.25 12.95
C ILE C 391 -13.85 -28.02 12.37
N LYS C 392 -14.34 -29.01 11.61
CA LYS C 392 -15.62 -28.87 10.94
C LYS C 392 -16.75 -28.69 11.94
N LEU C 393 -16.74 -29.46 13.03
CA LEU C 393 -17.71 -29.26 14.09
C LEU C 393 -17.64 -27.84 14.64
N LEU C 394 -16.42 -27.34 14.85
CA LEU C 394 -16.25 -25.96 15.31
C LEU C 394 -16.78 -24.97 14.29
N THR C 395 -16.67 -25.31 13.00
CA THR C 395 -17.24 -24.47 11.96
C THR C 395 -18.76 -24.42 12.07
N LEU C 396 -19.39 -25.55 12.40
CA LEU C 396 -20.84 -25.57 12.62
C LEU C 396 -21.24 -24.92 13.93
N VAL C 397 -20.30 -24.79 14.87
CA VAL C 397 -20.57 -24.10 16.13
C VAL C 397 -20.59 -22.59 15.96
N LEU C 398 -20.08 -22.10 14.83
CA LEU C 398 -20.16 -20.68 14.52
C LEU C 398 -21.59 -20.23 14.31
N GLN C 399 -22.42 -21.11 13.74
CA GLN C 399 -23.84 -20.84 13.61
C GLN C 399 -24.46 -20.53 14.96
N SER C 400 -24.17 -21.37 15.96
CA SER C 400 -24.86 -21.39 17.24
C SER C 400 -25.14 -20.00 17.78
N SER C 401 -26.28 -19.88 18.47
CA SER C 401 -26.78 -18.59 18.93
C SER C 401 -25.72 -17.79 19.68
N GLU C 402 -25.04 -18.42 20.64
CA GLU C 402 -24.06 -17.73 21.45
C GLU C 402 -22.68 -17.75 20.80
N GLU C 403 -21.86 -16.76 21.14
CA GLU C 403 -20.46 -16.70 20.69
C GLU C 403 -19.63 -17.46 21.72
N VAL C 404 -19.57 -18.78 21.54
CA VAL C 404 -18.98 -19.66 22.55
C VAL C 404 -17.46 -19.57 22.54
N LEU C 405 -16.86 -19.41 21.36
CA LEU C 405 -15.43 -19.52 21.18
C LEU C 405 -14.73 -18.21 21.47
N THR C 406 -13.61 -18.28 22.18
CA THR C 406 -12.81 -17.10 22.45
C THR C 406 -11.96 -16.71 21.25
N ALA C 407 -11.37 -15.53 21.32
CA ALA C 407 -10.40 -15.11 20.33
C ALA C 407 -9.28 -16.14 20.21
N GLU C 408 -8.73 -16.57 21.35
CA GLU C 408 -7.65 -17.55 21.34
C GLU C 408 -8.02 -18.78 20.52
N ASP C 409 -9.21 -19.33 20.77
CA ASP C 409 -9.64 -20.54 20.07
C ASP C 409 -9.59 -20.33 18.56
N CYS C 410 -10.18 -19.25 18.08
CA CYS C 410 -10.25 -19.03 16.64
C CYS C 410 -8.86 -18.91 16.03
N GLU C 411 -7.93 -18.26 16.73
CA GLU C 411 -6.59 -18.08 16.16
C GLU C 411 -5.83 -19.40 16.12
N ASN C 412 -6.09 -20.31 17.06
CA ASN C 412 -5.48 -21.63 16.96
C ASN C 412 -6.00 -22.39 15.75
N VAL C 413 -7.27 -22.18 15.39
CA VAL C 413 -7.78 -22.80 14.16
C VAL C 413 -7.16 -22.14 12.94
N TYR C 414 -7.03 -20.80 12.96
CA TYR C 414 -6.50 -20.09 11.81
C TYR C 414 -5.12 -20.61 11.42
N HIS C 415 -4.26 -20.86 12.43
CA HIS C 415 -2.92 -21.35 12.14
C HIS C 415 -2.94 -22.60 11.26
N LEU C 416 -3.99 -23.42 11.39
CA LEU C 416 -3.99 -24.74 10.77
C LEU C 416 -4.13 -24.69 9.25
N VAL C 417 -4.40 -23.51 8.68
CA VAL C 417 -4.37 -23.39 7.22
C VAL C 417 -2.95 -23.65 6.71
N TYR C 418 -1.95 -23.41 7.54
CA TYR C 418 -0.55 -23.61 7.19
C TYR C 418 -0.07 -25.04 7.52
N SER C 419 -0.99 -25.96 7.78
CA SER C 419 -0.62 -27.31 8.14
C SER C 419 -0.26 -28.13 6.90
N ALA C 420 0.53 -29.18 7.12
CA ALA C 420 0.97 -30.03 6.02
C ALA C 420 -0.18 -30.81 5.42
N HIS C 421 -1.06 -31.34 6.26
CA HIS C 421 -2.17 -32.19 5.81
C HIS C 421 -3.24 -31.30 5.19
N ARG C 422 -3.37 -31.36 3.86
CA ARG C 422 -4.38 -30.55 3.19
C ARG C 422 -5.77 -30.71 3.78
N PRO C 423 -6.25 -31.94 4.04
CA PRO C 423 -7.56 -32.10 4.70
C PRO C 423 -7.76 -31.18 5.90
N VAL C 424 -6.73 -31.03 6.74
CA VAL C 424 -6.84 -30.11 7.87
C VAL C 424 -6.86 -28.67 7.40
N ALA C 425 -6.05 -28.35 6.39
CA ALA C 425 -5.88 -26.95 6.00
C ALA C 425 -7.17 -26.36 5.44
N VAL C 426 -7.86 -27.11 4.58
CA VAL C 426 -9.09 -26.59 3.99
C VAL C 426 -10.22 -26.59 5.01
N ALA C 427 -10.20 -27.54 5.95
CA ALA C 427 -11.19 -27.48 7.03
C ALA C 427 -11.03 -26.21 7.83
N ALA C 428 -9.79 -25.80 8.11
CA ALA C 428 -9.57 -24.52 8.77
C ALA C 428 -9.87 -23.36 7.83
N GLY C 429 -9.62 -23.53 6.53
CA GLY C 429 -9.96 -22.50 5.58
C GLY C 429 -11.44 -22.17 5.59
N GLU C 430 -12.29 -23.20 5.63
CA GLU C 430 -13.73 -22.96 5.77
C GLU C 430 -14.03 -22.19 7.04
N PHE C 431 -13.40 -22.58 8.15
CA PHE C 431 -13.57 -21.86 9.40
C PHE C 431 -13.16 -20.40 9.25
N LEU C 432 -11.96 -20.16 8.73
CA LEU C 432 -11.50 -18.81 8.46
C LEU C 432 -12.48 -18.05 7.58
N TYR C 433 -12.92 -18.68 6.49
CA TYR C 433 -13.83 -18.03 5.57
C TYR C 433 -15.11 -17.58 6.26
N LYS C 434 -15.76 -18.49 7.00
CA LYS C 434 -17.04 -18.17 7.61
C LYS C 434 -16.91 -17.07 8.65
N LYS C 435 -15.83 -17.10 9.43
CA LYS C 435 -15.69 -16.23 10.58
C LYS C 435 -15.32 -14.80 10.20
N LEU C 436 -14.63 -14.62 9.07
CA LEU C 436 -14.05 -13.33 8.71
C LEU C 436 -14.47 -12.82 7.34
N PHE C 437 -15.12 -13.64 6.51
CA PHE C 437 -15.54 -13.25 5.17
C PHE C 437 -17.04 -13.49 5.08
N SER C 438 -17.82 -12.41 5.22
CA SER C 438 -19.27 -12.52 5.35
C SER C 438 -19.92 -11.15 5.28
N GLY C 455 -13.66 -1.96 -5.90
CA GLY C 455 -14.67 -2.97 -6.18
C GLY C 455 -15.36 -3.47 -4.92
N PRO C 456 -16.27 -4.44 -5.08
CA PRO C 456 -16.99 -4.94 -3.90
C PRO C 456 -16.11 -5.78 -2.99
N ASN C 457 -15.25 -6.63 -3.55
CA ASN C 457 -14.38 -7.50 -2.77
C ASN C 457 -13.13 -6.78 -2.26
N ALA C 458 -13.08 -5.45 -2.37
CA ALA C 458 -11.88 -4.72 -2.01
C ALA C 458 -11.48 -5.01 -0.57
N ASN C 459 -12.38 -4.75 0.39
CA ASN C 459 -12.02 -4.96 1.78
C ASN C 459 -11.81 -6.44 2.10
N LEU C 460 -12.48 -7.33 1.36
CA LEU C 460 -12.23 -8.76 1.55
C LEU C 460 -10.77 -9.09 1.22
N VAL C 461 -10.25 -8.51 0.13
CA VAL C 461 -8.86 -8.76 -0.23
C VAL C 461 -7.94 -8.17 0.83
N LYS C 462 -8.19 -6.93 1.25
CA LYS C 462 -7.35 -6.32 2.29
C LYS C 462 -7.31 -7.20 3.54
N THR C 463 -8.46 -7.76 3.95
CA THR C 463 -8.50 -8.58 5.15
C THR C 463 -7.64 -9.83 5.00
N LEU C 464 -7.64 -10.43 3.81
CA LEU C 464 -6.78 -11.58 3.56
C LEU C 464 -5.31 -11.18 3.66
N VAL C 465 -4.97 -10.00 3.15
CA VAL C 465 -3.60 -9.52 3.21
C VAL C 465 -3.18 -9.28 4.66
N PHE C 466 -4.04 -8.61 5.44
CA PHE C 466 -3.74 -8.39 6.84
C PHE C 466 -3.62 -9.71 7.60
N PHE C 467 -4.48 -10.68 7.29
CA PHE C 467 -4.36 -11.99 7.93
C PHE C 467 -3.00 -12.60 7.63
N PHE C 468 -2.63 -12.66 6.36
CA PHE C 468 -1.36 -13.23 5.94
C PHE C 468 -0.20 -12.55 6.65
N LEU C 469 -0.25 -11.23 6.78
CA LEU C 469 0.83 -10.52 7.45
C LEU C 469 0.82 -10.76 8.95
N GLU C 470 -0.37 -10.85 9.54
CA GLU C 470 -0.49 -11.09 10.98
C GLU C 470 -0.06 -12.49 11.36
N SER C 471 -0.15 -13.44 10.43
CA SER C 471 0.18 -14.85 10.70
C SER C 471 1.66 -15.04 10.41
N GLU C 472 2.48 -14.85 11.44
CA GLU C 472 3.94 -14.93 11.26
C GLU C 472 4.41 -16.38 11.38
N LEU C 473 3.93 -17.17 10.42
CA LEU C 473 4.26 -18.56 10.24
C LEU C 473 4.83 -18.86 8.86
N HIS C 474 4.28 -18.25 7.82
CA HIS C 474 4.71 -18.45 6.45
C HIS C 474 5.18 -17.13 5.85
N GLU C 475 6.29 -17.19 5.10
CA GLU C 475 6.79 -16.02 4.39
C GLU C 475 6.00 -15.76 3.12
N HIS C 476 5.45 -16.81 2.52
CA HIS C 476 4.72 -16.75 1.27
C HIS C 476 3.30 -17.28 1.49
N ALA C 477 2.46 -17.09 0.49
CA ALA C 477 1.03 -17.39 0.61
C ALA C 477 0.58 -18.54 -0.28
N ALA C 478 1.52 -19.35 -0.77
CA ALA C 478 1.14 -20.49 -1.61
C ALA C 478 0.24 -21.46 -0.84
N TYR C 479 0.57 -21.72 0.43
CA TYR C 479 -0.17 -22.68 1.22
C TYR C 479 -1.44 -22.08 1.79
N LEU C 480 -1.42 -20.78 2.08
CA LEU C 480 -2.63 -20.10 2.52
C LEU C 480 -3.69 -20.06 1.43
N VAL C 481 -3.27 -20.07 0.17
CA VAL C 481 -4.24 -20.06 -0.94
C VAL C 481 -4.79 -21.46 -1.18
N ASP C 482 -3.98 -22.50 -0.97
CA ASP C 482 -4.49 -23.86 -1.10
C ASP C 482 -5.57 -24.14 -0.06
N SER C 483 -5.41 -23.56 1.13
CA SER C 483 -6.39 -23.76 2.19
C SER C 483 -7.76 -23.22 1.81
N MET C 484 -7.82 -22.20 0.95
CA MET C 484 -9.06 -21.49 0.66
C MET C 484 -9.44 -21.55 -0.82
N TRP C 485 -8.83 -22.45 -1.59
CA TRP C 485 -9.16 -22.55 -3.01
C TRP C 485 -10.51 -23.22 -3.23
N ASP C 486 -10.97 -24.01 -2.27
CA ASP C 486 -12.20 -24.77 -2.40
C ASP C 486 -13.44 -23.98 -2.00
N CYS C 487 -13.32 -23.15 -0.95
CA CYS C 487 -14.46 -22.37 -0.47
C CYS C 487 -14.47 -20.97 -1.09
N ALA C 488 -13.38 -20.23 -0.96
CA ALA C 488 -13.32 -18.82 -1.37
C ALA C 488 -12.86 -18.65 -2.81
N THR C 489 -13.17 -19.60 -3.70
CA THR C 489 -12.79 -19.44 -5.10
C THR C 489 -13.45 -18.22 -5.74
N GLU C 490 -14.57 -17.76 -5.18
CA GLU C 490 -15.18 -16.53 -5.68
C GLU C 490 -14.23 -15.34 -5.52
N LEU C 491 -13.52 -15.26 -4.39
CA LEU C 491 -12.67 -14.12 -4.10
C LEU C 491 -11.29 -14.26 -4.73
N LEU C 492 -10.69 -15.44 -4.60
CA LEU C 492 -9.29 -15.62 -4.97
C LEU C 492 -9.05 -15.41 -6.45
N LYS C 493 -10.08 -15.46 -7.28
CA LYS C 493 -9.96 -15.32 -8.72
C LYS C 493 -10.43 -13.96 -9.22
N ASP C 494 -10.66 -13.00 -8.33
CA ASP C 494 -11.08 -11.65 -8.72
C ASP C 494 -9.82 -10.82 -8.98
N TRP C 495 -9.23 -11.05 -10.15
CA TRP C 495 -7.97 -10.41 -10.50
C TRP C 495 -8.15 -8.96 -10.90
N GLU C 496 -9.33 -8.60 -11.40
CA GLU C 496 -9.63 -7.19 -11.66
C GLU C 496 -9.58 -6.38 -10.37
N CYS C 497 -10.06 -6.95 -9.26
CA CYS C 497 -10.08 -6.24 -8.00
C CYS C 497 -8.67 -6.13 -7.42
N MET C 498 -7.86 -7.16 -7.57
CA MET C 498 -6.49 -7.12 -7.06
C MET C 498 -5.64 -6.15 -7.87
N ASN C 499 -5.69 -6.27 -9.19
CA ASN C 499 -4.91 -5.39 -10.05
C ASN C 499 -5.24 -3.93 -9.78
N SER C 500 -6.52 -3.63 -9.50
CA SER C 500 -6.92 -2.26 -9.24
C SER C 500 -6.44 -1.77 -7.88
N LEU C 501 -6.38 -2.67 -6.90
CA LEU C 501 -5.91 -2.28 -5.56
C LEU C 501 -4.45 -1.86 -5.58
N LEU C 502 -3.70 -2.25 -6.60
CA LEU C 502 -2.27 -1.95 -6.70
C LEU C 502 -1.99 -0.69 -7.50
N LEU C 503 -3.04 -0.01 -8.00
CA LEU C 503 -2.84 1.11 -8.90
C LEU C 503 -3.71 2.32 -8.55
N GLU C 504 -4.99 2.09 -8.30
CA GLU C 504 -5.97 3.17 -8.36
C GLU C 504 -6.23 3.77 -6.97
N GLU C 505 -5.19 4.43 -6.49
CA GLU C 505 -5.33 5.49 -5.48
C GLU C 505 -5.99 5.01 -4.20
N GLU C 511 -7.55 5.20 3.72
CA GLU C 511 -6.30 4.48 3.91
C GLU C 511 -5.88 3.79 2.62
N ALA C 512 -4.56 3.74 2.39
CA ALA C 512 -4.01 3.11 1.19
C ALA C 512 -3.19 1.89 1.59
N LEU C 513 -2.50 1.31 0.62
CA LEU C 513 -1.71 0.11 0.81
C LEU C 513 -0.26 0.49 1.06
N THR C 514 0.35 -0.15 2.08
CA THR C 514 1.74 0.13 2.40
C THR C 514 2.66 -0.67 1.49
N ASP C 515 3.97 -0.49 1.67
CA ASP C 515 4.94 -1.24 0.88
C ASP C 515 4.84 -2.73 1.19
N ARG C 516 4.77 -3.08 2.47
CA ARG C 516 4.63 -4.48 2.86
C ARG C 516 3.35 -5.08 2.33
N GLN C 517 2.27 -4.29 2.33
CA GLN C 517 0.97 -4.82 1.88
C GLN C 517 0.97 -5.05 0.37
N GLU C 518 1.54 -4.13 -0.40
CA GLU C 518 1.65 -4.34 -1.84
C GLU C 518 2.55 -5.53 -2.15
N SER C 519 3.59 -5.76 -1.33
CA SER C 519 4.43 -6.93 -1.53
C SER C 519 3.66 -8.21 -1.28
N ALA C 520 2.84 -8.24 -0.22
CA ALA C 520 2.09 -9.45 0.10
C ALA C 520 0.96 -9.68 -0.89
N LEU C 521 0.32 -8.61 -1.37
CA LEU C 521 -0.75 -8.75 -2.35
C LEU C 521 -0.23 -9.35 -3.64
N ILE C 522 1.00 -9.02 -4.03
CA ILE C 522 1.58 -9.58 -5.24
C ILE C 522 1.86 -11.06 -5.06
N GLU C 523 2.38 -11.45 -3.90
CA GLU C 523 2.59 -12.86 -3.61
C GLU C 523 1.26 -13.62 -3.64
N ILE C 524 0.25 -13.10 -2.94
CA ILE C 524 -1.06 -13.76 -2.94
C ILE C 524 -1.57 -13.92 -4.36
N MET C 525 -1.60 -12.82 -5.11
CA MET C 525 -2.09 -12.87 -6.49
C MET C 525 -1.32 -13.88 -7.33
N LEU C 526 -0.01 -14.00 -7.08
CA LEU C 526 0.81 -14.88 -7.89
C LEU C 526 0.37 -16.34 -7.74
N CYS C 527 0.11 -16.78 -6.50
CA CYS C 527 -0.24 -18.17 -6.28
C CYS C 527 -1.67 -18.47 -6.71
N THR C 528 -2.58 -17.51 -6.58
CA THR C 528 -3.93 -17.71 -7.12
C THR C 528 -3.86 -17.95 -8.62
N ILE C 529 -2.97 -17.23 -9.31
CA ILE C 529 -2.80 -17.42 -10.73
C ILE C 529 -2.14 -18.76 -11.02
N ARG C 530 -1.30 -19.25 -10.11
CA ARG C 530 -0.65 -20.54 -10.32
C ARG C 530 -1.63 -21.68 -10.15
N GLN C 531 -2.30 -21.74 -8.99
CA GLN C 531 -3.23 -22.82 -8.72
C GLN C 531 -4.38 -22.84 -9.72
N ALA C 532 -4.64 -21.72 -10.39
CA ALA C 532 -5.68 -21.67 -11.41
C ALA C 532 -5.15 -22.18 -12.74
N ALA C 533 -3.99 -21.69 -13.18
CA ALA C 533 -3.41 -22.15 -14.43
C ALA C 533 -2.99 -23.61 -14.32
N GLU C 534 -2.11 -23.91 -13.37
CA GLU C 534 -1.75 -25.28 -13.03
C GLU C 534 -2.76 -25.75 -11.99
N CYS C 535 -3.82 -26.43 -12.43
CA CYS C 535 -4.92 -26.78 -11.53
C CYS C 535 -4.50 -27.96 -10.65
N HIS C 536 -3.65 -27.68 -9.64
CA HIS C 536 -3.12 -28.71 -8.70
C HIS C 536 -2.63 -28.01 -7.43
N PRO C 537 -2.61 -28.65 -6.24
CA PRO C 537 -2.22 -27.95 -5.01
C PRO C 537 -0.69 -27.82 -4.98
N PRO C 538 -0.07 -27.06 -4.04
CA PRO C 538 1.40 -27.01 -3.97
C PRO C 538 2.01 -28.38 -3.58
N VAL C 539 3.35 -28.47 -3.45
CA VAL C 539 4.05 -29.72 -3.01
C VAL C 539 3.57 -30.05 -1.58
N GLY C 540 3.59 -31.30 -1.13
CA GLY C 540 3.10 -31.69 0.22
C GLY C 540 1.57 -31.81 0.23
N ARG C 541 0.84 -30.77 -0.19
CA ARG C 541 -0.65 -30.79 -0.30
C ARG C 541 -1.03 -31.75 -1.43
N GLY C 542 -0.11 -32.05 -2.36
CA GLY C 542 -0.35 -33.04 -3.45
C GLY C 542 -1.09 -34.29 -2.96
N THR C 543 -2.16 -34.75 -3.65
CA THR C 543 -2.93 -35.99 -3.34
C THR C 543 -2.79 -36.91 -4.55
N GLY C 544 -1.56 -37.07 -5.10
CA GLY C 544 -1.34 -37.84 -6.35
C GLY C 544 -1.60 -36.93 -7.55
N ARG C 545 -1.16 -37.30 -8.76
CA ARG C 545 -1.44 -36.51 -10.00
C ARG C 545 -2.87 -36.88 -10.43
N LYS C 546 -3.90 -36.17 -9.95
CA LYS C 546 -5.28 -36.47 -10.29
C LYS C 546 -5.54 -36.18 -11.75
N VAL C 547 -6.54 -36.86 -12.31
CA VAL C 547 -7.05 -36.49 -13.62
C VAL C 547 -8.07 -35.36 -13.43
N LEU C 548 -8.26 -34.55 -14.45
CA LEU C 548 -9.12 -33.38 -14.36
C LEU C 548 -10.47 -33.66 -14.99
N THR C 549 -11.53 -33.31 -14.26
CA THR C 549 -12.87 -33.37 -14.81
C THR C 549 -12.95 -32.53 -16.09
N ALA C 550 -13.82 -32.97 -17.02
CA ALA C 550 -14.12 -32.15 -18.19
C ALA C 550 -14.51 -30.74 -17.76
N LYS C 551 -15.28 -30.62 -16.67
CA LYS C 551 -15.59 -29.32 -16.09
C LYS C 551 -14.35 -28.64 -15.55
N GLU C 552 -13.44 -29.42 -14.93
CA GLU C 552 -12.20 -28.85 -14.44
C GLU C 552 -11.33 -28.32 -15.57
N LYS C 553 -11.20 -29.11 -16.64
CA LYS C 553 -10.43 -28.68 -17.81
C LYS C 553 -11.02 -27.42 -18.42
N LYS C 554 -12.34 -27.23 -18.31
CA LYS C 554 -12.97 -26.00 -18.79
C LYS C 554 -12.65 -24.81 -17.89
N THR C 555 -12.78 -25.00 -16.57
CA THR C 555 -12.43 -23.91 -15.65
C THR C 555 -10.97 -23.47 -15.87
N GLN C 556 -10.09 -24.43 -16.11
CA GLN C 556 -8.70 -24.10 -16.44
C GLN C 556 -8.63 -23.24 -17.69
N LEU C 557 -9.28 -23.68 -18.77
CA LEU C 557 -9.29 -22.91 -20.01
C LEU C 557 -9.85 -21.52 -19.79
N ASP C 558 -10.95 -21.42 -19.03
CA ASP C 558 -11.57 -20.13 -18.78
C ASP C 558 -10.65 -19.21 -17.99
N ASP C 559 -9.97 -19.74 -16.97
CA ASP C 559 -9.16 -18.91 -16.10
C ASP C 559 -7.89 -18.41 -16.79
N ARG C 560 -7.39 -19.16 -17.77
CA ARG C 560 -6.16 -18.76 -18.43
C ARG C 560 -6.39 -17.69 -19.49
N THR C 561 -7.58 -17.64 -20.10
CA THR C 561 -7.89 -16.52 -20.98
C THR C 561 -8.13 -15.24 -20.20
N LYS C 562 -8.82 -15.33 -19.05
CA LYS C 562 -9.02 -14.17 -18.20
C LYS C 562 -7.68 -13.58 -17.77
N ILE C 563 -6.79 -14.42 -17.24
CA ILE C 563 -5.48 -13.95 -16.81
C ILE C 563 -4.75 -13.29 -17.97
N THR C 564 -4.65 -14.00 -19.11
CA THR C 564 -3.93 -13.47 -20.26
C THR C 564 -4.53 -12.15 -20.73
N GLU C 565 -5.86 -12.14 -20.94
CA GLU C 565 -6.53 -10.92 -21.40
C GLU C 565 -6.17 -9.74 -20.51
N LEU C 566 -6.24 -9.94 -19.19
CA LEU C 566 -6.10 -8.85 -18.24
C LEU C 566 -4.64 -8.42 -18.11
N PHE C 567 -3.78 -9.32 -17.64
CA PHE C 567 -2.42 -8.95 -17.25
C PHE C 567 -1.53 -8.66 -18.44
N ALA C 568 -1.83 -9.21 -19.62
CA ALA C 568 -1.12 -8.78 -20.82
C ALA C 568 -1.20 -7.27 -20.97
N VAL C 569 -2.27 -6.66 -20.46
CA VAL C 569 -2.43 -5.21 -20.48
C VAL C 569 -1.89 -4.58 -19.21
N ALA C 570 -2.15 -5.21 -18.06
CA ALA C 570 -1.89 -4.60 -16.76
C ALA C 570 -0.50 -4.90 -16.24
N LEU C 571 0.09 -6.03 -16.59
CA LEU C 571 1.42 -6.36 -16.09
C LEU C 571 2.44 -5.29 -16.44
N PRO C 572 2.49 -4.73 -17.65
CA PRO C 572 3.37 -3.59 -17.90
C PRO C 572 3.14 -2.43 -16.94
N GLN C 573 1.90 -2.22 -16.50
CA GLN C 573 1.62 -1.13 -15.58
C GLN C 573 2.16 -1.42 -14.20
N LEU C 574 1.93 -2.64 -13.69
CA LEU C 574 2.45 -3.01 -12.38
C LEU C 574 3.97 -2.93 -12.36
N LEU C 575 4.62 -3.54 -13.36
CA LEU C 575 6.07 -3.48 -13.46
C LEU C 575 6.56 -2.04 -13.42
N ALA C 576 5.89 -1.14 -14.13
CA ALA C 576 6.31 0.25 -14.16
C ALA C 576 6.24 0.89 -12.78
N LYS C 577 5.20 0.54 -12.00
CA LYS C 577 5.01 1.16 -10.70
C LYS C 577 6.00 0.62 -9.68
N TYR C 578 6.26 -0.69 -9.70
CA TYR C 578 7.17 -1.34 -8.75
C TYR C 578 8.47 -1.77 -9.42
N SER C 579 8.85 -1.11 -10.51
CA SER C 579 10.06 -1.46 -11.25
C SER C 579 11.28 -1.56 -10.34
N VAL C 580 11.31 -0.78 -9.26
CA VAL C 580 12.50 -0.69 -8.42
C VAL C 580 12.56 -1.76 -7.34
N ASP C 581 11.42 -2.31 -6.92
CA ASP C 581 11.37 -3.30 -5.86
C ASP C 581 11.75 -4.68 -6.42
N ALA C 582 12.86 -5.24 -5.92
CA ALA C 582 13.32 -6.53 -6.43
C ALA C 582 12.31 -7.63 -6.10
N GLU C 583 11.81 -7.65 -4.87
CA GLU C 583 10.92 -8.72 -4.45
C GLU C 583 9.61 -8.72 -5.24
N LYS C 584 9.13 -7.54 -5.63
CA LYS C 584 7.87 -7.45 -6.36
C LYS C 584 8.04 -7.89 -7.82
N VAL C 585 9.05 -7.34 -8.51
CA VAL C 585 9.26 -7.69 -9.90
C VAL C 585 9.49 -9.19 -10.04
N THR C 586 10.26 -9.77 -9.12
CA THR C 586 10.54 -11.21 -9.19
C THR C 586 9.25 -12.01 -9.30
N ASN C 587 8.24 -11.66 -8.49
CA ASN C 587 6.96 -12.35 -8.55
C ASN C 587 6.16 -11.94 -9.76
N LEU C 588 6.14 -10.64 -10.08
CA LEU C 588 5.36 -10.15 -11.20
C LEU C 588 5.84 -10.75 -12.51
N LEU C 589 7.15 -10.95 -12.65
CA LEU C 589 7.73 -11.42 -13.89
C LEU C 589 7.39 -12.87 -14.20
N GLN C 590 6.70 -13.58 -13.30
CA GLN C 590 6.40 -14.99 -13.48
C GLN C 590 4.98 -15.23 -13.98
N LEU C 591 4.17 -14.19 -14.12
CA LEU C 591 2.82 -14.36 -14.65
C LEU C 591 2.87 -14.76 -16.12
N PRO C 592 3.75 -14.16 -16.93
CA PRO C 592 3.86 -14.58 -18.34
C PRO C 592 3.93 -16.09 -18.53
N GLN C 593 4.54 -16.80 -17.57
CA GLN C 593 4.67 -18.24 -17.64
C GLN C 593 3.33 -18.96 -17.76
N TYR C 594 2.22 -18.27 -17.47
CA TYR C 594 0.90 -18.88 -17.52
C TYR C 594 0.03 -18.33 -18.65
N PHE C 595 0.52 -17.37 -19.43
CA PHE C 595 -0.33 -16.75 -20.44
C PHE C 595 -0.63 -17.71 -21.58
N ASP C 596 -1.66 -17.36 -22.35
CA ASP C 596 -2.10 -18.12 -23.51
C ASP C 596 -1.58 -17.38 -24.73
N LEU C 597 -0.51 -17.91 -25.32
CA LEU C 597 0.32 -17.12 -26.22
C LEU C 597 -0.46 -16.63 -27.44
N GLU C 598 -1.46 -17.39 -27.91
CA GLU C 598 -2.15 -16.98 -29.13
C GLU C 598 -3.09 -15.80 -28.92
N ILE C 599 -3.37 -15.42 -27.67
CA ILE C 599 -4.15 -14.20 -27.43
C ILE C 599 -3.32 -12.95 -27.74
N TYR C 600 -1.99 -13.05 -27.69
CA TYR C 600 -1.18 -11.90 -28.09
C TYR C 600 -1.33 -11.59 -29.58
N THR C 601 -1.75 -12.56 -30.39
CA THR C 601 -2.03 -12.32 -31.81
C THR C 601 -3.51 -12.03 -32.06
N THR C 602 -4.40 -12.91 -31.55
CA THR C 602 -5.82 -12.74 -31.82
C THR C 602 -6.36 -11.41 -31.27
N GLY C 603 -5.64 -10.78 -30.35
CA GLY C 603 -6.12 -9.58 -29.71
C GLY C 603 -5.50 -8.27 -30.17
N ARG C 604 -4.62 -8.32 -31.17
CA ARG C 604 -3.80 -7.16 -31.54
C ARG C 604 -3.26 -6.53 -30.26
N LEU C 605 -2.86 -7.39 -29.31
CA LEU C 605 -2.15 -7.00 -28.11
C LEU C 605 -0.64 -6.93 -28.33
N GLU C 606 -0.21 -6.91 -29.60
CA GLU C 606 1.21 -6.76 -29.90
C GLU C 606 1.78 -5.49 -29.29
N LYS C 607 0.96 -4.44 -29.17
CA LYS C 607 1.41 -3.22 -28.51
C LYS C 607 1.78 -3.50 -27.06
N HIS C 608 0.98 -4.30 -26.37
CA HIS C 608 1.27 -4.62 -24.97
C HIS C 608 2.47 -5.54 -24.85
N LEU C 609 2.66 -6.45 -25.81
CA LEU C 609 3.82 -7.33 -25.78
C LEU C 609 5.12 -6.53 -25.85
N ASP C 610 5.17 -5.52 -26.73
CA ASP C 610 6.36 -4.68 -26.80
C ASP C 610 6.49 -3.80 -25.56
N ALA C 611 5.37 -3.43 -24.92
CA ALA C 611 5.45 -2.74 -23.65
C ALA C 611 6.03 -3.65 -22.57
N LEU C 612 5.58 -4.90 -22.54
CA LEU C 612 6.14 -5.87 -21.60
C LEU C 612 7.63 -6.06 -21.86
N LEU C 613 8.00 -6.33 -23.10
CA LEU C 613 9.39 -6.59 -23.43
C LEU C 613 10.27 -5.40 -23.08
N ARG C 614 9.75 -4.18 -23.26
CA ARG C 614 10.54 -2.99 -22.94
C ARG C 614 10.67 -2.82 -21.43
N GLN C 615 9.61 -3.09 -20.69
CA GLN C 615 9.68 -2.99 -19.23
C GLN C 615 10.71 -3.97 -18.67
N ILE C 616 10.78 -5.17 -19.24
CA ILE C 616 11.81 -6.13 -18.83
C ILE C 616 13.19 -5.55 -19.09
N ARG C 617 13.37 -4.92 -20.26
CA ARG C 617 14.69 -4.39 -20.61
C ARG C 617 15.10 -3.27 -19.68
N ASN C 618 14.15 -2.38 -19.33
CA ASN C 618 14.46 -1.32 -18.37
C ASN C 618 14.85 -1.90 -17.03
N ILE C 619 14.24 -3.03 -16.63
CA ILE C 619 14.60 -3.68 -15.38
C ILE C 619 16.00 -4.24 -15.45
N VAL C 620 16.30 -4.97 -16.53
CA VAL C 620 17.60 -5.61 -16.70
C VAL C 620 18.73 -4.63 -16.45
N GLU C 621 18.53 -3.37 -16.86
CA GLU C 621 19.60 -2.37 -16.79
C GLU C 621 19.88 -1.93 -15.37
N LYS C 622 18.85 -1.86 -14.53
CA LYS C 622 18.93 -1.19 -13.25
C LYS C 622 18.99 -2.14 -12.06
N HIS C 623 18.98 -3.45 -12.30
CA HIS C 623 18.94 -4.44 -11.22
C HIS C 623 20.13 -5.38 -11.36
N THR C 624 20.66 -5.81 -10.20
CA THR C 624 21.73 -6.79 -10.13
C THR C 624 21.37 -7.99 -9.28
N ASP C 625 20.17 -8.02 -8.70
CA ASP C 625 19.73 -9.18 -7.93
C ASP C 625 19.69 -10.42 -8.82
N THR C 626 20.30 -11.50 -8.34
CA THR C 626 20.40 -12.71 -9.15
C THR C 626 19.02 -13.27 -9.48
N ASP C 627 18.08 -13.18 -8.54
CA ASP C 627 16.73 -13.71 -8.79
C ASP C 627 15.91 -12.81 -9.69
N VAL C 628 16.22 -11.52 -9.76
CA VAL C 628 15.55 -10.64 -10.72
C VAL C 628 15.95 -11.02 -12.14
N LEU C 629 17.25 -11.14 -12.38
CA LEU C 629 17.73 -11.46 -13.72
C LEU C 629 17.36 -12.88 -14.12
N GLU C 630 17.28 -13.79 -13.15
CA GLU C 630 16.81 -15.14 -13.42
C GLU C 630 15.39 -15.11 -13.95
N ALA C 631 14.52 -14.29 -13.35
CA ALA C 631 13.16 -14.16 -13.84
C ALA C 631 13.12 -13.59 -15.25
N CYS C 632 13.88 -12.52 -15.49
CA CYS C 632 13.90 -11.90 -16.81
C CYS C 632 14.33 -12.91 -17.88
N SER C 633 15.32 -13.75 -17.57
CA SER C 633 15.76 -14.74 -18.54
C SER C 633 14.71 -15.82 -18.76
N LYS C 634 14.09 -16.30 -17.67
CA LYS C 634 13.12 -17.38 -17.80
C LYS C 634 11.82 -16.89 -18.42
N THR C 635 11.50 -15.61 -18.27
CA THR C 635 10.33 -15.05 -18.95
C THR C 635 10.56 -14.99 -20.46
N TYR C 636 11.71 -14.47 -20.87
CA TYR C 636 12.02 -14.42 -22.30
C TYR C 636 12.06 -15.83 -22.90
N HIS C 637 12.64 -16.78 -22.16
CA HIS C 637 12.64 -18.17 -22.62
C HIS C 637 11.22 -18.67 -22.81
N ALA C 638 10.31 -18.30 -21.90
CA ALA C 638 8.92 -18.70 -22.04
C ALA C 638 8.27 -18.06 -23.25
N LEU C 639 8.60 -16.80 -23.53
CA LEU C 639 8.00 -16.10 -24.66
C LEU C 639 8.65 -16.47 -25.98
N CYS C 640 9.89 -16.94 -25.95
CA CYS C 640 10.61 -17.32 -27.17
C CYS C 640 10.31 -18.76 -27.55
N ASN C 641 9.02 -19.05 -27.74
CA ASN C 641 8.56 -20.37 -28.13
C ASN C 641 8.56 -20.45 -29.66
N GLU C 642 9.37 -21.36 -30.21
CA GLU C 642 9.55 -21.41 -31.65
C GLU C 642 8.33 -21.92 -32.40
N GLU C 643 7.27 -22.34 -31.69
CA GLU C 643 6.06 -22.83 -32.31
C GLU C 643 4.98 -21.75 -32.46
N PHE C 644 5.34 -20.48 -32.32
CA PHE C 644 4.39 -19.39 -32.50
C PHE C 644 4.98 -18.37 -33.48
N THR C 645 4.09 -17.54 -34.04
CA THR C 645 4.52 -16.42 -34.87
C THR C 645 4.77 -15.16 -34.07
N ILE C 646 4.27 -15.06 -32.84
CA ILE C 646 4.80 -14.05 -31.91
C ILE C 646 6.25 -14.35 -31.54
N PHE C 647 6.75 -15.53 -31.91
CA PHE C 647 8.17 -15.82 -31.82
C PHE C 647 8.99 -14.71 -32.45
N ASN C 648 8.75 -14.44 -33.74
CA ASN C 648 9.54 -13.46 -34.47
C ASN C 648 9.58 -12.12 -33.73
N ARG C 649 8.45 -11.70 -33.17
CA ARG C 649 8.39 -10.44 -32.45
C ARG C 649 9.31 -10.45 -31.24
N VAL C 650 9.19 -11.49 -30.40
CA VAL C 650 10.01 -11.55 -29.19
C VAL C 650 11.45 -11.91 -29.53
N ASP C 651 11.66 -12.69 -30.60
CA ASP C 651 13.01 -12.99 -31.03
C ASP C 651 13.79 -11.72 -31.35
N ILE C 652 13.12 -10.74 -31.97
CA ILE C 652 13.79 -9.50 -32.33
C ILE C 652 14.15 -8.70 -31.11
N SER C 653 13.18 -8.47 -30.21
CA SER C 653 13.46 -7.72 -28.99
C SER C 653 14.55 -8.38 -28.16
N ARG C 654 14.61 -9.71 -28.18
CA ARG C 654 15.72 -10.41 -27.52
C ARG C 654 17.04 -10.14 -28.23
N SER C 655 17.03 -10.17 -29.57
CA SER C 655 18.25 -9.91 -30.32
C SER C 655 18.81 -8.53 -29.98
N GLN C 656 17.93 -7.54 -29.77
CA GLN C 656 18.40 -6.21 -29.41
C GLN C 656 18.96 -6.18 -28.00
N LEU C 657 18.41 -6.99 -27.09
CA LEU C 657 18.92 -7.04 -25.73
C LEU C 657 20.31 -7.65 -25.69
N ILE C 658 20.52 -8.77 -26.37
CA ILE C 658 21.82 -9.42 -26.35
C ILE C 658 22.85 -8.56 -27.08
N ASP C 659 22.43 -7.79 -28.09
CA ASP C 659 23.37 -6.95 -28.81
C ASP C 659 23.91 -5.83 -27.93
N GLU C 660 23.08 -5.30 -27.01
CA GLU C 660 23.55 -4.30 -26.08
C GLU C 660 24.54 -4.91 -25.10
N LEU C 661 24.17 -6.03 -24.49
CA LEU C 661 24.95 -6.62 -23.41
C LEU C 661 26.29 -7.13 -23.93
N ALA C 662 26.30 -7.80 -25.08
CA ALA C 662 27.52 -8.40 -25.58
C ALA C 662 28.49 -7.33 -26.09
N ASP C 663 27.96 -6.27 -26.71
CA ASP C 663 28.82 -5.18 -27.17
C ASP C 663 29.38 -4.39 -25.99
N LYS C 664 28.53 -4.10 -24.99
CA LYS C 664 29.02 -3.45 -23.78
C LYS C 664 30.02 -4.33 -23.05
N PHE C 665 29.78 -5.64 -23.02
CA PHE C 665 30.71 -6.56 -22.38
C PHE C 665 32.09 -6.47 -23.03
N ASN C 666 32.14 -6.42 -24.36
CA ASN C 666 33.43 -6.35 -25.04
C ASN C 666 34.13 -5.03 -24.74
N ARG C 667 33.43 -3.91 -24.86
CA ARG C 667 33.99 -2.61 -24.49
C ARG C 667 34.64 -2.68 -23.10
N LEU C 668 33.86 -3.14 -22.12
CA LEU C 668 34.29 -3.10 -20.74
C LEU C 668 35.53 -3.96 -20.52
N LEU C 669 35.58 -5.13 -21.15
CA LEU C 669 36.71 -6.03 -20.95
C LEU C 669 38.01 -5.44 -21.46
N GLU C 670 37.95 -4.55 -22.47
CA GLU C 670 39.17 -3.91 -22.95
C GLU C 670 39.72 -2.94 -21.91
N ASP C 671 38.85 -2.07 -21.37
CA ASP C 671 39.28 -1.17 -20.32
C ASP C 671 39.58 -1.91 -19.02
N PHE C 672 38.79 -2.96 -18.73
CA PHE C 672 38.89 -3.64 -17.44
C PHE C 672 40.21 -4.38 -17.30
N LEU C 673 40.61 -5.12 -18.34
CA LEU C 673 41.74 -6.06 -18.25
C LEU C 673 43.04 -5.31 -18.53
N GLN C 674 43.52 -4.59 -17.51
CA GLN C 674 44.74 -3.81 -17.55
C GLN C 674 45.78 -4.51 -16.68
N GLU C 675 47.06 -4.11 -16.79
CA GLU C 675 48.09 -4.86 -16.09
C GLU C 675 48.30 -4.41 -14.65
N GLY C 676 48.53 -3.10 -14.45
CA GLY C 676 48.94 -2.60 -13.15
C GLY C 676 47.96 -1.66 -12.50
N GLU C 677 47.01 -1.13 -13.29
CA GLU C 677 45.97 -0.26 -12.75
C GLU C 677 44.65 -1.04 -12.67
N GLU C 678 44.65 -2.04 -11.77
CA GLU C 678 43.44 -2.81 -11.48
C GLU C 678 42.28 -1.83 -11.32
N PRO C 679 41.32 -1.83 -12.25
CA PRO C 679 40.27 -0.81 -12.23
C PRO C 679 39.54 -0.76 -10.89
N ASP C 680 39.12 0.45 -10.53
CA ASP C 680 38.54 0.71 -9.21
C ASP C 680 37.20 -0.01 -9.06
N GLU C 681 36.70 -0.01 -7.82
CA GLU C 681 35.43 -0.63 -7.49
C GLU C 681 34.35 -0.34 -8.52
N ASP C 682 34.20 0.93 -8.92
CA ASP C 682 33.10 1.28 -9.82
C ASP C 682 33.23 0.57 -11.15
N ASP C 683 34.43 0.50 -11.71
CA ASP C 683 34.63 -0.26 -12.95
C ASP C 683 34.25 -1.72 -12.76
N ALA C 684 34.58 -2.30 -11.60
CA ALA C 684 34.28 -3.71 -11.36
C ALA C 684 32.78 -3.94 -11.25
N TYR C 685 32.07 -3.08 -10.52
CA TYR C 685 30.62 -3.23 -10.39
C TYR C 685 29.94 -3.14 -11.74
N GLN C 686 30.42 -2.25 -12.62
CA GLN C 686 29.87 -2.17 -13.95
C GLN C 686 30.11 -3.45 -14.74
N VAL C 687 31.31 -4.02 -14.62
CA VAL C 687 31.62 -5.27 -15.33
C VAL C 687 30.76 -6.41 -14.78
N LEU C 688 30.64 -6.50 -13.46
CA LEU C 688 29.86 -7.57 -12.86
C LEU C 688 28.39 -7.47 -13.26
N SER C 689 27.85 -6.25 -13.29
CA SER C 689 26.43 -6.08 -13.57
C SER C 689 26.05 -6.60 -14.95
N THR C 690 26.89 -6.33 -15.95
CA THR C 690 26.61 -6.81 -17.30
C THR C 690 26.92 -8.29 -17.46
N LEU C 691 27.99 -8.76 -16.80
CA LEU C 691 28.32 -10.18 -16.85
C LEU C 691 27.22 -11.02 -16.22
N LYS C 692 26.53 -10.49 -15.21
CA LYS C 692 25.45 -11.21 -14.57
C LYS C 692 24.23 -11.29 -15.48
N ARG C 693 23.96 -10.22 -16.22
CA ARG C 693 22.84 -10.21 -17.15
C ARG C 693 23.06 -11.19 -18.28
N ILE C 694 24.26 -11.18 -18.86
CA ILE C 694 24.59 -12.10 -19.93
C ILE C 694 24.61 -13.53 -19.41
N THR C 695 25.12 -13.73 -18.18
CA THR C 695 25.17 -15.07 -17.61
C THR C 695 23.77 -15.64 -17.43
N ALA C 696 22.86 -14.84 -16.86
CA ALA C 696 21.47 -15.26 -16.72
C ALA C 696 20.91 -15.75 -18.05
N PHE C 697 20.88 -14.86 -19.04
CA PHE C 697 20.20 -15.17 -20.30
C PHE C 697 20.89 -16.30 -21.06
N HIS C 698 22.21 -16.47 -20.88
CA HIS C 698 22.91 -17.55 -21.56
C HIS C 698 22.51 -18.91 -21.02
N ASN C 699 21.96 -18.97 -19.80
CA ASN C 699 21.47 -20.23 -19.26
C ASN C 699 20.28 -20.74 -20.08
N ALA C 700 19.23 -19.93 -20.18
CA ALA C 700 18.00 -20.36 -20.82
C ALA C 700 18.00 -20.19 -22.33
N HIS C 701 18.93 -19.40 -22.88
CA HIS C 701 18.92 -19.05 -24.29
C HIS C 701 20.23 -19.45 -24.96
N ASP C 702 20.11 -19.81 -26.25
CA ASP C 702 21.23 -20.24 -27.07
C ASP C 702 21.90 -18.99 -27.65
N LEU C 703 22.95 -18.52 -26.97
CA LEU C 703 23.70 -17.35 -27.43
C LEU C 703 25.00 -17.78 -28.09
N SER C 704 24.87 -18.63 -29.11
CA SER C 704 26.02 -19.16 -29.82
C SER C 704 26.50 -18.25 -30.94
N LYS C 705 25.63 -17.39 -31.49
CA LYS C 705 26.09 -16.38 -32.43
C LYS C 705 27.24 -15.58 -31.83
N TRP C 706 27.07 -15.14 -30.58
CA TRP C 706 28.11 -14.45 -29.85
C TRP C 706 29.18 -15.43 -29.38
N ASP C 707 28.74 -16.57 -28.82
CA ASP C 707 29.62 -17.57 -28.23
C ASP C 707 30.75 -16.90 -27.45
N LEU C 708 30.39 -16.29 -26.32
CA LEU C 708 31.33 -15.50 -25.51
C LEU C 708 32.22 -16.42 -24.66
N PHE C 709 33.03 -17.23 -25.34
CA PHE C 709 33.95 -18.08 -24.60
C PHE C 709 35.24 -17.35 -24.24
N ALA C 710 35.89 -16.76 -25.25
CA ALA C 710 37.17 -16.08 -25.01
C ALA C 710 37.01 -14.95 -24.00
N CYS C 711 35.89 -14.23 -24.07
CA CYS C 711 35.64 -13.17 -23.09
C CYS C 711 35.74 -13.71 -21.67
N ASN C 712 35.22 -14.90 -21.42
CA ASN C 712 35.20 -15.48 -20.08
C ASN C 712 36.44 -16.30 -19.79
N TYR C 713 37.09 -16.83 -20.80
CA TYR C 713 38.40 -17.46 -20.61
C TYR C 713 39.41 -16.44 -20.09
N LYS C 714 39.48 -15.27 -20.75
CA LYS C 714 40.38 -14.22 -20.30
C LYS C 714 40.10 -13.82 -18.85
N LEU C 715 38.82 -13.75 -18.49
CA LEU C 715 38.47 -13.36 -17.13
C LEU C 715 38.89 -14.41 -16.11
N LEU C 716 38.71 -15.69 -16.46
CA LEU C 716 38.98 -16.76 -15.49
C LEU C 716 40.48 -16.98 -15.31
N LYS C 717 41.26 -16.89 -16.39
CA LYS C 717 42.71 -17.07 -16.27
C LYS C 717 43.35 -15.94 -15.49
N THR C 718 42.81 -14.72 -15.59
CA THR C 718 43.35 -13.61 -14.81
C THR C 718 43.13 -13.84 -13.33
N GLY C 719 41.97 -14.34 -12.94
CA GLY C 719 41.72 -14.64 -11.53
C GLY C 719 42.64 -15.73 -11.00
N ILE C 720 43.07 -16.65 -11.86
CA ILE C 720 43.95 -17.71 -11.40
C ILE C 720 45.28 -17.15 -10.91
N GLU C 721 45.75 -16.07 -11.52
CA GLU C 721 47.15 -15.67 -11.39
C GLU C 721 47.42 -14.68 -10.28
N ASN C 722 46.42 -13.89 -9.88
CA ASN C 722 46.64 -12.79 -8.94
C ASN C 722 46.10 -13.04 -7.54
N GLY C 723 45.18 -13.99 -7.38
CA GLY C 723 44.52 -14.15 -6.09
C GLY C 723 43.68 -12.95 -5.69
N ASP C 724 43.33 -12.07 -6.63
CA ASP C 724 42.54 -10.87 -6.36
C ASP C 724 41.43 -10.73 -7.41
N MET C 725 40.48 -11.66 -7.38
CA MET C 725 39.29 -11.57 -8.22
C MET C 725 38.05 -11.72 -7.35
N PRO C 726 37.12 -10.76 -7.40
CA PRO C 726 35.89 -10.90 -6.61
C PRO C 726 35.16 -12.21 -6.96
N GLU C 727 34.59 -12.85 -5.94
CA GLU C 727 33.94 -14.13 -6.18
C GLU C 727 32.77 -13.96 -7.14
N GLN C 728 32.01 -12.87 -7.02
CA GLN C 728 30.84 -12.70 -7.88
C GLN C 728 31.22 -12.54 -9.34
N ILE C 729 32.40 -11.98 -9.62
CA ILE C 729 32.91 -11.98 -10.98
C ILE C 729 33.27 -13.39 -11.41
N VAL C 730 33.85 -14.17 -10.48
CA VAL C 730 34.44 -15.45 -10.83
C VAL C 730 33.38 -16.54 -10.95
N ILE C 731 32.37 -16.51 -10.08
CA ILE C 731 31.32 -17.51 -10.13
C ILE C 731 30.44 -17.32 -11.36
N HIS C 732 30.22 -16.06 -11.76
CA HIS C 732 29.38 -15.81 -12.92
C HIS C 732 30.12 -16.11 -14.22
N ALA C 733 31.43 -15.88 -14.26
CA ALA C 733 32.23 -16.34 -15.39
C ALA C 733 32.22 -17.87 -15.47
N LEU C 734 32.27 -18.53 -14.31
CA LEU C 734 32.16 -19.99 -14.28
C LEU C 734 30.83 -20.45 -14.85
N GLN C 735 29.74 -19.78 -14.46
CA GLN C 735 28.42 -20.14 -14.98
C GLN C 735 28.35 -19.89 -16.48
N CYS C 736 28.70 -18.68 -16.91
CA CYS C 736 28.52 -18.31 -18.31
C CYS C 736 29.29 -19.26 -19.23
N THR C 737 30.54 -19.55 -18.90
CA THR C 737 31.31 -20.50 -19.69
C THR C 737 30.58 -21.85 -19.75
N HIS C 738 30.17 -22.37 -18.60
CA HIS C 738 29.42 -23.62 -18.56
C HIS C 738 28.29 -23.62 -19.59
N TYR C 739 27.52 -22.51 -19.64
CA TYR C 739 26.44 -22.41 -20.61
C TYR C 739 26.98 -22.28 -22.04
N VAL C 740 28.12 -21.61 -22.21
CA VAL C 740 28.73 -21.51 -23.53
C VAL C 740 29.08 -22.89 -24.07
N ILE C 741 29.67 -23.74 -23.22
CA ILE C 741 30.13 -25.06 -23.67
C ILE C 741 28.93 -25.97 -23.93
N LEU C 742 27.87 -25.85 -23.14
CA LEU C 742 26.73 -26.75 -23.29
C LEU C 742 25.87 -26.38 -24.49
N TRP C 743 25.64 -25.08 -24.72
CA TRP C 743 24.81 -24.67 -25.85
C TRP C 743 25.44 -25.09 -27.17
N GLN C 744 26.77 -24.99 -27.27
CA GLN C 744 27.47 -25.54 -28.41
C GLN C 744 27.24 -27.05 -28.50
N LEU C 745 27.48 -27.77 -27.40
CA LEU C 745 27.26 -29.21 -27.39
C LEU C 745 25.86 -29.57 -27.89
N ALA C 746 24.87 -28.71 -27.62
CA ALA C 746 23.52 -28.95 -28.13
C ALA C 746 23.46 -28.71 -29.64
N LYS C 747 24.23 -27.76 -30.16
CA LYS C 747 24.26 -27.49 -31.59
C LYS C 747 25.09 -28.53 -32.34
N ILE C 748 26.07 -29.16 -31.67
CA ILE C 748 26.98 -30.08 -32.33
C ILE C 748 26.42 -31.48 -32.50
N THR C 749 25.24 -31.77 -31.96
CA THR C 749 24.62 -33.07 -32.21
C THR C 749 24.62 -33.39 -33.70
N GLU C 750 24.42 -32.36 -34.53
CA GLU C 750 24.37 -32.53 -35.98
C GLU C 750 25.55 -33.34 -36.49
N SER C 751 25.24 -34.36 -37.30
CA SER C 751 26.30 -35.02 -38.07
C SER C 751 26.92 -34.06 -39.07
N SER C 752 26.11 -33.15 -39.62
CA SER C 752 26.61 -32.09 -40.51
C SER C 752 27.05 -30.89 -39.67
N SER C 753 28.18 -31.07 -39.00
CA SER C 753 28.82 -29.96 -38.31
C SER C 753 30.33 -30.15 -38.33
N THR C 754 31.05 -29.03 -38.26
CA THR C 754 32.46 -28.98 -38.56
C THR C 754 33.26 -29.93 -37.67
N LYS C 755 34.48 -30.24 -38.11
CA LYS C 755 35.35 -31.15 -37.36
C LYS C 755 36.20 -30.42 -36.34
N GLU C 756 36.79 -29.28 -36.72
CA GLU C 756 37.54 -28.47 -35.77
C GLU C 756 36.70 -28.17 -34.53
N ASP C 757 35.42 -27.86 -34.74
CA ASP C 757 34.55 -27.47 -33.64
C ASP C 757 34.51 -28.55 -32.57
N LEU C 758 34.45 -29.82 -32.99
CA LEU C 758 34.29 -30.91 -32.03
C LEU C 758 35.56 -31.09 -31.20
N LEU C 759 36.72 -31.12 -31.86
CA LEU C 759 37.98 -31.16 -31.13
C LEU C 759 38.21 -29.88 -30.34
N ARG C 760 37.66 -28.75 -30.81
CA ARG C 760 37.73 -27.51 -30.06
C ARG C 760 36.76 -27.51 -28.88
N LEU C 761 35.61 -28.16 -29.02
CA LEU C 761 34.72 -28.37 -27.88
C LEU C 761 35.38 -29.30 -26.86
N LYS C 762 36.12 -30.31 -27.35
CA LYS C 762 36.95 -31.11 -26.47
C LYS C 762 37.95 -30.23 -25.73
N LYS C 763 38.53 -29.24 -26.43
CA LYS C 763 39.50 -28.32 -25.85
C LYS C 763 38.85 -27.15 -25.15
N GLN C 764 37.58 -26.86 -25.41
CA GLN C 764 36.87 -25.80 -24.67
C GLN C 764 36.22 -26.38 -23.42
N ARG C 766 37.88 -29.24 -21.88
CA ARG C 766 39.04 -29.75 -21.17
C ARG C 766 39.79 -28.63 -20.45
N VAL C 767 39.92 -27.48 -21.11
CA VAL C 767 40.51 -26.32 -20.45
C VAL C 767 39.60 -25.83 -19.34
N PHE C 768 38.30 -25.79 -19.62
CA PHE C 768 37.32 -25.35 -18.64
C PHE C 768 37.30 -26.26 -17.42
N CYS C 769 37.50 -27.56 -17.67
CA CYS C 769 37.56 -28.55 -16.58
C CYS C 769 38.84 -28.23 -15.81
N GLN C 770 39.92 -27.86 -16.52
CA GLN C 770 41.22 -27.54 -15.89
C GLN C 770 41.08 -26.23 -15.09
N ILE C 771 40.47 -25.19 -15.65
CA ILE C 771 40.32 -23.87 -14.98
C ILE C 771 39.52 -24.16 -13.71
N CYS C 772 38.56 -25.08 -13.81
CA CYS C 772 37.68 -25.46 -12.67
C CYS C 772 38.54 -26.16 -11.60
N GLN C 773 39.40 -27.10 -12.00
CA GLN C 773 40.28 -27.79 -11.03
C GLN C 773 41.06 -26.69 -10.29
N HIS C 774 41.48 -25.64 -11.00
CA HIS C 774 42.36 -24.58 -10.42
C HIS C 774 41.58 -23.66 -9.49
N TYR C 775 40.25 -23.78 -9.41
CA TYR C 775 39.39 -22.93 -8.54
C TYR C 775 38.82 -23.76 -7.40
N LEU C 776 39.04 -25.08 -7.41
CA LEU C 776 38.50 -26.00 -6.38
C LEU C 776 39.48 -26.05 -5.20
N THR C 777 40.57 -25.27 -5.23
CA THR C 777 41.67 -25.32 -4.22
C THR C 777 41.58 -24.20 -3.18
N ASN C 778 40.84 -23.12 -3.42
CA ASN C 778 40.80 -21.98 -2.51
C ASN C 778 40.23 -22.38 -1.15
N VAL C 779 40.45 -21.52 -0.15
CA VAL C 779 39.84 -21.73 1.17
C VAL C 779 38.44 -21.12 1.25
N ASN C 780 38.16 -20.09 0.44
CA ASN C 780 36.83 -19.51 0.34
C ASN C 780 35.85 -20.56 -0.14
N THR C 781 34.70 -20.66 0.54
CA THR C 781 33.78 -21.75 0.27
C THR C 781 32.94 -21.53 -0.99
N THR C 782 32.40 -20.32 -1.16
CA THR C 782 31.44 -20.10 -2.25
C THR C 782 32.05 -20.44 -3.60
N VAL C 783 33.32 -20.10 -3.82
CA VAL C 783 33.95 -20.39 -5.10
C VAL C 783 34.18 -21.89 -5.24
N LYS C 784 34.62 -22.55 -4.16
CA LYS C 784 34.76 -24.01 -4.19
C LYS C 784 33.43 -24.66 -4.59
N GLU C 785 32.36 -24.33 -3.87
CA GLU C 785 31.06 -24.95 -4.13
C GLU C 785 30.66 -24.77 -5.59
N GLN C 786 30.90 -23.57 -6.15
CA GLN C 786 30.50 -23.32 -7.52
C GLN C 786 31.29 -24.17 -8.50
N ALA C 787 32.61 -24.22 -8.34
CA ALA C 787 33.43 -25.04 -9.23
C ALA C 787 33.06 -26.51 -9.08
N PHE C 788 32.75 -26.95 -7.86
CA PHE C 788 32.44 -28.36 -7.62
C PHE C 788 31.15 -28.78 -8.30
N THR C 789 30.11 -27.94 -8.24
CA THR C 789 28.83 -28.31 -8.85
C THR C 789 28.93 -28.32 -10.37
N ILE C 790 29.62 -27.33 -10.95
CA ILE C 790 29.74 -27.22 -12.42
C ILE C 790 30.56 -28.41 -12.88
N LEU C 791 31.54 -28.83 -12.10
CA LEU C 791 32.45 -29.93 -12.54
C LEU C 791 31.62 -31.22 -12.53
N CYS C 792 30.93 -31.51 -11.43
CA CYS C 792 30.17 -32.79 -11.31
C CYS C 792 29.12 -32.85 -12.42
N ASP C 793 28.64 -31.71 -12.92
CA ASP C 793 27.71 -31.68 -14.05
C ASP C 793 28.42 -31.92 -15.37
N ILE C 794 29.51 -31.18 -15.62
CA ILE C 794 30.26 -31.28 -16.91
C ILE C 794 30.70 -32.73 -17.06
N LEU C 795 31.10 -33.39 -15.97
CA LEU C 795 31.66 -34.77 -16.05
C LEU C 795 30.55 -35.70 -16.53
N MET C 796 29.34 -35.56 -15.99
CA MET C 796 28.18 -36.43 -16.36
C MET C 796 27.77 -36.12 -17.80
N ILE C 797 27.57 -34.85 -18.17
CA ILE C 797 27.11 -34.53 -19.52
C ILE C 797 28.09 -35.08 -20.54
N PHE C 798 29.39 -34.96 -20.27
CA PHE C 798 30.45 -35.34 -21.19
C PHE C 798 31.06 -36.70 -20.85
N SER C 799 30.31 -37.55 -20.14
CA SER C 799 30.82 -38.84 -19.71
C SER C 799 30.73 -39.86 -20.83
N HIS C 800 31.17 -41.09 -20.53
CA HIS C 800 31.08 -42.19 -21.49
C HIS C 800 29.64 -42.39 -21.97
N GLN C 801 28.65 -42.05 -21.13
CA GLN C 801 27.26 -42.23 -21.48
C GLN C 801 26.80 -41.28 -22.58
N ILE C 802 27.60 -40.28 -22.93
CA ILE C 802 27.28 -39.38 -24.02
C ILE C 802 27.11 -40.12 -25.35
N MET C 803 27.55 -41.37 -25.42
CA MET C 803 27.48 -42.17 -26.63
C MET C 803 26.24 -43.06 -26.68
N SER C 804 25.68 -43.39 -25.51
CA SER C 804 24.84 -44.57 -25.40
C SER C 804 23.65 -44.57 -26.36
N GLY C 805 23.06 -43.41 -26.62
CA GLY C 805 21.83 -43.37 -27.39
C GLY C 805 22.04 -43.25 -28.89
N GLY C 806 22.76 -44.21 -29.47
CA GLY C 806 23.10 -44.13 -30.87
C GLY C 806 24.01 -42.98 -31.23
N ARG C 807 24.60 -42.31 -30.24
CA ARG C 807 25.46 -41.16 -30.48
C ARG C 807 26.93 -41.58 -30.54
N ASP C 808 27.20 -42.49 -31.48
CA ASP C 808 28.57 -42.99 -31.64
C ASP C 808 29.52 -41.90 -32.12
N MET C 809 28.98 -40.88 -32.78
CA MET C 809 29.77 -39.75 -33.24
C MET C 809 30.50 -39.05 -32.10
N LEU C 810 29.99 -39.16 -30.88
CA LEU C 810 30.53 -38.44 -29.72
C LEU C 810 31.59 -39.24 -28.99
N GLU C 811 32.12 -40.30 -29.60
CA GLU C 811 33.28 -41.00 -29.04
C GLU C 811 34.40 -40.04 -28.66
N PRO C 812 34.73 -39.02 -29.48
CA PRO C 812 35.79 -38.08 -29.07
C PRO C 812 35.46 -37.30 -27.80
N LEU C 813 34.27 -36.68 -27.76
CA LEU C 813 33.92 -35.76 -26.68
C LEU C 813 33.89 -36.43 -25.31
N VAL C 814 33.88 -37.76 -25.28
CA VAL C 814 33.89 -38.52 -23.99
C VAL C 814 35.06 -38.00 -23.16
N TYR C 815 34.84 -37.66 -21.89
CA TYR C 815 35.89 -37.16 -20.96
C TYR C 815 36.05 -38.18 -19.85
N THR C 816 37.27 -38.47 -19.40
CA THR C 816 37.57 -39.42 -18.30
C THR C 816 38.38 -38.65 -17.26
N PRO C 817 37.84 -38.35 -16.06
CA PRO C 817 38.63 -37.68 -15.03
C PRO C 817 40.03 -38.26 -14.79
N ASP C 818 41.04 -37.42 -14.51
CA ASP C 818 42.42 -37.88 -14.18
C ASP C 818 42.44 -38.23 -12.69
N SER C 819 43.34 -39.12 -12.25
CA SER C 819 43.45 -39.54 -10.83
C SER C 819 43.48 -38.28 -9.95
N SER C 820 44.15 -37.23 -10.41
CA SER C 820 44.25 -35.92 -9.67
C SER C 820 42.85 -35.41 -9.36
N LEU C 821 42.10 -35.02 -10.39
CA LEU C 821 40.73 -34.47 -10.22
C LEU C 821 39.98 -35.36 -9.23
N GLN C 822 39.85 -36.65 -9.54
CA GLN C 822 39.07 -37.58 -8.67
C GLN C 822 39.56 -37.42 -7.23
N SER C 823 40.86 -37.57 -6.97
CA SER C 823 41.42 -37.54 -5.59
C SER C 823 41.03 -36.23 -4.92
N GLU C 824 40.98 -35.14 -5.68
CA GLU C 824 40.67 -33.79 -5.12
C GLU C 824 39.21 -33.78 -4.62
N LEU C 825 38.26 -34.28 -5.42
CA LEU C 825 36.82 -34.20 -5.07
C LEU C 825 36.51 -35.12 -3.88
N LEU C 826 37.23 -36.22 -3.72
CA LEU C 826 36.87 -37.24 -2.68
C LEU C 826 36.82 -36.62 -1.29
N SER C 827 37.94 -36.12 -0.76
CA SER C 827 38.02 -35.67 0.67
C SER C 827 37.20 -34.40 0.92
N PHE C 828 36.91 -33.57 -0.08
CA PHE C 828 35.95 -32.47 0.01
C PHE C 828 34.69 -32.89 0.73
N ILE C 829 34.07 -33.94 0.22
CA ILE C 829 32.83 -34.45 0.83
C ILE C 829 33.13 -34.53 2.33
N LEU C 830 34.30 -35.03 2.72
CA LEU C 830 34.66 -35.20 4.15
C LEU C 830 34.79 -33.80 4.79
N ASP C 831 35.39 -32.84 4.09
CA ASP C 831 35.65 -31.48 4.62
C ASP C 831 34.36 -30.64 4.72
N HIS C 832 33.25 -31.06 4.10
CA HIS C 832 31.98 -30.27 4.07
C HIS C 832 30.72 -31.15 4.09
N VAL C 833 30.64 -32.23 4.89
CA VAL C 833 29.36 -33.02 5.00
C VAL C 833 29.21 -33.67 6.40
N PHE C 834 29.61 -34.94 6.61
CA PHE C 834 29.32 -35.72 7.86
C PHE C 834 30.28 -35.22 8.94
N ILE C 835 29.85 -34.31 9.80
CA ILE C 835 30.76 -33.67 10.79
C ILE C 835 30.18 -33.84 12.21
N GLU C 836 30.21 -32.81 13.06
CA GLU C 836 29.78 -32.93 14.48
C GLU C 836 28.34 -32.45 14.64
N GLN C 837 27.70 -32.81 15.75
CA GLN C 837 26.29 -32.39 16.06
C GLN C 837 26.17 -32.29 17.58
N ASP C 838 25.01 -31.82 18.09
CA ASP C 838 24.78 -31.63 19.54
C ASP C 838 23.71 -32.60 20.03
N ASP C 839 22.59 -32.77 19.29
CA ASP C 839 21.48 -33.57 19.76
C ASP C 839 21.37 -33.49 21.28
N GLU C 849 22.20 -18.16 11.96
CA GLU C 849 20.86 -17.68 12.26
C GLU C 849 20.03 -18.77 12.92
N ASP C 850 20.66 -19.56 13.79
CA ASP C 850 20.03 -20.71 14.44
C ASP C 850 19.47 -21.62 13.35
N GLU C 851 18.18 -21.95 13.35
CA GLU C 851 17.65 -22.91 12.39
C GLU C 851 17.59 -22.36 10.97
N ALA C 852 17.53 -21.03 10.81
CA ALA C 852 17.38 -20.46 9.48
C ALA C 852 18.56 -20.83 8.58
N SER C 853 19.78 -20.64 9.07
CA SER C 853 20.96 -20.99 8.29
C SER C 853 21.24 -22.48 8.33
N LYS C 854 20.94 -23.13 9.45
CA LYS C 854 21.26 -24.55 9.61
C LYS C 854 20.51 -25.40 8.59
N ILE C 855 19.20 -25.20 8.46
CA ILE C 855 18.41 -26.01 7.53
C ILE C 855 18.81 -25.70 6.09
N GLU C 856 19.02 -24.42 5.78
CA GLU C 856 19.48 -24.04 4.45
C GLU C 856 20.79 -24.74 4.11
N ALA C 857 21.77 -24.74 5.00
CA ALA C 857 23.11 -25.29 4.69
C ALA C 857 23.05 -26.81 4.48
N LEU C 858 22.25 -27.54 5.27
CA LEU C 858 22.10 -29.00 5.08
C LEU C 858 21.64 -29.23 3.65
N HIS C 859 20.55 -28.59 3.21
CA HIS C 859 19.99 -28.78 1.85
C HIS C 859 21.12 -28.59 0.84
N LYS C 860 21.97 -27.59 1.05
CA LYS C 860 23.09 -27.34 0.17
C LYS C 860 24.10 -28.47 0.20
N ARG C 861 24.51 -28.85 1.42
CA ARG C 861 25.53 -29.91 1.61
C ARG C 861 25.00 -31.18 0.96
N ARG C 862 23.68 -31.36 0.89
CA ARG C 862 23.06 -32.59 0.33
C ARG C 862 23.01 -32.48 -1.19
N ASN C 863 23.04 -31.29 -1.76
CA ASN C 863 23.09 -31.12 -3.24
C ASN C 863 24.53 -31.40 -3.68
N LEU C 864 25.52 -31.15 -2.82
CA LEU C 864 26.91 -31.42 -3.16
C LEU C 864 27.24 -32.90 -2.99
N LEU C 865 26.65 -33.53 -1.97
CA LEU C 865 26.85 -34.97 -1.79
C LEU C 865 26.20 -35.76 -2.93
N ALA C 866 24.98 -35.39 -3.30
CA ALA C 866 24.32 -36.06 -4.42
C ALA C 866 25.05 -35.83 -5.72
N ALA C 867 25.66 -34.65 -5.89
CA ALA C 867 26.42 -34.36 -7.10
C ALA C 867 27.55 -35.37 -7.28
N PHE C 868 28.27 -35.68 -6.21
CA PHE C 868 29.38 -36.63 -6.29
C PHE C 868 28.87 -38.05 -6.43
N CYS C 869 27.82 -38.42 -5.67
CA CYS C 869 27.28 -39.77 -5.76
C CYS C 869 26.75 -40.07 -7.16
N LYS C 870 26.25 -39.05 -7.88
CA LYS C 870 25.84 -39.26 -9.26
C LYS C 870 27.02 -39.70 -10.12
N LEU C 871 28.22 -39.20 -9.81
CA LEU C 871 29.41 -39.67 -10.51
C LEU C 871 29.81 -41.08 -10.07
N ILE C 872 29.40 -41.50 -8.88
CA ILE C 872 29.77 -42.81 -8.37
C ILE C 872 28.91 -43.89 -9.00
N VAL C 873 27.58 -43.75 -8.93
CA VAL C 873 26.71 -44.83 -9.39
C VAL C 873 26.82 -45.01 -10.91
N TYR C 874 27.14 -43.94 -11.64
CA TYR C 874 27.29 -44.01 -13.09
C TYR C 874 28.72 -44.29 -13.51
N THR C 875 29.60 -44.59 -12.56
CA THR C 875 30.98 -45.03 -12.83
C THR C 875 31.72 -44.05 -13.74
N VAL C 876 31.43 -42.76 -13.57
CA VAL C 876 32.25 -41.70 -14.14
C VAL C 876 33.36 -41.38 -13.12
N VAL C 877 33.42 -42.20 -12.07
CA VAL C 877 34.35 -42.04 -10.94
C VAL C 877 34.49 -43.40 -10.28
N GLU C 878 35.68 -43.70 -9.77
CA GLU C 878 35.91 -45.01 -9.18
C GLU C 878 35.04 -45.21 -7.93
N MET C 879 34.81 -46.48 -7.59
CA MET C 879 33.98 -46.84 -6.45
C MET C 879 34.77 -46.87 -5.14
N ASN C 880 36.10 -46.85 -5.20
CA ASN C 880 36.91 -46.71 -4.00
C ASN C 880 36.46 -45.51 -3.17
N THR C 881 35.88 -44.50 -3.83
CA THR C 881 35.39 -43.32 -3.12
C THR C 881 34.09 -43.62 -2.39
N ALA C 882 33.18 -44.37 -3.01
CA ALA C 882 31.85 -44.57 -2.44
C ALA C 882 31.91 -45.20 -1.06
N ALA C 883 33.02 -45.87 -0.74
CA ALA C 883 33.23 -46.39 0.60
C ALA C 883 33.01 -45.30 1.64
N ASP C 884 33.64 -44.14 1.44
CA ASP C 884 33.51 -43.02 2.37
C ASP C 884 32.06 -42.69 2.67
N ILE C 885 31.15 -42.99 1.76
CA ILE C 885 29.73 -42.73 1.99
C ILE C 885 29.01 -43.93 2.59
N PHE C 886 29.54 -45.14 2.39
CA PHE C 886 29.07 -46.31 3.13
C PHE C 886 29.88 -46.54 4.42
N LYS C 887 30.65 -45.56 4.86
CA LYS C 887 31.24 -45.57 6.20
C LYS C 887 30.56 -44.55 7.11
N GLN C 888 29.48 -43.89 6.63
CA GLN C 888 28.73 -42.94 7.44
C GLN C 888 27.22 -43.22 7.51
N TYR C 889 26.74 -44.33 6.95
CA TYR C 889 25.29 -44.55 6.89
C TYR C 889 24.67 -44.53 8.29
N MET C 890 25.27 -45.23 9.25
CA MET C 890 24.78 -45.17 10.65
C MET C 890 25.07 -43.76 11.21
N LYS C 891 26.25 -43.21 10.93
CA LYS C 891 26.67 -41.91 11.52
C LYS C 891 25.53 -40.89 11.46
N TYR C 892 25.04 -40.58 10.26
CA TYR C 892 24.01 -39.54 10.06
C TYR C 892 22.76 -40.18 9.47
N TYR C 893 22.27 -41.27 10.07
CA TYR C 893 20.99 -41.88 9.61
C TYR C 893 19.92 -40.80 9.76
N ASN C 894 19.98 -40.02 10.84
CA ASN C 894 19.03 -38.90 11.09
C ASN C 894 19.11 -37.91 9.91
N ASP C 895 20.30 -37.70 9.33
CA ASP C 895 20.50 -36.71 8.24
C ASP C 895 20.66 -37.39 6.88
N TYR C 896 21.88 -37.63 6.38
CA TYR C 896 22.12 -38.09 4.98
C TYR C 896 21.76 -39.57 4.77
N GLY C 897 21.28 -40.27 5.80
CA GLY C 897 20.90 -41.69 5.66
C GLY C 897 20.08 -41.93 4.41
N ASP C 898 19.22 -40.98 4.02
CA ASP C 898 18.28 -41.17 2.88
C ASP C 898 19.03 -41.42 1.57
N ILE C 899 20.08 -40.66 1.28
CA ILE C 899 20.79 -40.75 -0.04
C ILE C 899 21.51 -42.09 -0.13
N ILE C 900 21.83 -42.76 0.98
CA ILE C 900 22.81 -43.83 1.04
C ILE C 900 22.17 -45.17 0.69
N LYS C 901 20.90 -45.37 1.07
CA LYS C 901 20.22 -46.61 0.69
C LYS C 901 20.02 -46.69 -0.82
N GLU C 902 19.79 -45.56 -1.48
CA GLU C 902 19.71 -45.60 -2.93
C GLU C 902 21.07 -45.94 -3.53
N THR C 903 22.14 -45.39 -2.96
CA THR C 903 23.48 -45.73 -3.43
C THR C 903 23.79 -47.20 -3.20
N MET C 904 23.37 -47.75 -2.05
CA MET C 904 23.60 -49.16 -1.78
C MET C 904 22.85 -50.03 -2.76
N SER C 905 21.62 -49.65 -3.10
CA SER C 905 20.80 -50.45 -4.01
C SER C 905 21.37 -50.41 -5.44
N LYS C 906 21.66 -49.21 -5.93
CA LYS C 906 22.19 -49.09 -7.30
C LYS C 906 23.53 -49.80 -7.44
N THR C 907 24.38 -49.70 -6.42
CA THR C 907 25.69 -50.35 -6.50
C THR C 907 25.57 -51.86 -6.42
N ARG C 908 24.63 -52.37 -5.61
CA ARG C 908 24.42 -53.82 -5.55
C ARG C 908 24.01 -54.38 -6.90
N GLN C 909 23.25 -53.61 -7.68
CA GLN C 909 22.79 -54.07 -8.98
C GLN C 909 23.90 -54.06 -10.02
N ILE C 910 24.81 -53.08 -9.92
CA ILE C 910 25.88 -52.95 -10.90
C ILE C 910 26.92 -54.05 -10.70
N ASP C 911 27.27 -54.33 -9.45
CA ASP C 911 28.35 -55.25 -9.13
C ASP C 911 28.29 -55.59 -7.64
N LYS C 912 27.58 -56.66 -7.29
CA LYS C 912 27.30 -56.91 -5.88
C LYS C 912 28.56 -57.30 -5.11
N ILE C 913 29.46 -58.08 -5.72
CA ILE C 913 30.67 -58.47 -5.01
C ILE C 913 31.59 -57.26 -4.83
N GLN C 914 31.65 -56.39 -5.85
CA GLN C 914 32.42 -55.16 -5.69
C GLN C 914 31.70 -54.17 -4.79
N CYS C 915 30.36 -54.15 -4.83
CA CYS C 915 29.60 -53.35 -3.88
C CYS C 915 29.90 -53.78 -2.46
N ALA C 916 29.92 -55.09 -2.21
CA ALA C 916 30.32 -55.60 -0.90
C ALA C 916 31.77 -55.23 -0.59
N LYS C 917 32.68 -55.49 -1.53
CA LYS C 917 34.10 -55.24 -1.31
C LYS C 917 34.35 -53.80 -0.87
N THR C 918 33.69 -52.83 -1.52
CA THR C 918 33.90 -51.44 -1.16
C THR C 918 33.52 -51.17 0.28
N LEU C 919 32.61 -51.97 0.84
CA LEU C 919 32.26 -51.84 2.25
C LEU C 919 33.47 -52.10 3.14
N ILE C 920 34.21 -53.17 2.86
CA ILE C 920 35.39 -53.50 3.66
C ILE C 920 36.38 -52.34 3.65
N LEU C 921 36.66 -51.80 2.47
CA LEU C 921 37.56 -50.66 2.36
C LEU C 921 37.06 -49.49 3.20
N SER C 922 35.74 -49.34 3.31
CA SER C 922 35.15 -48.31 4.15
C SER C 922 35.56 -48.52 5.60
N LEU C 923 35.25 -49.70 6.14
CA LEU C 923 35.59 -50.03 7.51
C LEU C 923 37.10 -49.96 7.72
N GLN C 924 37.88 -50.47 6.77
CA GLN C 924 39.33 -50.37 6.84
C GLN C 924 39.77 -48.94 7.09
N GLN C 925 39.19 -47.98 6.36
CA GLN C 925 39.66 -46.60 6.43
C GLN C 925 39.26 -45.95 7.74
N LEU C 926 38.01 -46.13 8.17
CA LEU C 926 37.60 -45.65 9.49
C LEU C 926 38.53 -46.18 10.56
N PHE C 927 38.78 -47.49 10.55
CA PHE C 927 39.70 -48.11 11.49
C PHE C 927 41.07 -47.47 11.42
N ASN C 928 41.61 -47.31 10.20
CA ASN C 928 42.94 -46.73 10.06
C ASN C 928 43.00 -45.34 10.66
N GLU C 929 41.98 -44.51 10.39
CA GLU C 929 41.98 -43.14 10.91
C GLU C 929 41.98 -43.13 12.43
N MET C 930 41.26 -44.09 13.04
CA MET C 930 41.13 -44.11 14.48
C MET C 930 42.45 -44.48 15.16
N ILE C 931 43.24 -45.37 14.56
CA ILE C 931 44.51 -45.73 15.20
C ILE C 931 45.49 -44.56 15.14
N GLN C 932 45.44 -43.76 14.07
CA GLN C 932 46.30 -42.58 14.00
C GLN C 932 45.86 -41.52 15.00
N GLU C 933 44.56 -41.43 15.28
CA GLU C 933 44.05 -40.42 16.19
C GLU C 933 44.09 -40.85 17.64
N ASN C 934 44.09 -42.17 17.91
CA ASN C 934 44.24 -42.68 19.27
C ASN C 934 45.51 -43.47 19.43
N GLY C 935 45.61 -44.67 18.86
CA GLY C 935 46.79 -45.50 19.00
C GLY C 935 46.46 -46.95 18.81
N TYR C 936 47.52 -47.75 18.68
CA TYR C 936 47.34 -49.17 18.36
C TYR C 936 46.71 -49.92 19.53
N ASN C 937 47.11 -49.60 20.75
CA ASN C 937 46.44 -50.11 21.95
C ASN C 937 45.32 -49.14 22.34
N PHE C 938 44.32 -49.07 21.46
CA PHE C 938 43.17 -48.21 21.68
C PHE C 938 42.28 -48.76 22.80
N ASP C 939 41.39 -47.91 23.29
CA ASP C 939 40.40 -48.35 24.27
C ASP C 939 39.60 -49.50 23.68
N ARG C 940 39.81 -50.71 24.20
CA ARG C 940 39.28 -51.90 23.55
C ARG C 940 37.76 -51.89 23.52
N SER C 941 37.11 -51.41 24.58
CA SER C 941 35.68 -51.18 24.61
C SER C 941 35.46 -49.68 24.79
N SER C 942 34.91 -49.03 23.76
CA SER C 942 34.73 -47.60 23.78
C SER C 942 33.61 -47.22 22.81
N SER C 943 33.34 -45.92 22.72
CA SER C 943 32.33 -45.44 21.79
C SER C 943 32.75 -45.65 20.34
N THR C 944 34.05 -45.50 20.05
CA THR C 944 34.52 -45.67 18.69
C THR C 944 34.29 -47.09 18.20
N PHE C 945 34.57 -48.09 19.03
CA PHE C 945 34.44 -49.46 18.57
C PHE C 945 33.05 -50.03 18.73
N SER C 946 32.23 -49.44 19.60
CA SER C 946 30.80 -49.65 19.53
C SER C 946 30.28 -49.26 18.15
N GLY C 947 30.73 -48.13 17.63
CA GLY C 947 30.24 -47.64 16.36
C GLY C 947 30.79 -48.39 15.16
N ILE C 948 32.09 -48.68 15.17
CA ILE C 948 32.67 -49.39 14.04
C ILE C 948 32.07 -50.78 13.91
N LYS C 949 31.83 -51.45 15.04
CA LYS C 949 31.29 -52.80 15.01
C LYS C 949 29.90 -52.82 14.38
N GLU C 950 28.98 -52.03 14.93
CA GLU C 950 27.59 -52.06 14.49
C GLU C 950 27.42 -51.52 13.08
N LEU C 951 28.33 -50.64 12.63
CA LEU C 951 28.34 -50.20 11.24
C LEU C 951 28.54 -51.39 10.30
N ALA C 952 29.53 -52.23 10.62
CA ALA C 952 29.85 -53.38 9.78
C ALA C 952 28.77 -54.46 9.83
N ARG C 953 27.91 -54.44 10.86
CA ARG C 953 26.86 -55.42 11.03
C ARG C 953 25.70 -55.19 10.08
N ARG C 954 25.32 -53.93 9.89
CA ARG C 954 24.10 -53.60 9.13
C ARG C 954 24.21 -54.06 7.68
N PHE C 955 25.42 -54.00 7.11
CA PHE C 955 25.62 -54.42 5.74
C PHE C 955 25.11 -55.84 5.50
N ALA C 956 25.22 -56.69 6.53
CA ALA C 956 24.84 -58.09 6.38
C ALA C 956 23.35 -58.25 6.06
N LEU C 957 22.51 -57.34 6.58
CA LEU C 957 21.07 -57.45 6.39
C LEU C 957 20.64 -57.04 4.98
N THR C 958 21.51 -56.38 4.23
CA THR C 958 21.15 -55.88 2.91
C THR C 958 21.27 -56.94 1.83
N PHE C 959 22.35 -57.74 1.88
CA PHE C 959 22.84 -58.48 0.72
C PHE C 959 21.74 -59.11 -0.12
N LEU C 964 23.21 -68.05 -5.80
CA LEU C 964 22.48 -66.80 -6.00
C LEU C 964 23.46 -65.62 -5.99
N LYS C 965 23.07 -64.51 -6.63
CA LYS C 965 23.93 -63.34 -6.70
C LYS C 965 24.39 -62.94 -5.30
N THR C 966 23.45 -62.89 -4.36
CA THR C 966 23.77 -62.56 -2.98
C THR C 966 24.81 -63.50 -2.41
N ARG C 967 24.74 -64.78 -2.80
CA ARG C 967 25.60 -65.80 -2.21
C ARG C 967 27.07 -65.53 -2.51
N GLU C 968 27.39 -65.26 -3.78
CA GLU C 968 28.78 -65.12 -4.18
C GLU C 968 29.45 -63.90 -3.56
N ALA C 969 28.67 -62.87 -3.21
CA ALA C 969 29.24 -61.65 -2.65
C ALA C 969 30.20 -61.95 -1.50
N ILE C 970 29.96 -63.05 -0.79
CA ILE C 970 30.67 -63.32 0.47
C ILE C 970 32.17 -63.34 0.23
N ALA C 971 32.61 -64.20 -0.69
CA ALA C 971 34.02 -64.61 -0.74
C ALA C 971 34.97 -63.42 -0.82
N MET C 972 34.84 -62.60 -1.86
CA MET C 972 35.80 -61.53 -2.10
C MET C 972 35.91 -60.62 -0.88
N LEU C 973 34.78 -60.36 -0.22
CA LEU C 973 34.76 -59.54 0.98
C LEU C 973 35.75 -60.04 2.02
N HIS C 974 35.71 -61.34 2.31
CA HIS C 974 36.63 -61.93 3.29
C HIS C 974 38.06 -61.89 2.80
N LYS C 975 38.28 -62.19 1.51
CA LYS C 975 39.64 -62.23 0.98
C LYS C 975 40.35 -60.90 1.16
N ASP C 976 39.63 -59.80 0.94
CA ASP C 976 40.22 -58.47 1.15
C ASP C 976 40.41 -58.19 2.64
N GLY C 977 39.35 -58.37 3.43
CA GLY C 977 39.45 -58.10 4.86
C GLY C 977 40.55 -58.90 5.53
N ILE C 978 40.85 -60.09 5.01
CA ILE C 978 41.89 -60.92 5.60
C ILE C 978 43.27 -60.39 5.27
N GLU C 979 43.52 -60.08 4.00
CA GLU C 979 44.80 -59.48 3.63
C GLU C 979 45.11 -58.28 4.51
N PHE C 980 44.12 -57.41 4.68
CA PHE C 980 44.31 -56.17 5.43
C PHE C 980 44.37 -56.43 6.93
N ALA C 981 43.74 -57.50 7.40
CA ALA C 981 43.75 -57.84 8.82
C ALA C 981 45.15 -58.22 9.29
N PHE C 982 45.64 -59.38 8.85
CA PHE C 982 46.89 -59.90 9.36
C PHE C 982 48.09 -59.09 8.87
N LYS C 983 48.08 -58.67 7.61
CA LYS C 983 49.12 -57.76 7.13
C LYS C 983 48.92 -56.38 7.78
N ALA C 998 35.31 -57.40 15.45
CA ALA C 998 34.07 -57.11 14.75
C ALA C 998 33.91 -58.04 13.54
N PHE C 999 35.03 -58.42 12.95
CA PHE C 999 35.00 -59.19 11.71
C PHE C 999 34.40 -60.57 11.93
N LEU C 1000 34.60 -61.17 13.09
CA LEU C 1000 33.97 -62.46 13.37
C LEU C 1000 32.46 -62.34 13.40
N ASP C 1001 31.94 -61.23 13.94
CA ASP C 1001 30.49 -61.04 14.01
C ASP C 1001 29.90 -60.85 12.62
N ILE C 1002 30.68 -60.34 11.67
CA ILE C 1002 30.22 -60.32 10.28
C ILE C 1002 30.12 -61.74 9.74
N LEU C 1003 31.17 -62.53 9.98
CA LEU C 1003 31.21 -63.91 9.50
C LEU C 1003 30.07 -64.73 10.09
N SER C 1004 29.68 -64.44 11.33
CA SER C 1004 28.59 -65.19 11.96
C SER C 1004 27.26 -64.88 11.30
N GLU C 1005 27.00 -63.60 11.00
CA GLU C 1005 25.77 -63.24 10.29
C GLU C 1005 25.77 -63.82 8.89
N PHE C 1006 26.94 -63.96 8.27
CA PHE C 1006 27.03 -64.57 6.95
C PHE C 1006 26.64 -66.05 7.02
N SER C 1007 27.18 -66.77 8.00
CA SER C 1007 26.88 -68.19 8.15
C SER C 1007 25.39 -68.40 8.42
N SER C 1008 24.72 -67.43 9.05
CA SER C 1008 23.28 -67.52 9.24
C SER C 1008 22.55 -67.46 7.91
N LYS C 1009 22.97 -66.55 7.03
CA LYS C 1009 22.44 -66.49 5.66
C LYS C 1009 23.07 -67.54 4.76
N LEU C 1010 24.30 -67.96 5.07
CA LEU C 1010 25.04 -68.87 4.21
C LEU C 1010 24.43 -70.26 4.29
N LEU C 1011 24.59 -71.03 3.22
CA LEU C 1011 23.87 -72.30 3.08
C LEU C 1011 24.59 -73.41 3.86
N ARG C 1012 23.85 -74.49 4.13
CA ARG C 1012 24.43 -75.63 4.82
C ARG C 1012 25.64 -76.18 4.06
N GLN C 1013 25.59 -76.13 2.73
CA GLN C 1013 26.67 -76.68 1.92
C GLN C 1013 27.95 -75.87 2.04
N ASP C 1014 27.83 -74.54 2.06
CA ASP C 1014 28.98 -73.65 1.98
C ASP C 1014 29.41 -73.08 3.33
N LYS C 1015 28.69 -73.43 4.41
CA LYS C 1015 29.25 -73.22 5.74
C LYS C 1015 30.59 -73.92 5.86
N ARG C 1016 30.63 -75.19 5.44
CA ARG C 1016 31.82 -76.02 5.58
C ARG C 1016 32.90 -75.63 4.58
N THR C 1017 32.50 -75.22 3.36
CA THR C 1017 33.49 -74.76 2.40
C THR C 1017 34.23 -73.54 2.93
N VAL C 1018 33.52 -72.63 3.58
CA VAL C 1018 34.17 -71.45 4.17
C VAL C 1018 35.18 -71.88 5.22
N TYR C 1019 34.91 -72.98 5.93
CA TYR C 1019 35.80 -73.37 7.01
C TYR C 1019 37.12 -73.91 6.49
N VAL C 1020 37.09 -74.71 5.41
CA VAL C 1020 38.35 -75.16 4.82
C VAL C 1020 39.18 -73.96 4.39
N TYR C 1021 38.52 -72.90 3.90
CA TYR C 1021 39.22 -71.66 3.60
C TYR C 1021 39.83 -71.07 4.87
N LEU C 1022 39.04 -71.02 5.95
CA LEU C 1022 39.51 -70.45 7.21
C LEU C 1022 40.66 -71.26 7.79
N GLU C 1023 40.67 -72.57 7.56
CA GLU C 1023 41.71 -73.42 8.16
C GLU C 1023 43.08 -73.16 7.57
N LYS C 1024 43.16 -72.66 6.33
CA LYS C 1024 44.46 -72.27 5.78
C LYS C 1024 45.11 -71.19 6.62
N PHE C 1025 44.31 -70.33 7.24
CA PHE C 1025 44.83 -69.21 8.02
C PHE C 1025 44.78 -69.51 9.51
N LYS D 321 -4.80 -74.83 21.65
CA LYS D 321 -6.09 -74.53 22.25
C LYS D 321 -7.06 -73.91 21.22
N ARG D 322 -8.30 -73.69 21.64
CA ARG D 322 -9.26 -73.00 20.79
C ARG D 322 -8.69 -71.69 20.27
N LYS D 323 -9.01 -71.37 19.02
CA LYS D 323 -8.71 -70.06 18.45
C LYS D 323 -9.80 -69.03 18.76
N LEU D 324 -10.88 -69.42 19.43
CA LEU D 324 -12.00 -68.49 19.74
C LEU D 324 -11.43 -67.33 20.54
N ILE D 325 -11.70 -66.09 20.15
CA ILE D 325 -11.20 -64.87 20.85
C ILE D 325 -12.10 -64.66 22.06
N VAL D 326 -11.69 -65.09 23.26
CA VAL D 326 -12.44 -64.87 24.53
C VAL D 326 -11.69 -63.80 25.34
N ASP D 327 -12.29 -62.63 25.56
CA ASP D 327 -11.65 -61.48 26.24
C ASP D 327 -11.92 -61.60 27.74
N SER D 328 -10.89 -61.56 28.59
CA SER D 328 -11.02 -61.70 30.06
C SER D 328 -11.59 -60.41 30.63
N VAL D 329 -11.21 -59.27 30.08
CA VAL D 329 -11.67 -57.95 30.54
C VAL D 329 -12.61 -57.39 29.49
N LYS D 330 -13.87 -57.19 29.88
CA LYS D 330 -14.91 -56.75 28.95
C LYS D 330 -15.06 -55.24 28.92
N GLU D 331 -14.70 -54.56 30.01
CA GLU D 331 -15.03 -53.15 30.21
C GLU D 331 -13.79 -52.37 30.59
N LEU D 332 -13.87 -51.06 30.39
CA LEU D 332 -12.94 -50.12 30.99
C LEU D 332 -13.48 -49.73 32.37
N ASP D 333 -12.61 -49.78 33.37
CA ASP D 333 -13.01 -49.45 34.73
C ASP D 333 -13.17 -47.95 34.92
N SER D 334 -14.14 -47.58 35.76
CA SER D 334 -14.53 -46.18 35.94
C SER D 334 -13.34 -45.27 36.22
N LYS D 335 -12.32 -45.76 36.93
CA LYS D 335 -11.21 -44.91 37.29
C LYS D 335 -10.38 -44.51 36.08
N THR D 336 -10.31 -45.35 35.06
CA THR D 336 -9.54 -44.99 33.88
C THR D 336 -10.30 -44.07 32.95
N ILE D 337 -11.63 -44.19 32.88
CA ILE D 337 -12.41 -43.15 32.22
C ILE D 337 -12.09 -41.80 32.86
N ARG D 338 -12.16 -41.74 34.19
CA ARG D 338 -11.85 -40.50 34.90
C ARG D 338 -10.42 -40.05 34.63
N ALA D 339 -9.49 -41.00 34.47
CA ALA D 339 -8.13 -40.64 34.09
C ALA D 339 -8.08 -40.11 32.67
N GLN D 340 -8.79 -40.76 31.74
CA GLN D 340 -8.86 -40.27 30.37
C GLN D 340 -9.37 -38.83 30.32
N LEU D 341 -10.36 -38.51 31.17
CA LEU D 341 -10.94 -37.18 31.18
C LEU D 341 -9.94 -36.13 31.62
N SER D 342 -9.02 -36.49 32.51
CA SER D 342 -8.15 -35.52 33.15
C SER D 342 -6.81 -35.36 32.46
N ASP D 343 -6.47 -36.23 31.51
CA ASP D 343 -5.14 -36.16 30.87
C ASP D 343 -5.27 -36.70 29.45
N TYR D 344 -5.39 -35.78 28.48
CA TYR D 344 -5.42 -36.14 27.07
C TYR D 344 -4.18 -35.63 26.34
N SER D 345 -3.10 -35.38 27.08
CA SER D 345 -1.84 -34.95 26.46
C SER D 345 -1.33 -35.96 25.45
N ASP D 346 -1.62 -37.25 25.65
CA ASP D 346 -1.06 -38.28 24.79
C ASP D 346 -1.83 -38.44 23.48
N ILE D 347 -2.93 -37.71 23.29
CA ILE D 347 -3.75 -37.81 22.10
C ILE D 347 -3.86 -36.46 21.39
N VAL D 348 -2.98 -35.52 21.73
CA VAL D 348 -2.83 -34.25 21.02
C VAL D 348 -1.37 -34.13 20.62
N THR D 349 -1.10 -33.30 19.61
CA THR D 349 0.25 -33.10 19.12
C THR D 349 0.42 -31.65 18.68
N THR D 350 1.59 -31.35 18.11
CA THR D 350 1.90 -30.01 17.64
C THR D 350 1.53 -29.85 16.17
N LEU D 351 1.39 -28.59 15.75
CA LEU D 351 1.18 -28.28 14.35
C LEU D 351 2.39 -28.72 13.53
N ASP D 352 2.16 -29.62 12.57
CA ASP D 352 3.18 -29.95 11.58
C ASP D 352 3.04 -28.94 10.45
N LEU D 353 3.88 -27.91 10.45
CA LEU D 353 3.78 -26.85 9.47
C LEU D 353 4.17 -27.33 8.08
N ALA D 354 3.55 -26.71 7.08
CA ALA D 354 3.99 -26.84 5.71
C ALA D 354 5.22 -25.97 5.50
N PRO D 355 5.92 -26.14 4.38
CA PRO D 355 7.10 -25.29 4.12
C PRO D 355 6.77 -23.82 4.28
N PRO D 356 7.41 -23.15 5.26
CA PRO D 356 7.06 -21.73 5.51
C PRO D 356 7.78 -20.73 4.63
N THR D 357 8.80 -21.13 3.88
CA THR D 357 9.54 -20.21 3.02
C THR D 357 9.52 -20.71 1.59
N LYS D 358 9.58 -19.77 0.64
CA LYS D 358 9.57 -20.16 -0.77
C LYS D 358 10.75 -21.04 -1.12
N LYS D 359 11.88 -20.86 -0.44
CA LYS D 359 13.04 -21.71 -0.68
C LYS D 359 12.83 -23.10 -0.10
N LEU D 360 12.19 -23.18 1.07
CA LEU D 360 11.87 -24.47 1.65
C LEU D 360 10.83 -25.22 0.81
N MET D 361 9.89 -24.50 0.21
CA MET D 361 8.95 -25.15 -0.70
C MET D 361 9.68 -25.66 -1.94
N MET D 362 10.67 -24.90 -2.41
CA MET D 362 11.41 -25.32 -3.60
C MET D 362 12.27 -26.55 -3.32
N TRP D 363 12.89 -26.60 -2.15
CA TRP D 363 13.74 -27.75 -1.82
C TRP D 363 12.94 -29.03 -1.63
N LYS D 364 11.66 -28.91 -1.23
CA LYS D 364 10.84 -30.09 -1.04
C LYS D 364 10.51 -30.76 -2.37
N GLU D 365 10.20 -29.95 -3.40
CA GLU D 365 9.89 -30.54 -4.70
C GLU D 365 11.15 -31.07 -5.38
N THR D 366 12.25 -30.31 -5.33
CA THR D 366 13.51 -30.76 -5.90
C THR D 366 14.31 -31.64 -4.94
N GLY D 367 13.88 -31.77 -3.69
CA GLY D 367 14.54 -32.62 -2.74
C GLY D 367 14.19 -34.09 -2.96
N GLY D 368 14.62 -34.90 -1.99
CA GLY D 368 14.40 -36.34 -2.08
C GLY D 368 15.37 -36.99 -3.04
N VAL D 369 15.72 -38.26 -2.78
CA VAL D 369 16.78 -38.91 -3.54
C VAL D 369 16.44 -38.95 -5.02
N GLU D 370 15.17 -39.27 -5.34
CA GLU D 370 14.80 -39.46 -6.74
C GLU D 370 15.09 -38.22 -7.56
N LYS D 371 14.64 -37.05 -7.09
CA LYS D 371 14.88 -35.82 -7.81
C LYS D 371 16.35 -35.42 -7.75
N LEU D 372 17.03 -35.74 -6.65
CA LEU D 372 18.42 -35.35 -6.50
C LEU D 372 19.33 -36.09 -7.46
N PHE D 373 19.04 -37.37 -7.70
CA PHE D 373 19.87 -38.21 -8.56
C PHE D 373 19.49 -38.12 -10.02
N SER D 374 18.45 -37.37 -10.36
CA SER D 374 18.01 -37.24 -11.76
C SER D 374 18.05 -35.80 -12.25
N LEU D 375 18.59 -34.88 -11.46
CA LEU D 375 18.67 -33.47 -11.85
C LEU D 375 20.08 -32.96 -11.59
N PRO D 376 20.56 -32.01 -12.39
CA PRO D 376 21.93 -31.51 -12.21
C PRO D 376 22.09 -30.73 -10.92
N ALA D 377 23.35 -30.57 -10.50
CA ALA D 377 23.65 -29.76 -9.34
C ALA D 377 23.52 -28.27 -9.65
N GLN D 378 23.86 -27.86 -10.87
CA GLN D 378 23.68 -26.49 -11.31
C GLN D 378 22.41 -26.43 -12.15
N PRO D 379 21.33 -25.79 -11.69
CA PRO D 379 20.07 -25.84 -12.43
C PRO D 379 20.21 -25.36 -13.86
N LEU D 380 19.60 -26.11 -14.78
CA LEU D 380 19.50 -25.74 -16.19
C LEU D 380 18.05 -25.40 -16.49
N TRP D 381 17.80 -24.15 -16.87
CA TRP D 381 16.44 -23.65 -17.00
C TRP D 381 15.79 -23.98 -18.34
N ASN D 382 16.58 -24.31 -19.35
CA ASN D 382 16.03 -24.72 -20.65
C ASN D 382 16.21 -26.23 -20.80
N ASN D 383 15.10 -26.93 -21.03
CA ASN D 383 15.17 -28.38 -21.17
C ASN D 383 16.05 -28.80 -22.35
N ARG D 384 16.27 -27.90 -23.32
CA ARG D 384 17.22 -28.21 -24.39
C ARG D 384 18.60 -28.52 -23.83
N LEU D 385 18.94 -27.93 -22.68
CA LEU D 385 20.19 -28.22 -22.00
C LEU D 385 20.04 -29.35 -20.98
N LEU D 386 18.94 -29.36 -20.23
CA LEU D 386 18.72 -30.39 -19.22
C LEU D 386 18.79 -31.79 -19.82
N LYS D 387 18.38 -31.94 -21.07
CA LYS D 387 18.45 -33.25 -21.72
C LYS D 387 19.90 -33.66 -21.97
N LEU D 388 20.81 -32.70 -22.12
CA LEU D 388 22.22 -33.03 -22.24
C LEU D 388 22.74 -33.77 -21.01
N PHE D 389 22.09 -33.59 -19.87
CA PHE D 389 22.45 -34.23 -18.61
C PHE D 389 21.68 -35.52 -18.39
N THR D 390 20.35 -35.46 -18.52
CA THR D 390 19.53 -36.66 -18.36
C THR D 390 19.82 -37.71 -19.42
N ARG D 391 20.39 -37.31 -20.57
CA ARG D 391 20.82 -38.27 -21.57
C ARG D 391 21.69 -39.36 -20.96
N CYS D 392 22.55 -38.96 -20.03
CA CYS D 392 23.61 -39.82 -19.51
C CYS D 392 23.18 -40.63 -18.31
N LEU D 393 21.88 -40.81 -18.11
CA LEU D 393 21.35 -41.63 -17.03
C LEU D 393 20.90 -42.98 -17.58
N THR D 394 20.52 -43.86 -16.66
CA THR D 394 20.15 -45.25 -16.99
C THR D 394 19.26 -45.32 -18.23
N SER E 1 22.23 31.00 -38.56
CA SER E 1 23.51 30.84 -37.88
C SER E 1 23.32 30.51 -36.41
N ASN E 2 23.46 29.23 -36.06
CA ASN E 2 23.49 28.81 -34.67
C ASN E 2 24.89 28.88 -34.07
N ASP E 3 25.90 29.24 -34.87
CA ASP E 3 27.19 29.65 -34.34
C ASP E 3 27.17 31.10 -33.87
N ALA E 4 26.16 31.87 -34.28
CA ALA E 4 26.03 33.26 -33.84
C ALA E 4 25.77 33.35 -32.35
N TYR E 5 24.87 32.50 -31.83
CA TYR E 5 24.45 32.56 -30.44
C TYR E 5 25.45 31.95 -29.47
N ASN E 6 26.43 31.18 -29.97
CA ASN E 6 27.40 30.51 -29.11
C ASN E 6 28.25 31.57 -28.42
N PHE E 7 27.95 31.86 -27.15
CA PHE E 7 28.69 32.88 -26.43
C PHE E 7 30.12 32.45 -26.08
N ASN E 8 30.48 31.20 -26.40
CA ASN E 8 31.88 30.78 -26.26
C ASN E 8 32.77 31.52 -27.25
N LEU E 9 32.21 31.98 -28.37
CA LEU E 9 32.89 32.84 -29.32
C LEU E 9 32.66 34.33 -29.00
N GLU E 10 32.03 34.62 -27.86
CA GLU E 10 31.69 36.00 -27.48
C GLU E 10 30.82 36.64 -28.54
N GLU E 11 30.71 37.97 -28.51
CA GLU E 11 29.80 38.67 -29.41
C GLU E 11 30.34 38.66 -30.84
N SER F 1 -22.96 -30.07 43.08
CA SER F 1 -23.08 -29.62 41.67
C SER F 1 -24.18 -30.40 40.96
N ASN F 2 -25.02 -29.76 40.15
CA ASN F 2 -26.16 -30.39 39.42
C ASN F 2 -25.67 -30.90 38.05
N ASP F 3 -24.41 -30.62 37.67
CA ASP F 3 -23.87 -30.97 36.32
C ASP F 3 -24.00 -32.50 36.11
N ALA F 4 -24.71 -32.97 35.07
CA ALA F 4 -24.84 -34.41 34.73
C ALA F 4 -23.51 -34.88 34.15
N TYR F 5 -22.68 -33.97 33.59
CA TYR F 5 -21.37 -34.29 32.96
C TYR F 5 -20.33 -34.62 34.05
N ASN F 6 -20.65 -34.45 35.34
CA ASN F 6 -19.75 -34.91 36.44
C ASN F 6 -19.72 -36.44 36.35
N PHE F 7 -18.63 -37.03 35.83
CA PHE F 7 -18.51 -38.51 35.71
C PHE F 7 -18.62 -39.11 37.11
N ASN F 8 -18.06 -38.43 38.13
CA ASN F 8 -18.05 -38.94 39.53
C ASN F 8 -19.50 -39.08 40.02
N LEU F 9 -20.36 -38.09 39.77
CA LEU F 9 -21.81 -38.16 40.15
C LEU F 9 -22.32 -39.51 39.60
N GLU F 10 -23.01 -40.32 40.41
CA GLU F 10 -23.44 -41.70 39.99
C GLU F 10 -24.21 -41.60 38.66
N GLU F 11 -23.69 -42.18 37.55
CA GLU F 11 -24.34 -42.10 36.19
C GLU F 11 -25.40 -43.22 36.11
#